data_6AM8
#
_entry.id   6AM8
#
_cell.length_a   82.233
_cell.length_b   106.036
_cell.length_c   158.709
_cell.angle_alpha   90.00
_cell.angle_beta   90.00
_cell.angle_gamma   90.00
#
_symmetry.space_group_name_H-M   'P 21 21 21'
#
loop_
_entity.id
_entity.type
_entity.pdbx_description
1 polymer 'Tryptophan synthase beta chain 1'
2 polymer 'Tryptophan synthase beta chain 1'
3 non-polymer TRYPTOPHAN
4 non-polymer 'SODIUM ION'
5 non-polymer [3-HYDROXY-2-METHYL-5-PHOSPHONOOXYMETHYL-PYRIDIN-4-YLMETHYL]-L-TRYPTOPHANE
6 water water
#
loop_
_entity_poly.entity_id
_entity_poly.type
_entity_poly.pdbx_seq_one_letter_code
_entity_poly.pdbx_strand_id
1 'polypeptide(L)'
;MWFGEFGGQYVPETLVGPLKELEKAYKRFKDDEEFNRQLNYYLKTWAGRPTPLYYAKRLTEKIGGAKVYLKREDLVHGGA
H(LLP)TNNAIGQALLAKLMGKTRLIAETGAGQHGVATAMAGALLGMKVDIYMGAEDVERQKMNVFRMKLLGANVIPVNS
GSRTLKDAINEALRDWVATFEYTHYLIGSVVGPHPYPTIVRDFQSVIGREAKAQILEAEGQLPDVIVACVGGGSNAMGIF
YPFVNDKKVKLVGVEAGGKGLESGKHSASLNAGQVGVSHGMLSYFLQDEEGQIKPSHSIAPGLDYPGVGPEHAYLKKIQR
AEYVAVTDEEALKAFHELSRTEGIIPALESAHAVAYAMKLAKEMSRDEIIIVNLSGRGDKDLDIVLKASGNVLEHHHHHH
;
A,D
2 'polypeptide(L)'
;MWFGEFGGQYVPETLVGPLKELEKAYKRFKDDEEFNRQLNYYLKTWAGRPTPLYYAKRLTEKIGGAKVYLKREDLVHGGA
HKTNNAIGQALLAKLMGKTRLIAETGAGQHGVATAMAGALLGMKVDIYMGAEDVERQKMNVFRMKLLGANVIPVNSGSRT
LKDAINEALRDWVATFEYTHYLIGSVVGPHPYPTIVRDFQSVIGREAKAQILEAEGQLPDVIVACVGGGSNAMGIFYPFV
NDKKVKLVGVEAGGKGLESGKHSASLNAGQVGVSHGMLSYFLQDEEGQIKPSHSIAPGLDYPGVGPEHAYLKKIQRAEYV
AVTDEEALKAFHELSRTEGIIPALESAHAVAYAMKLAKEMSRDEIIIVNLSGRGDKDLDIVLKASGNVLEHHHHHH
;
B,C
#
loop_
_chem_comp.id
_chem_comp.type
_chem_comp.name
_chem_comp.formula
NA non-polymer 'SODIUM ION' 'Na 1'
PLT non-polymer [3-HYDROXY-2-METHYL-5-PHOSPHONOOXYMETHYL-PYRIDIN-4-YLMETHYL]-L-TRYPTOPHANE 'C19 H20 N3 O7 P'
#
# COMPACT_ATOMS: atom_id res chain seq x y z
N MET A 1 7.57 -12.50 -34.50
CA MET A 1 9.00 -12.81 -34.81
C MET A 1 9.57 -11.92 -35.92
N TRP A 2 8.74 -11.59 -36.90
CA TRP A 2 9.17 -10.84 -38.07
C TRP A 2 8.51 -9.46 -38.11
N PHE A 3 9.23 -8.49 -38.67
CA PHE A 3 8.68 -7.19 -39.01
C PHE A 3 8.92 -7.02 -40.50
N GLY A 4 7.88 -7.29 -41.29
CA GLY A 4 8.08 -7.52 -42.73
C GLY A 4 9.05 -8.68 -42.89
N GLU A 5 10.12 -8.47 -43.65
CA GLU A 5 11.15 -9.51 -43.81
C GLU A 5 12.18 -9.54 -42.68
N PHE A 6 12.19 -8.53 -41.81
CA PHE A 6 13.26 -8.32 -40.82
C PHE A 6 12.96 -9.01 -39.49
N GLY A 7 14.01 -9.23 -38.70
CA GLY A 7 13.89 -9.85 -37.39
C GLY A 7 14.37 -11.28 -37.37
N GLY A 8 13.53 -12.20 -36.90
CA GLY A 8 13.83 -13.63 -36.94
C GLY A 8 14.59 -14.11 -35.72
N GLN A 9 15.12 -15.33 -35.83
CA GLN A 9 15.89 -15.98 -34.77
C GLN A 9 17.13 -16.67 -35.36
N TYR A 10 18.08 -15.86 -35.81
CA TYR A 10 19.28 -16.37 -36.47
C TYR A 10 20.35 -16.71 -35.43
N VAL A 11 20.17 -17.87 -34.81
CA VAL A 11 20.95 -18.31 -33.66
C VAL A 11 21.35 -19.77 -33.86
N PRO A 12 22.35 -20.25 -33.11
CA PRO A 12 22.60 -21.70 -33.11
C PRO A 12 21.46 -22.47 -32.46
N GLU A 13 21.47 -23.80 -32.62
CA GLU A 13 20.40 -24.65 -32.09
C GLU A 13 20.33 -24.64 -30.55
N THR A 14 21.48 -24.39 -29.92
CA THR A 14 21.58 -24.32 -28.47
C THR A 14 20.72 -23.20 -27.86
N LEU A 15 20.53 -22.11 -28.60
CA LEU A 15 19.72 -20.97 -28.14
C LEU A 15 18.22 -21.07 -28.48
N VAL A 16 17.82 -22.04 -29.30
CA VAL A 16 16.40 -22.18 -29.69
C VAL A 16 15.49 -22.55 -28.51
N GLY A 17 15.98 -23.43 -27.63
CA GLY A 17 15.24 -23.81 -26.43
C GLY A 17 14.99 -22.68 -25.44
N PRO A 18 16.07 -21.96 -25.04
CA PRO A 18 15.96 -20.78 -24.19
C PRO A 18 14.98 -19.72 -24.72
N LEU A 19 15.01 -19.45 -26.02
CA LEU A 19 14.16 -18.43 -26.62
C LEU A 19 12.68 -18.83 -26.65
N LYS A 20 12.41 -20.11 -26.88
CA LYS A 20 11.04 -20.65 -26.80
C LYS A 20 10.50 -20.53 -25.39
N GLU A 21 11.33 -20.87 -24.41
CA GLU A 21 11.01 -20.69 -22.99
C GLU A 21 10.79 -19.22 -22.63
N LEU A 22 11.62 -18.33 -23.16
CA LEU A 22 11.45 -16.89 -22.95
C LEU A 22 10.16 -16.39 -23.58
N GLU A 23 9.88 -16.83 -24.81
CA GLU A 23 8.66 -16.43 -25.51
C GLU A 23 7.39 -16.90 -24.79
N LYS A 24 7.42 -18.13 -24.28
CA LYS A 24 6.28 -18.69 -23.54
C LYS A 24 6.02 -17.92 -22.25
N ALA A 25 7.08 -17.62 -21.52
CA ALA A 25 6.97 -16.87 -20.26
C ALA A 25 6.48 -15.45 -20.49
N TYR A 26 6.89 -14.84 -21.60
CA TYR A 26 6.48 -13.49 -21.92
C TYR A 26 5.01 -13.40 -22.34
N LYS A 27 4.57 -14.32 -23.20
CA LYS A 27 3.15 -14.40 -23.62
C LYS A 27 2.21 -14.59 -22.43
N ARG A 28 2.67 -15.36 -21.44
CA ARG A 28 1.97 -15.59 -20.19
C ARG A 28 1.82 -14.31 -19.35
N PHE A 29 2.94 -13.61 -19.16
CA PHE A 29 3.01 -12.51 -18.20
C PHE A 29 2.68 -11.11 -18.77
N LYS A 30 2.83 -10.92 -20.08
CA LYS A 30 2.75 -9.58 -20.68
C LYS A 30 1.42 -8.85 -20.41
N ASP A 31 0.32 -9.60 -20.48
CA ASP A 31 -1.03 -9.04 -20.28
C ASP A 31 -1.62 -9.42 -18.92
N ASP A 32 -0.80 -10.04 -18.06
CA ASP A 32 -1.24 -10.50 -16.75
C ASP A 32 -1.30 -9.31 -15.78
N GLU A 33 -2.38 -9.22 -15.01
CA GLU A 33 -2.59 -8.06 -14.13
C GLU A 33 -1.54 -7.98 -13.01
N GLU A 34 -1.20 -9.12 -12.43
CA GLU A 34 -0.22 -9.18 -11.34
C GLU A 34 1.19 -8.75 -11.78
N PHE A 35 1.63 -9.23 -12.94
CA PHE A 35 2.92 -8.82 -13.49
C PHE A 35 2.94 -7.32 -13.75
N ASN A 36 1.86 -6.82 -14.36
CA ASN A 36 1.79 -5.41 -14.74
C ASN A 36 1.65 -4.49 -13.53
N ARG A 37 0.91 -4.94 -12.51
CA ARG A 37 0.80 -4.20 -11.25
C ARG A 37 2.17 -4.01 -10.59
N GLN A 38 2.93 -5.10 -10.52
CA GLN A 38 4.24 -5.07 -9.88
C GLN A 38 5.25 -4.26 -10.73
N LEU A 39 5.20 -4.42 -12.05
CA LEU A 39 5.99 -3.59 -12.96
C LEU A 39 5.68 -2.09 -12.81
N ASN A 40 4.39 -1.74 -12.88
CA ASN A 40 3.96 -0.35 -12.75
C ASN A 40 4.32 0.24 -11.39
N TYR A 41 4.24 -0.58 -10.35
CA TYR A 41 4.64 -0.19 -9.00
C TYR A 41 6.11 0.23 -8.93
N TYR A 42 6.98 -0.59 -9.52
CA TYR A 42 8.41 -0.26 -9.56
C TYR A 42 8.67 0.95 -10.45
N LEU A 43 8.05 1.00 -11.62
CA LEU A 43 8.21 2.15 -12.51
C LEU A 43 7.78 3.47 -11.87
N LYS A 44 6.69 3.43 -11.10
CA LYS A 44 6.22 4.62 -10.39
C LYS A 44 7.11 5.00 -9.20
N THR A 45 7.21 4.11 -8.22
CA THR A 45 7.79 4.45 -6.92
C THR A 45 9.32 4.40 -6.91
N TRP A 46 9.91 3.55 -7.75
CA TRP A 46 11.36 3.39 -7.80
C TRP A 46 11.99 4.17 -8.95
N ALA A 47 11.42 4.07 -10.14
CA ALA A 47 11.96 4.74 -11.34
C ALA A 47 11.49 6.19 -11.53
N GLY A 48 10.33 6.52 -10.97
CA GLY A 48 9.80 7.88 -10.97
C GLY A 48 8.96 8.21 -12.19
N ARG A 49 8.30 7.22 -12.78
CA ARG A 49 7.35 7.45 -13.88
C ARG A 49 6.05 7.96 -13.27
N PRO A 50 5.26 8.76 -13.99
CA PRO A 50 5.55 9.22 -15.35
C PRO A 50 6.59 10.34 -15.39
N THR A 51 7.37 10.40 -16.47
CA THR A 51 8.24 11.55 -16.69
C THR A 51 7.44 12.67 -17.33
N PRO A 52 7.87 13.92 -17.13
CA PRO A 52 7.11 15.02 -17.68
C PRO A 52 7.34 15.21 -19.18
N LEU A 53 6.38 15.86 -19.82
CA LEU A 53 6.55 16.41 -21.15
C LEU A 53 6.79 17.91 -20.97
N TYR A 54 7.95 18.39 -21.43
CA TYR A 54 8.39 19.75 -21.16
C TYR A 54 8.37 20.58 -22.43
N TYR A 55 7.71 21.72 -22.38
CA TYR A 55 7.74 22.68 -23.48
C TYR A 55 9.02 23.51 -23.43
N ALA A 56 9.93 23.26 -24.37
CA ALA A 56 11.17 24.04 -24.48
C ALA A 56 10.89 25.38 -25.17
N LYS A 57 10.33 26.32 -24.40
CA LYS A 57 9.85 27.59 -24.92
C LYS A 57 10.98 28.50 -25.39
N ARG A 58 12.05 28.58 -24.60
CA ARG A 58 13.20 29.41 -24.94
C ARG A 58 13.90 28.92 -26.21
N LEU A 59 14.14 27.61 -26.28
CA LEU A 59 14.70 27.00 -27.48
C LEU A 59 13.77 27.21 -28.67
N THR A 60 12.47 27.01 -28.46
CA THR A 60 11.46 27.23 -29.48
C THR A 60 11.53 28.64 -30.05
N GLU A 61 11.48 29.64 -29.18
CA GLU A 61 11.46 31.03 -29.62
C GLU A 61 12.79 31.48 -30.24
N LYS A 62 13.89 30.86 -29.83
CA LYS A 62 15.21 31.14 -30.39
C LYS A 62 15.30 30.67 -31.85
N ILE A 63 14.85 29.44 -32.11
CA ILE A 63 14.85 28.88 -33.46
C ILE A 63 13.79 29.58 -34.32
N GLY A 64 12.64 29.86 -33.73
CA GLY A 64 11.62 30.71 -34.35
C GLY A 64 10.64 29.98 -35.26
N GLY A 65 10.54 28.66 -35.12
CA GLY A 65 9.62 27.86 -35.92
C GLY A 65 8.68 27.07 -35.05
N ALA A 66 8.63 25.76 -35.27
CA ALA A 66 7.70 24.87 -34.54
C ALA A 66 7.99 24.79 -33.04
N LYS A 67 6.94 24.49 -32.28
CA LYS A 67 7.07 24.21 -30.87
C LYS A 67 7.87 22.94 -30.66
N VAL A 68 8.86 23.01 -29.78
CA VAL A 68 9.67 21.86 -29.41
C VAL A 68 9.35 21.46 -27.98
N TYR A 69 8.72 20.28 -27.84
CA TYR A 69 8.53 19.64 -26.55
C TYR A 69 9.60 18.57 -26.35
N LEU A 70 9.97 18.36 -25.08
CA LEU A 70 10.92 17.33 -24.70
C LEU A 70 10.26 16.31 -23.77
N LYS A 71 10.20 15.05 -24.20
CA LYS A 71 9.80 13.96 -23.31
C LYS A 71 11.00 13.64 -22.43
N ARG A 72 10.83 13.84 -21.12
CA ARG A 72 11.95 13.94 -20.19
C ARG A 72 12.39 12.60 -19.58
N GLU A 73 12.85 11.68 -20.43
CA GLU A 73 13.38 10.40 -19.94
C GLU A 73 14.70 10.54 -19.20
N ASP A 74 15.35 11.68 -19.36
CA ASP A 74 16.49 12.07 -18.52
C ASP A 74 16.18 12.08 -17.02
N LEU A 75 14.91 12.23 -16.66
CA LEU A 75 14.49 12.22 -15.26
C LEU A 75 14.16 10.84 -14.68
N VAL A 76 14.17 9.79 -15.50
CA VAL A 76 13.98 8.44 -15.01
C VAL A 76 15.18 8.10 -14.12
N HIS A 77 14.92 7.35 -13.05
CA HIS A 77 15.97 6.86 -12.16
C HIS A 77 17.08 6.16 -12.96
N GLY A 78 18.31 6.60 -12.75
CA GLY A 78 19.44 6.11 -13.56
C GLY A 78 19.86 7.09 -14.65
N GLY A 79 18.95 7.97 -15.05
CA GLY A 79 19.27 9.07 -15.96
C GLY A 79 19.04 8.75 -17.42
N ALA A 80 18.35 7.66 -17.72
CA ALA A 80 18.00 7.30 -19.09
C ALA A 80 16.80 6.35 -19.15
N HIS A 81 16.16 6.33 -20.31
CA HIS A 81 15.03 5.42 -20.61
C HIS A 81 15.31 3.92 -20.38
N1 LLP A 82 20.00 7.58 -25.31
C2 LLP A 82 20.55 7.25 -24.11
C2' LLP A 82 20.56 8.21 -22.97
C3 LLP A 82 21.17 5.92 -23.94
O3 LLP A 82 21.72 5.54 -22.76
C4 LLP A 82 21.15 4.98 -25.07
C4' LLP A 82 21.75 3.61 -24.85
C5 LLP A 82 20.50 5.44 -26.34
C6 LLP A 82 19.97 6.74 -26.37
C5' LLP A 82 20.45 4.61 -27.61
OP4 LLP A 82 19.89 3.31 -27.45
P LLP A 82 18.47 3.01 -28.12
OP1 LLP A 82 18.20 1.56 -27.80
OP2 LLP A 82 17.55 3.98 -27.40
OP3 LLP A 82 18.65 3.32 -29.59
N LLP A 82 16.58 3.52 -20.42
CA LLP A 82 16.99 2.11 -20.34
CB LLP A 82 18.50 1.93 -20.20
CG LLP A 82 19.36 2.53 -21.31
CD LLP A 82 19.11 1.91 -22.69
CE LLP A 82 20.37 1.86 -23.58
NZ LLP A 82 21.22 3.05 -23.60
C LLP A 82 16.38 1.40 -19.15
O LLP A 82 16.11 0.21 -19.20
N THR A 83 16.22 2.14 -18.05
CA THR A 83 15.63 1.62 -16.82
C THR A 83 14.26 0.94 -17.03
N ASN A 84 13.43 1.49 -17.93
CA ASN A 84 12.10 0.94 -18.22
C ASN A 84 12.18 -0.52 -18.65
N ASN A 85 13.12 -0.78 -19.55
CA ASN A 85 13.36 -2.13 -20.07
C ASN A 85 14.05 -3.01 -19.05
N ALA A 86 15.01 -2.44 -18.31
CA ALA A 86 15.74 -3.16 -17.26
C ALA A 86 14.81 -3.74 -16.20
N ILE A 87 13.88 -2.93 -15.70
CA ILE A 87 12.92 -3.37 -14.68
C ILE A 87 12.01 -4.48 -15.21
N GLY A 88 11.44 -4.25 -16.39
CA GLY A 88 10.52 -5.19 -17.03
C GLY A 88 11.13 -6.58 -17.22
N GLN A 89 12.33 -6.61 -17.80
CA GLN A 89 13.01 -7.88 -18.07
C GLN A 89 13.54 -8.53 -16.79
N ALA A 90 14.06 -7.72 -15.86
CA ALA A 90 14.54 -8.26 -14.58
C ALA A 90 13.40 -8.90 -13.79
N LEU A 91 12.24 -8.25 -13.81
CA LEU A 91 11.06 -8.77 -13.14
C LEU A 91 10.57 -10.05 -13.81
N LEU A 92 10.54 -10.05 -15.14
CA LEU A 92 10.23 -11.25 -15.93
C LEU A 92 11.17 -12.41 -15.58
N ALA A 93 12.47 -12.12 -15.58
CA ALA A 93 13.49 -13.11 -15.19
C ALA A 93 13.23 -13.70 -13.80
N LYS A 94 12.85 -12.83 -12.87
CA LYS A 94 12.61 -13.20 -11.48
C LYS A 94 11.38 -14.11 -11.34
N LEU A 95 10.30 -13.80 -12.07
CA LEU A 95 9.10 -14.64 -12.07
C LEU A 95 9.33 -15.97 -12.82
N MET A 96 10.24 -15.96 -13.79
CA MET A 96 10.67 -17.18 -14.48
C MET A 96 11.54 -18.09 -13.61
N GLY A 97 11.98 -17.59 -12.45
CA GLY A 97 12.77 -18.38 -11.50
C GLY A 97 14.27 -18.25 -11.70
N LYS A 98 14.69 -17.26 -12.49
CA LYS A 98 16.12 -17.02 -12.73
C LYS A 98 16.69 -16.28 -11.52
N THR A 99 17.96 -16.54 -11.21
CA THR A 99 18.66 -15.89 -10.10
C THR A 99 19.76 -14.92 -10.55
N ARG A 100 20.04 -14.89 -11.85
CA ARG A 100 21.19 -14.16 -12.39
C ARG A 100 20.79 -13.40 -13.65
N LEU A 101 21.30 -12.19 -13.78
CA LEU A 101 21.11 -11.38 -14.98
C LEU A 101 22.46 -11.15 -15.64
N ILE A 102 22.51 -11.32 -16.95
CA ILE A 102 23.64 -10.83 -17.74
C ILE A 102 23.15 -9.82 -18.76
N ALA A 103 24.02 -8.90 -19.14
CA ALA A 103 23.69 -7.90 -20.13
C ALA A 103 24.96 -7.39 -20.80
N GLU A 104 24.82 -7.01 -22.06
CA GLU A 104 25.83 -6.25 -22.78
C GLU A 104 25.73 -4.80 -22.38
N THR A 105 26.84 -4.09 -22.49
CA THR A 105 26.83 -2.66 -22.47
C THR A 105 28.06 -2.16 -23.22
N GLY A 106 27.94 -0.97 -23.79
CA GLY A 106 29.02 -0.33 -24.54
C GLY A 106 29.26 1.05 -23.96
N ALA A 107 28.22 1.87 -24.00
CA ALA A 107 28.21 3.17 -23.35
C ALA A 107 28.28 3.02 -21.84
N GLY A 108 27.67 1.96 -21.31
CA GLY A 108 27.67 1.70 -19.86
C GLY A 108 26.34 1.95 -19.19
N GLN A 109 25.44 2.67 -19.87
CA GLN A 109 24.16 3.06 -19.28
C GLN A 109 23.20 1.86 -19.08
N HIS A 110 23.19 0.92 -20.02
CA HIS A 110 22.35 -0.27 -19.87
C HIS A 110 22.91 -1.19 -18.78
N GLY A 111 24.24 -1.30 -18.70
CA GLY A 111 24.90 -2.03 -17.63
C GLY A 111 24.50 -1.50 -16.27
N VAL A 112 24.56 -0.18 -16.12
CA VAL A 112 24.12 0.49 -14.89
C VAL A 112 22.63 0.23 -14.61
N ALA A 113 21.80 0.33 -15.65
CA ALA A 113 20.35 0.10 -15.50
C ALA A 113 20.06 -1.37 -15.14
N THR A 114 20.79 -2.29 -15.75
CA THR A 114 20.69 -3.70 -15.43
C THR A 114 21.17 -3.98 -13.99
N ALA A 115 22.29 -3.37 -13.61
CA ALA A 115 22.82 -3.52 -12.26
C ALA A 115 21.84 -2.97 -11.21
N MET A 116 21.25 -1.82 -11.49
CA MET A 116 20.24 -1.23 -10.61
C MET A 116 19.04 -2.15 -10.41
N ALA A 117 18.56 -2.71 -11.52
CA ALA A 117 17.39 -3.59 -11.51
C ALA A 117 17.68 -4.88 -10.76
N GLY A 118 18.88 -5.43 -10.95
CA GLY A 118 19.32 -6.61 -10.22
C GLY A 118 19.48 -6.37 -8.73
N ALA A 119 20.04 -5.21 -8.37
CA ALA A 119 20.08 -4.80 -6.97
C ALA A 119 18.66 -4.71 -6.40
N LEU A 120 17.77 -4.03 -7.10
CA LEU A 120 16.37 -3.89 -6.67
C LEU A 120 15.71 -5.23 -6.37
N LEU A 121 15.89 -6.19 -7.28
CA LEU A 121 15.18 -7.48 -7.20
C LEU A 121 16.02 -8.62 -6.61
N GLY A 122 17.26 -8.33 -6.20
CA GLY A 122 18.06 -9.29 -5.45
C GLY A 122 18.59 -10.42 -6.29
N MET A 123 19.12 -10.08 -7.47
CA MET A 123 19.67 -11.05 -8.41
C MET A 123 21.12 -10.67 -8.71
N LYS A 124 21.94 -11.68 -9.00
CA LYS A 124 23.34 -11.45 -9.37
C LYS A 124 23.40 -10.80 -10.74
N VAL A 125 24.40 -9.96 -10.97
CA VAL A 125 24.53 -9.23 -12.24
C VAL A 125 25.99 -9.26 -12.73
N ASP A 126 26.19 -9.87 -13.89
CA ASP A 126 27.44 -9.77 -14.62
C ASP A 126 27.19 -9.00 -15.90
N ILE A 127 27.97 -7.93 -16.11
CA ILE A 127 27.82 -7.09 -17.29
C ILE A 127 28.98 -7.38 -18.22
N TYR A 128 28.67 -7.77 -19.45
CA TYR A 128 29.69 -7.97 -20.47
C TYR A 128 29.93 -6.65 -21.20
N MET A 129 31.21 -6.30 -21.33
CA MET A 129 31.59 -5.03 -21.91
C MET A 129 32.92 -5.24 -22.62
N GLY A 130 32.98 -4.86 -23.90
CA GLY A 130 34.21 -4.95 -24.68
C GLY A 130 35.34 -4.20 -24.02
N ALA A 131 36.55 -4.75 -24.12
CA ALA A 131 37.72 -4.20 -23.42
C ALA A 131 37.96 -2.72 -23.73
N GLU A 132 37.76 -2.34 -25.00
CA GLU A 132 37.90 -0.93 -25.42
C GLU A 132 36.87 -0.02 -24.74
N ASP A 133 35.69 -0.57 -24.47
CA ASP A 133 34.62 0.18 -23.79
C ASP A 133 34.80 0.27 -22.27
N VAL A 134 35.34 -0.79 -21.66
CA VAL A 134 35.68 -0.74 -20.23
C VAL A 134 36.64 0.43 -19.98
N GLU A 135 37.65 0.56 -20.83
CA GLU A 135 38.63 1.65 -20.74
C GLU A 135 38.00 3.02 -21.01
N ARG A 136 37.10 3.08 -21.99
CA ARG A 136 36.48 4.34 -22.39
C ARG A 136 35.49 4.90 -21.35
N GLN A 137 34.96 4.02 -20.50
CA GLN A 137 33.83 4.35 -19.63
C GLN A 137 34.13 4.00 -18.17
N LYS A 138 35.12 4.68 -17.60
CA LYS A 138 35.57 4.43 -16.22
C LYS A 138 34.44 4.53 -15.20
N MET A 139 33.70 5.64 -15.23
CA MET A 139 32.74 5.95 -14.19
C MET A 139 31.45 5.14 -14.24
N ASN A 140 31.00 4.79 -15.44
CA ASN A 140 29.85 3.89 -15.57
C ASN A 140 30.21 2.51 -15.03
N VAL A 141 31.42 2.05 -15.32
CA VAL A 141 31.91 0.78 -14.78
C VAL A 141 31.94 0.84 -13.25
N PHE A 142 32.39 1.98 -12.71
CA PHE A 142 32.39 2.16 -11.25
C PHE A 142 30.96 2.20 -10.68
N ARG A 143 30.03 2.87 -11.36
CA ARG A 143 28.62 2.85 -10.95
CA ARG A 143 28.62 2.85 -10.95
C ARG A 143 28.11 1.41 -10.83
N MET A 144 28.39 0.60 -11.86
CA MET A 144 28.00 -0.82 -11.87
C MET A 144 28.61 -1.59 -10.70
N LYS A 145 29.90 -1.36 -10.43
CA LYS A 145 30.57 -1.99 -9.29
C LYS A 145 29.89 -1.61 -7.98
N LEU A 146 29.60 -0.32 -7.79
CA LEU A 146 28.90 0.16 -6.58
C LEU A 146 27.52 -0.49 -6.41
N LEU A 147 26.84 -0.74 -7.52
CA LEU A 147 25.54 -1.44 -7.51
C LEU A 147 25.66 -2.95 -7.28
N GLY A 148 26.89 -3.47 -7.21
CA GLY A 148 27.14 -4.85 -6.86
C GLY A 148 27.24 -5.76 -8.07
N ALA A 149 27.44 -5.18 -9.26
CA ALA A 149 27.58 -5.94 -10.49
C ALA A 149 29.05 -6.21 -10.78
N ASN A 150 29.33 -7.37 -11.36
CA ASN A 150 30.66 -7.67 -11.89
C ASN A 150 30.70 -7.22 -13.33
N VAL A 151 31.82 -6.65 -13.75
CA VAL A 151 32.01 -6.21 -15.11
C VAL A 151 33.09 -7.08 -15.73
N ILE A 152 32.72 -7.83 -16.77
CA ILE A 152 33.64 -8.76 -17.43
C ILE A 152 34.11 -8.15 -18.74
N PRO A 153 35.44 -7.96 -18.90
CA PRO A 153 35.95 -7.50 -20.20
C PRO A 153 35.91 -8.59 -21.27
N VAL A 154 35.54 -8.20 -22.49
CA VAL A 154 35.52 -9.11 -23.64
C VAL A 154 36.62 -8.70 -24.61
N ASN A 155 37.62 -9.56 -24.78
CA ASN A 155 38.76 -9.31 -25.66
C ASN A 155 38.63 -10.03 -27.01
N SER A 156 37.47 -10.61 -27.28
CA SER A 156 37.17 -11.22 -28.57
C SER A 156 36.87 -10.14 -29.61
N GLY A 157 37.24 -10.41 -30.85
CA GLY A 157 36.93 -9.54 -31.99
C GLY A 157 37.55 -8.15 -31.88
N SER A 158 36.72 -7.12 -32.10
CA SER A 158 37.14 -5.73 -31.98
C SER A 158 36.99 -5.15 -30.55
N ARG A 159 36.73 -6.01 -29.57
CA ARG A 159 36.78 -5.62 -28.15
C ARG A 159 35.79 -4.48 -27.82
N THR A 160 34.57 -4.59 -28.35
CA THR A 160 33.54 -3.54 -28.22
C THR A 160 32.12 -4.14 -28.14
N LEU A 161 31.10 -3.31 -28.38
CA LEU A 161 29.70 -3.68 -28.15
C LEU A 161 29.24 -4.95 -28.85
N LYS A 162 29.55 -5.08 -30.13
CA LYS A 162 29.18 -6.27 -30.90
C LYS A 162 29.76 -7.53 -30.27
N ASP A 163 30.98 -7.41 -29.73
CA ASP A 163 31.70 -8.54 -29.15
C ASP A 163 31.17 -8.89 -27.76
N ALA A 164 30.76 -7.87 -27.01
CA ALA A 164 30.09 -8.06 -25.72
C ALA A 164 28.80 -8.86 -25.86
N ILE A 165 28.03 -8.58 -26.92
CA ILE A 165 26.81 -9.31 -27.21
C ILE A 165 27.13 -10.77 -27.54
N ASN A 166 28.17 -10.99 -28.33
CA ASN A 166 28.61 -12.35 -28.65
C ASN A 166 29.07 -13.11 -27.42
N GLU A 167 29.84 -12.43 -26.55
CA GLU A 167 30.30 -13.03 -25.30
C GLU A 167 29.14 -13.25 -24.33
N ALA A 168 28.21 -12.31 -24.30
CA ALA A 168 26.98 -12.46 -23.51
C ALA A 168 26.15 -13.64 -24.00
N LEU A 169 25.99 -13.75 -25.31
CA LEU A 169 25.24 -14.86 -25.89
C LEU A 169 25.90 -16.21 -25.64
N ARG A 170 27.23 -16.24 -25.68
CA ARG A 170 28.00 -17.45 -25.35
C ARG A 170 27.76 -17.90 -23.90
N ASP A 171 27.74 -16.93 -22.98
CA ASP A 171 27.41 -17.20 -21.58
C ASP A 171 26.00 -17.78 -21.43
N TRP A 172 25.03 -17.15 -22.11
CA TRP A 172 23.62 -17.53 -21.98
C TRP A 172 23.33 -18.96 -22.45
N VAL A 173 24.08 -19.44 -23.44
CA VAL A 173 23.97 -20.83 -23.91
C VAL A 173 24.19 -21.82 -22.77
N ALA A 174 25.24 -21.59 -21.99
CA ALA A 174 25.59 -22.44 -20.86
C ALA A 174 24.65 -22.27 -19.66
N THR A 175 24.27 -21.03 -19.37
CA THR A 175 23.72 -20.66 -18.06
C THR A 175 22.22 -20.32 -18.02
N PHE A 176 21.52 -20.46 -19.14
CA PHE A 176 20.12 -20.02 -19.25
C PHE A 176 19.15 -20.65 -18.23
N GLU A 177 19.51 -21.82 -17.69
CA GLU A 177 18.73 -22.44 -16.61
C GLU A 177 18.49 -21.47 -15.44
N TYR A 178 19.56 -20.80 -15.03
CA TYR A 178 19.52 -19.84 -13.91
C TYR A 178 19.73 -18.37 -14.31
N THR A 179 20.10 -18.12 -15.57
CA THR A 179 20.42 -16.78 -16.05
C THR A 179 19.40 -16.28 -17.08
N HIS A 180 19.05 -15.00 -16.97
CA HIS A 180 18.36 -14.29 -18.04
C HIS A 180 19.35 -13.34 -18.72
N TYR A 181 19.41 -13.40 -20.05
CA TYR A 181 20.17 -12.41 -20.82
C TYR A 181 19.29 -11.18 -21.04
N LEU A 182 19.63 -10.10 -20.35
CA LEU A 182 18.86 -8.87 -20.38
C LEU A 182 19.40 -7.94 -21.46
N ILE A 183 18.86 -8.06 -22.66
CA ILE A 183 19.30 -7.31 -23.83
C ILE A 183 18.84 -5.86 -23.72
N GLY A 184 19.67 -4.92 -24.18
CA GLY A 184 19.52 -3.51 -23.87
C GLY A 184 18.86 -2.62 -24.90
N SER A 185 18.58 -3.15 -26.09
CA SER A 185 17.90 -2.40 -27.14
C SER A 185 16.98 -3.33 -27.90
N VAL A 186 16.28 -2.79 -28.88
CA VAL A 186 15.33 -3.58 -29.68
C VAL A 186 16.03 -4.43 -30.74
N VAL A 187 16.99 -5.24 -30.29
CA VAL A 187 17.84 -6.02 -31.17
C VAL A 187 17.88 -7.44 -30.66
N GLY A 188 18.61 -8.30 -31.37
CA GLY A 188 18.76 -9.68 -30.97
C GLY A 188 17.69 -10.56 -31.58
N PRO A 189 17.74 -11.86 -31.29
CA PRO A 189 16.71 -12.76 -31.81
C PRO A 189 15.37 -12.51 -31.13
N HIS A 190 14.29 -12.87 -31.81
CA HIS A 190 12.96 -12.87 -31.22
C HIS A 190 12.99 -13.75 -29.96
N PRO A 191 12.38 -13.32 -28.85
CA PRO A 191 11.39 -12.25 -28.80
C PRO A 191 11.91 -10.90 -28.32
N TYR A 192 13.21 -10.66 -28.37
CA TYR A 192 13.80 -9.49 -27.72
C TYR A 192 13.40 -8.15 -28.31
N PRO A 193 13.40 -8.02 -29.66
CA PRO A 193 12.96 -6.75 -30.25
C PRO A 193 11.54 -6.34 -29.84
N THR A 194 10.65 -7.32 -29.74
CA THR A 194 9.25 -7.09 -29.32
C THR A 194 9.16 -6.77 -27.82
N ILE A 195 9.87 -7.55 -27.00
CA ILE A 195 9.86 -7.37 -25.54
C ILE A 195 10.38 -5.99 -25.12
N VAL A 196 11.51 -5.58 -25.69
CA VAL A 196 12.12 -4.31 -25.32
C VAL A 196 11.24 -3.15 -25.78
N ARG A 197 10.71 -3.26 -27.00
CA ARG A 197 9.75 -2.28 -27.51
C ARG A 197 8.51 -2.15 -26.61
N ASP A 198 7.98 -3.29 -26.17
CA ASP A 198 6.81 -3.32 -25.29
C ASP A 198 7.09 -2.65 -23.94
N PHE A 199 8.29 -2.86 -23.39
CA PHE A 199 8.64 -2.24 -22.10
C PHE A 199 9.02 -0.77 -22.24
N GLN A 200 9.38 -0.32 -23.45
CA GLN A 200 9.63 1.10 -23.69
C GLN A 200 8.42 1.88 -24.18
N SER A 201 7.35 1.19 -24.56
N SER A 201 7.35 1.19 -24.57
CA SER A 201 6.17 1.82 -25.16
CA SER A 201 6.19 1.84 -25.19
C SER A 201 5.46 2.79 -24.22
C SER A 201 5.43 2.77 -24.22
N VAL A 202 5.63 2.58 -22.91
CA VAL A 202 5.13 3.51 -21.90
C VAL A 202 5.55 4.97 -22.14
N ILE A 203 6.75 5.18 -22.66
CA ILE A 203 7.20 6.52 -23.01
C ILE A 203 6.20 7.18 -23.97
N GLY A 204 5.85 6.47 -25.03
CA GLY A 204 4.91 6.98 -26.02
C GLY A 204 3.51 7.12 -25.49
N ARG A 205 3.06 6.18 -24.67
CA ARG A 205 1.70 6.25 -24.10
C ARG A 205 1.58 7.46 -23.17
N GLU A 206 2.62 7.73 -22.40
CA GLU A 206 2.64 8.94 -21.56
C GLU A 206 2.69 10.19 -22.44
N ALA A 207 3.59 10.21 -23.42
CA ALA A 207 3.76 11.38 -24.28
C ALA A 207 2.47 11.76 -25.03
N LYS A 208 1.75 10.74 -25.49
CA LYS A 208 0.47 10.95 -26.19
C LYS A 208 -0.56 11.61 -25.29
N ALA A 209 -0.71 11.08 -24.08
CA ALA A 209 -1.64 11.66 -23.10
C ALA A 209 -1.20 13.06 -22.68
N GLN A 210 0.11 13.26 -22.55
CA GLN A 210 0.64 14.55 -22.13
C GLN A 210 0.53 15.63 -23.20
N ILE A 211 0.76 15.27 -24.46
CA ILE A 211 0.62 16.25 -25.55
C ILE A 211 -0.85 16.61 -25.81
N LEU A 212 -1.75 15.65 -25.63
CA LEU A 212 -3.19 15.93 -25.68
C LEU A 212 -3.65 16.85 -24.55
N GLU A 213 -3.08 16.66 -23.37
CA GLU A 213 -3.32 17.54 -22.22
C GLU A 213 -2.79 18.96 -22.48
N ALA A 214 -1.56 19.05 -22.99
CA ALA A 214 -0.90 20.35 -23.19
C ALA A 214 -1.39 21.12 -24.42
N GLU A 215 -1.61 20.42 -25.53
CA GLU A 215 -1.90 21.06 -26.82
C GLU A 215 -3.25 20.68 -27.45
N GLY A 216 -3.98 19.74 -26.86
CA GLY A 216 -5.28 19.30 -27.42
C GLY A 216 -5.19 18.57 -28.75
N GLN A 217 -4.01 18.05 -29.08
CA GLN A 217 -3.78 17.41 -30.38
C GLN A 217 -2.50 16.57 -30.33
N LEU A 218 -2.37 15.68 -31.31
CA LEU A 218 -1.18 14.85 -31.45
C LEU A 218 -0.08 15.71 -32.09
N PRO A 219 1.20 15.33 -31.89
CA PRO A 219 2.26 16.11 -32.50
C PRO A 219 2.31 15.96 -34.03
N ASP A 220 2.93 16.94 -34.68
CA ASP A 220 3.18 16.84 -36.11
C ASP A 220 4.37 15.92 -36.38
N VAL A 221 5.39 15.99 -35.53
CA VAL A 221 6.59 15.17 -35.67
C VAL A 221 7.06 14.67 -34.31
N ILE A 222 7.57 13.43 -34.29
CA ILE A 222 8.28 12.90 -33.13
C ILE A 222 9.68 12.58 -33.59
N VAL A 223 10.68 13.07 -32.85
CA VAL A 223 12.10 12.89 -33.18
C VAL A 223 12.78 12.14 -32.06
N ALA A 224 13.45 11.03 -32.39
CA ALA A 224 14.20 10.28 -31.41
C ALA A 224 15.51 9.81 -32.02
N CYS A 225 16.57 9.79 -31.23
CA CYS A 225 17.83 9.22 -31.68
C CYS A 225 17.72 7.71 -31.74
N VAL A 226 18.49 7.10 -32.65
CA VAL A 226 18.48 5.66 -32.87
C VAL A 226 19.90 5.10 -32.79
N GLY A 227 20.17 4.36 -31.72
CA GLY A 227 21.34 3.49 -31.63
C GLY A 227 20.91 2.12 -32.12
N GLY A 228 20.47 1.27 -31.20
CA GLY A 228 19.77 0.04 -31.56
C GLY A 228 18.30 0.33 -31.86
N GLY A 229 17.75 1.35 -31.20
CA GLY A 229 16.40 1.85 -31.51
C GLY A 229 15.32 1.73 -30.45
N SER A 230 15.70 1.42 -29.21
CA SER A 230 14.71 1.20 -28.14
C SER A 230 13.96 2.45 -27.66
N ASN A 231 14.65 3.57 -27.44
CA ASN A 231 13.95 4.80 -27.04
C ASN A 231 13.05 5.30 -28.17
N ALA A 232 13.50 5.15 -29.42
CA ALA A 232 12.71 5.55 -30.58
C ALA A 232 11.46 4.71 -30.72
N MET A 233 11.58 3.37 -30.63
CA MET A 233 10.39 2.50 -30.70
C MET A 233 9.44 2.78 -29.56
N GLY A 234 9.97 3.03 -28.37
CA GLY A 234 9.16 3.32 -27.19
C GLY A 234 8.26 4.52 -27.37
N ILE A 235 8.81 5.61 -27.91
CA ILE A 235 8.01 6.80 -28.18
C ILE A 235 7.21 6.72 -29.48
N PHE A 236 7.75 6.06 -30.51
CA PHE A 236 7.04 5.88 -31.80
C PHE A 236 5.80 4.98 -31.68
N TYR A 237 5.94 3.84 -31.00
CA TYR A 237 5.01 2.73 -31.16
C TYR A 237 3.53 3.09 -30.93
N PRO A 238 3.20 3.85 -29.87
CA PRO A 238 1.78 4.21 -29.69
C PRO A 238 1.23 5.19 -30.72
N PHE A 239 2.10 5.79 -31.53
CA PHE A 239 1.69 6.70 -32.60
C PHE A 239 1.69 6.07 -34.00
N VAL A 240 2.18 4.83 -34.13
CA VAL A 240 2.34 4.20 -35.45
C VAL A 240 1.04 4.22 -36.25
N ASN A 241 -0.08 3.95 -35.58
CA ASN A 241 -1.40 3.96 -36.22
C ASN A 241 -2.05 5.35 -36.37
N ASP A 242 -1.44 6.39 -35.82
CA ASP A 242 -1.82 7.78 -36.12
C ASP A 242 -1.00 8.26 -37.34
N LYS A 243 -1.56 8.08 -38.53
CA LYS A 243 -0.82 8.27 -39.79
C LYS A 243 -0.41 9.73 -40.05
N LYS A 244 -1.10 10.66 -39.42
CA LYS A 244 -0.71 12.08 -39.47
C LYS A 244 0.60 12.40 -38.73
N VAL A 245 0.98 11.56 -37.76
CA VAL A 245 2.17 11.82 -36.94
C VAL A 245 3.43 11.36 -37.67
N LYS A 246 4.28 12.32 -38.02
CA LYS A 246 5.54 12.02 -38.69
C LYS A 246 6.54 11.47 -37.67
N LEU A 247 7.28 10.43 -38.04
CA LEU A 247 8.25 9.81 -37.13
C LEU A 247 9.64 9.88 -37.75
N VAL A 248 10.58 10.48 -37.03
CA VAL A 248 11.95 10.67 -37.52
C VAL A 248 12.93 10.07 -36.53
N GLY A 249 13.69 9.07 -37.00
CA GLY A 249 14.77 8.49 -36.23
C GLY A 249 16.10 9.09 -36.64
N VAL A 250 16.93 9.43 -35.67
CA VAL A 250 18.19 10.13 -35.94
C VAL A 250 19.36 9.24 -35.58
N GLU A 251 20.10 8.79 -36.60
CA GLU A 251 21.27 7.95 -36.39
C GLU A 251 22.52 8.79 -36.22
N ALA A 252 23.56 8.14 -35.71
CA ALA A 252 24.87 8.79 -35.56
C ALA A 252 25.55 8.96 -36.91
N GLY A 253 25.67 10.22 -37.35
CA GLY A 253 26.41 10.57 -38.56
C GLY A 253 27.91 10.70 -38.36
N GLY A 254 28.35 10.75 -37.10
CA GLY A 254 29.76 10.62 -36.75
C GLY A 254 30.61 11.75 -37.29
N LYS A 255 31.69 11.39 -37.97
CA LYS A 255 32.54 12.37 -38.66
C LYS A 255 32.00 12.72 -40.04
N GLY A 256 30.90 12.09 -40.44
CA GLY A 256 30.22 12.39 -41.70
C GLY A 256 29.92 11.08 -42.42
N LEU A 257 28.85 11.09 -43.20
CA LEU A 257 28.39 9.87 -43.89
C LEU A 257 29.40 9.35 -44.91
N GLU A 258 30.15 10.26 -45.52
CA GLU A 258 31.18 9.89 -46.51
C GLU A 258 32.54 9.59 -45.89
N SER A 259 32.70 9.85 -44.59
CA SER A 259 33.97 9.59 -43.90
C SER A 259 34.19 8.11 -43.54
N GLY A 260 33.11 7.33 -43.53
CA GLY A 260 33.16 5.93 -43.09
C GLY A 260 33.44 5.78 -41.60
N LYS A 261 33.05 6.80 -40.82
CA LYS A 261 33.18 6.78 -39.37
C LYS A 261 31.86 7.27 -38.80
N HIS A 262 30.89 6.37 -38.76
CA HIS A 262 29.53 6.68 -38.31
C HIS A 262 28.85 5.39 -37.87
N SER A 263 27.59 5.47 -37.47
CA SER A 263 26.81 4.29 -37.11
C SER A 263 25.42 4.32 -37.75
N ALA A 264 25.28 5.07 -38.83
CA ALA A 264 24.03 5.18 -39.56
C ALA A 264 23.74 3.94 -40.40
N SER A 265 23.25 2.89 -39.73
CA SER A 265 22.98 1.60 -40.35
C SER A 265 21.85 1.69 -41.38
N LEU A 266 20.77 2.35 -40.99
CA LEU A 266 19.62 2.56 -41.89
C LEU A 266 19.98 3.47 -43.08
N ASN A 267 20.76 4.51 -42.85
CA ASN A 267 21.09 5.46 -43.90
C ASN A 267 22.11 4.91 -44.90
N ALA A 268 23.20 4.34 -44.39
CA ALA A 268 24.36 3.96 -45.23
C ALA A 268 24.73 2.47 -45.15
N GLY A 269 24.04 1.70 -44.32
CA GLY A 269 24.32 0.28 -44.18
C GLY A 269 23.57 -0.53 -45.22
N GLN A 270 23.66 -1.85 -45.08
CA GLN A 270 23.00 -2.77 -45.98
C GLN A 270 22.40 -3.91 -45.16
N VAL A 271 21.49 -4.67 -45.76
CA VAL A 271 20.80 -5.72 -45.02
C VAL A 271 21.79 -6.83 -44.69
N GLY A 272 21.67 -7.37 -43.47
CA GLY A 272 22.57 -8.41 -43.00
C GLY A 272 21.96 -9.20 -41.87
N VAL A 273 22.66 -10.26 -41.48
CA VAL A 273 22.28 -11.07 -40.34
C VAL A 273 23.40 -11.00 -39.32
N SER A 274 23.06 -10.59 -38.10
CA SER A 274 24.02 -10.60 -36.99
C SER A 274 23.29 -10.50 -35.66
N HIS A 275 23.89 -11.09 -34.63
CA HIS A 275 23.37 -11.04 -33.25
C HIS A 275 21.95 -11.60 -33.11
N GLY A 276 21.58 -12.56 -33.95
CA GLY A 276 20.26 -13.16 -33.90
C GLY A 276 19.18 -12.54 -34.75
N MET A 277 19.51 -11.46 -35.48
CA MET A 277 18.50 -10.73 -36.24
C MET A 277 18.90 -10.43 -37.68
N LEU A 278 17.89 -10.33 -38.53
CA LEU A 278 18.04 -9.82 -39.88
C LEU A 278 17.58 -8.38 -39.86
N SER A 279 18.50 -7.47 -40.18
CA SER A 279 18.24 -6.03 -40.13
C SER A 279 19.32 -5.31 -40.94
N TYR A 280 19.45 -3.99 -40.75
CA TYR A 280 20.49 -3.22 -41.42
C TYR A 280 21.77 -3.18 -40.58
N PHE A 281 22.90 -3.37 -41.25
CA PHE A 281 24.22 -3.34 -40.63
C PHE A 281 25.22 -2.64 -41.55
N LEU A 282 26.12 -1.86 -40.97
CA LEU A 282 27.34 -1.45 -41.65
C LEU A 282 28.20 -2.70 -41.79
N GLN A 283 28.50 -3.11 -43.02
CA GLN A 283 29.21 -4.36 -43.24
C GLN A 283 30.08 -4.31 -44.49
N ASP A 284 31.07 -5.20 -44.54
CA ASP A 284 31.97 -5.32 -45.70
C ASP A 284 31.36 -6.25 -46.77
N GLU A 285 32.15 -6.63 -47.77
CA GLU A 285 31.65 -7.41 -48.92
C GLU A 285 31.27 -8.85 -48.57
N GLU A 286 31.92 -9.42 -47.55
CA GLU A 286 31.63 -10.80 -47.14
C GLU A 286 30.42 -10.92 -46.19
N GLY A 287 29.79 -9.79 -45.87
CA GLY A 287 28.71 -9.75 -44.88
C GLY A 287 29.21 -9.58 -43.46
N GLN A 288 30.53 -9.41 -43.30
CA GLN A 288 31.14 -9.20 -41.99
C GLN A 288 30.89 -7.76 -41.55
N ILE A 289 30.58 -7.60 -40.28
CA ILE A 289 30.09 -6.32 -39.76
C ILE A 289 31.26 -5.35 -39.61
N LYS A 290 31.06 -4.11 -40.04
CA LYS A 290 32.09 -3.08 -40.04
C LYS A 290 32.13 -2.39 -38.68
N PRO A 291 33.30 -1.85 -38.31
CA PRO A 291 33.34 -1.04 -37.10
C PRO A 291 32.51 0.24 -37.26
N SER A 292 31.82 0.64 -36.20
CA SER A 292 31.06 1.87 -36.20
C SER A 292 31.76 2.90 -35.33
N HIS A 293 31.29 4.14 -35.43
CA HIS A 293 31.74 5.22 -34.56
C HIS A 293 30.62 6.22 -34.28
N SER A 294 30.61 6.75 -33.06
CA SER A 294 29.88 7.97 -32.73
C SER A 294 30.48 8.61 -31.49
N ILE A 295 30.47 9.94 -31.44
CA ILE A 295 30.85 10.66 -30.21
C ILE A 295 29.91 10.26 -29.05
N ALA A 296 28.66 9.93 -29.38
CA ALA A 296 27.70 9.44 -28.41
C ALA A 296 27.85 7.91 -28.31
N PRO A 297 28.40 7.41 -27.19
CA PRO A 297 28.72 5.99 -27.16
C PRO A 297 27.52 5.05 -27.22
N GLY A 298 26.34 5.54 -26.83
CA GLY A 298 25.10 4.77 -26.94
C GLY A 298 24.57 4.59 -28.35
N LEU A 299 25.07 5.39 -29.29
CA LEU A 299 24.71 5.23 -30.70
C LEU A 299 25.78 4.47 -31.47
N ASP A 300 26.88 4.12 -30.81
CA ASP A 300 28.03 3.49 -31.47
C ASP A 300 27.82 1.97 -31.64
N TYR A 301 26.98 1.61 -32.60
CA TYR A 301 26.65 0.21 -32.88
C TYR A 301 26.46 0.09 -34.39
N PRO A 302 27.09 -0.92 -35.04
CA PRO A 302 26.96 -1.01 -36.50
C PRO A 302 25.60 -1.50 -37.03
N GLY A 303 24.76 -2.01 -36.14
CA GLY A 303 23.41 -2.48 -36.50
C GLY A 303 22.29 -1.59 -36.01
N VAL A 304 21.07 -2.09 -36.14
CA VAL A 304 19.87 -1.37 -35.72
C VAL A 304 18.74 -2.38 -35.62
N GLY A 305 17.75 -2.11 -34.78
CA GLY A 305 16.65 -3.04 -34.55
C GLY A 305 15.82 -3.31 -35.80
N PRO A 306 15.27 -4.54 -35.92
CA PRO A 306 14.55 -4.90 -37.15
C PRO A 306 13.23 -4.13 -37.34
N GLU A 307 12.60 -3.69 -36.25
CA GLU A 307 11.34 -2.97 -36.39
C GLU A 307 11.54 -1.60 -37.04
N HIS A 308 12.70 -0.97 -36.81
CA HIS A 308 13.08 0.24 -37.55
C HIS A 308 13.36 -0.03 -39.03
N ALA A 309 14.05 -1.14 -39.33
CA ALA A 309 14.24 -1.57 -40.72
C ALA A 309 12.89 -1.69 -41.43
N TYR A 310 11.91 -2.24 -40.73
CA TYR A 310 10.55 -2.38 -41.24
C TYR A 310 9.86 -1.03 -41.46
N LEU A 311 9.91 -0.15 -40.45
CA LEU A 311 9.28 1.17 -40.55
C LEU A 311 9.91 2.01 -41.66
N LYS A 312 11.22 1.86 -41.85
CA LYS A 312 11.91 2.49 -42.98
C LYS A 312 11.40 1.94 -44.30
N LYS A 313 11.28 0.62 -44.38
CA LYS A 313 10.88 -0.07 -45.61
C LYS A 313 9.49 0.38 -46.08
N ILE A 314 8.51 0.32 -45.18
CA ILE A 314 7.14 0.75 -45.50
C ILE A 314 6.95 2.27 -45.46
N GLN A 315 8.03 3.01 -45.19
CA GLN A 315 8.05 4.47 -45.17
C GLN A 315 7.11 5.07 -44.13
N ARG A 316 6.92 4.36 -43.01
CA ARG A 316 6.16 4.89 -41.89
C ARG A 316 7.01 5.90 -41.11
N ALA A 317 8.31 5.64 -41.04
CA ALA A 317 9.26 6.56 -40.40
C ALA A 317 10.37 6.96 -41.38
N GLU A 318 10.87 8.18 -41.23
CA GLU A 318 12.04 8.65 -41.94
C GLU A 318 13.27 8.54 -41.04
N TYR A 319 14.41 8.17 -41.62
CA TYR A 319 15.64 8.07 -40.84
C TYR A 319 16.69 8.99 -41.42
N VAL A 320 17.25 9.81 -40.53
CA VAL A 320 18.24 10.83 -40.89
C VAL A 320 19.49 10.63 -40.05
N ALA A 321 20.51 11.42 -40.32
CA ALA A 321 21.75 11.37 -39.56
C ALA A 321 22.20 12.76 -39.15
N VAL A 322 22.81 12.85 -37.97
CA VAL A 322 23.36 14.08 -37.44
C VAL A 322 24.81 13.79 -37.03
N THR A 323 25.70 14.75 -37.26
CA THR A 323 27.14 14.52 -37.05
C THR A 323 27.52 14.73 -35.59
N ASP A 324 28.74 14.30 -35.24
CA ASP A 324 29.32 14.56 -33.92
C ASP A 324 29.27 16.04 -33.59
N GLU A 325 29.68 16.88 -34.54
CA GLU A 325 29.73 18.32 -34.30
C GLU A 325 28.35 18.91 -34.06
N GLU A 326 27.39 18.51 -34.89
CA GLU A 326 26.00 18.96 -34.73
C GLU A 326 25.43 18.56 -33.39
N ALA A 327 25.67 17.31 -32.97
CA ALA A 327 25.25 16.81 -31.67
C ALA A 327 25.90 17.58 -30.51
N LEU A 328 27.19 17.92 -30.65
CA LEU A 328 27.87 18.75 -29.66
C LEU A 328 27.26 20.15 -29.57
N LYS A 329 26.98 20.77 -30.71
CA LYS A 329 26.28 22.07 -30.73
C LYS A 329 24.96 22.04 -29.97
N ALA A 330 24.14 21.02 -30.24
CA ALA A 330 22.84 20.86 -29.58
C ALA A 330 22.97 20.61 -28.07
N PHE A 331 23.99 19.84 -27.69
CA PHE A 331 24.30 19.57 -26.28
C PHE A 331 24.50 20.87 -25.51
N HIS A 332 25.40 21.71 -26.00
CA HIS A 332 25.67 23.01 -25.39
C HIS A 332 24.46 23.94 -25.45
N GLU A 333 23.80 23.97 -26.59
CA GLU A 333 22.64 24.83 -26.81
C GLU A 333 21.52 24.53 -25.81
N LEU A 334 21.15 23.26 -25.66
CA LEU A 334 20.07 22.88 -24.75
C LEU A 334 20.43 23.18 -23.30
N SER A 335 21.67 22.88 -22.92
CA SER A 335 22.16 23.18 -21.58
C SER A 335 22.03 24.67 -21.28
N ARG A 336 22.50 25.51 -22.18
CA ARG A 336 22.51 26.96 -21.99
C ARG A 336 21.14 27.61 -22.10
N THR A 337 20.27 27.04 -22.94
CA THR A 337 18.97 27.66 -23.24
C THR A 337 17.85 27.17 -22.35
N GLU A 338 17.87 25.90 -21.96
CA GLU A 338 16.80 25.33 -21.13
C GLU A 338 17.27 24.81 -19.77
N GLY A 339 18.57 24.86 -19.49
CA GLY A 339 19.10 24.36 -18.23
C GLY A 339 18.92 22.86 -18.07
N ILE A 340 18.96 22.13 -19.18
CA ILE A 340 18.89 20.67 -19.17
C ILE A 340 20.11 20.17 -19.92
N ILE A 341 20.98 19.43 -19.24
CA ILE A 341 22.14 18.82 -19.87
C ILE A 341 21.68 17.47 -20.44
N PRO A 342 21.60 17.35 -21.78
CA PRO A 342 21.13 16.10 -22.34
C PRO A 342 22.26 15.10 -22.51
N ALA A 343 21.93 13.82 -22.64
CA ALA A 343 22.91 12.81 -23.07
C ALA A 343 23.32 13.14 -24.50
N LEU A 344 24.57 12.80 -24.85
CA LEU A 344 25.07 13.00 -26.20
C LEU A 344 24.24 12.26 -27.24
N GLU A 345 23.69 11.10 -26.86
CA GLU A 345 22.79 10.35 -27.73
C GLU A 345 21.58 11.21 -28.05
N SER A 346 20.94 11.68 -26.99
CA SER A 346 19.73 12.52 -27.08
C SER A 346 19.98 13.83 -27.80
N ALA A 347 21.20 14.38 -27.67
CA ALA A 347 21.58 15.59 -28.38
C ALA A 347 21.51 15.46 -29.92
N HIS A 348 21.66 14.25 -30.44
CA HIS A 348 21.48 14.01 -31.89
C HIS A 348 20.03 14.34 -32.29
N ALA A 349 19.09 13.86 -31.48
CA ALA A 349 17.66 14.14 -31.70
C ALA A 349 17.33 15.63 -31.59
N VAL A 350 17.89 16.28 -30.56
CA VAL A 350 17.70 17.71 -30.37
C VAL A 350 18.27 18.46 -31.57
N ALA A 351 19.48 18.11 -32.00
CA ALA A 351 20.12 18.75 -33.15
C ALA A 351 19.22 18.71 -34.38
N TYR A 352 18.67 17.54 -34.69
CA TYR A 352 17.80 17.42 -35.86
C TYR A 352 16.50 18.20 -35.69
N ALA A 353 15.90 18.13 -34.50
CA ALA A 353 14.68 18.89 -34.21
C ALA A 353 14.88 20.40 -34.40
N MET A 354 16.06 20.89 -34.06
CA MET A 354 16.40 22.31 -34.25
C MET A 354 16.40 22.69 -35.74
N LYS A 355 16.96 21.82 -36.57
CA LYS A 355 16.96 22.01 -38.02
C LYS A 355 15.54 21.94 -38.58
N LEU A 356 14.79 20.92 -38.14
CA LEU A 356 13.42 20.69 -38.61
C LEU A 356 12.46 21.80 -38.17
N ALA A 357 12.59 22.23 -36.91
CA ALA A 357 11.73 23.28 -36.35
C ALA A 357 11.80 24.58 -37.14
N LYS A 358 13.01 24.97 -37.55
CA LYS A 358 13.21 26.20 -38.33
C LYS A 358 12.39 26.25 -39.63
N GLU A 359 12.16 25.08 -40.23
CA GLU A 359 11.42 24.98 -41.49
C GLU A 359 9.91 24.78 -41.29
N MET A 360 9.46 24.71 -40.03
CA MET A 360 8.06 24.50 -39.70
C MET A 360 7.45 25.76 -39.08
N SER A 361 6.12 25.75 -39.00
CA SER A 361 5.35 26.85 -38.43
C SER A 361 5.23 26.74 -36.90
N ARG A 362 5.03 27.89 -36.24
CA ARG A 362 4.80 27.95 -34.78
C ARG A 362 3.60 27.13 -34.30
N ASP A 363 2.56 27.03 -35.12
CA ASP A 363 1.40 26.21 -34.75
C ASP A 363 1.65 24.70 -34.86
N GLU A 364 2.83 24.30 -35.34
CA GLU A 364 3.19 22.88 -35.42
C GLU A 364 4.04 22.44 -34.25
N ILE A 365 3.98 21.14 -33.96
CA ILE A 365 4.51 20.57 -32.73
C ILE A 365 5.49 19.42 -33.02
N ILE A 366 6.68 19.54 -32.44
CA ILE A 366 7.68 18.49 -32.45
C ILE A 366 7.87 17.98 -31.03
N ILE A 367 7.72 16.68 -30.81
CA ILE A 367 8.16 16.06 -29.56
C ILE A 367 9.52 15.39 -29.80
N VAL A 368 10.51 15.79 -29.01
CA VAL A 368 11.81 15.14 -29.02
C VAL A 368 11.87 14.20 -27.82
N ASN A 369 12.25 12.95 -28.04
CA ASN A 369 12.52 12.07 -26.92
C ASN A 369 13.89 12.42 -26.32
N LEU A 370 13.88 13.08 -25.17
CA LEU A 370 15.14 13.32 -24.46
C LEU A 370 15.48 12.06 -23.67
N SER A 371 16.15 11.14 -24.36
CA SER A 371 16.33 9.78 -23.84
C SER A 371 17.17 9.72 -22.57
N GLY A 372 18.05 10.70 -22.35
CA GLY A 372 18.87 10.73 -21.15
C GLY A 372 19.54 12.05 -20.80
N ARG A 373 20.13 12.08 -19.59
CA ARG A 373 20.88 13.24 -19.12
CA ARG A 373 20.88 13.24 -19.10
C ARG A 373 22.36 13.08 -19.45
N GLY A 374 23.09 14.19 -19.44
CA GLY A 374 24.47 14.24 -19.90
C GLY A 374 25.56 14.11 -18.85
N ASP A 375 25.20 13.74 -17.62
CA ASP A 375 26.18 13.62 -16.53
C ASP A 375 27.27 12.59 -16.87
N LYS A 376 26.87 11.51 -17.53
CA LYS A 376 27.80 10.46 -17.98
C LYS A 376 28.79 10.93 -19.06
N ASP A 377 28.43 11.97 -19.80
CA ASP A 377 29.18 12.44 -20.97
C ASP A 377 30.07 13.66 -20.71
N LEU A 378 30.17 14.11 -19.45
CA LEU A 378 30.86 15.37 -19.16
C LEU A 378 32.32 15.37 -19.60
N ASP A 379 33.02 14.26 -19.36
CA ASP A 379 34.43 14.12 -19.75
C ASP A 379 34.59 14.16 -21.27
N ILE A 380 33.68 13.50 -22.00
CA ILE A 380 33.74 13.49 -23.48
C ILE A 380 33.59 14.91 -24.03
N VAL A 381 32.62 15.65 -23.53
CA VAL A 381 32.36 17.02 -24.01
C VAL A 381 33.49 17.98 -23.60
N LEU A 382 34.06 17.79 -22.42
CA LEU A 382 35.22 18.57 -21.96
C LEU A 382 36.45 18.29 -22.82
N LYS A 383 36.61 17.02 -23.20
CA LYS A 383 37.74 16.56 -24.00
C LYS A 383 37.56 16.82 -25.50
N ALA A 384 36.33 17.11 -25.92
CA ALA A 384 36.06 17.59 -27.28
C ALA A 384 36.18 19.11 -27.32
N MET B 1 10.90 36.87 11.08
CA MET B 1 12.25 37.39 11.46
C MET B 1 12.98 36.39 12.36
N TRP B 2 12.29 35.94 13.41
CA TRP B 2 12.89 35.10 14.43
C TRP B 2 12.15 33.77 14.59
N PHE B 3 12.90 32.75 14.99
CA PHE B 3 12.35 31.50 15.48
C PHE B 3 12.84 31.40 16.92
N GLY B 4 11.92 31.61 17.86
CA GLY B 4 12.28 31.90 19.23
C GLY B 4 13.23 33.09 19.22
N GLU B 5 14.38 32.93 19.86
CA GLU B 5 15.43 33.96 19.84
C GLU B 5 16.30 33.90 18.58
N PHE B 6 16.24 32.80 17.86
CA PHE B 6 17.18 32.53 16.77
C PHE B 6 16.75 33.21 15.47
N GLY B 7 17.71 33.40 14.57
CA GLY B 7 17.46 33.97 13.26
C GLY B 7 17.89 35.41 13.20
N GLY B 8 16.96 36.29 12.83
CA GLY B 8 17.23 37.73 12.80
C GLY B 8 17.89 38.19 11.52
N GLN B 9 18.48 39.38 11.56
CA GLN B 9 18.98 40.07 10.39
C GLN B 9 20.16 40.99 10.76
N TYR B 10 21.28 40.35 11.10
CA TYR B 10 22.44 41.06 11.64
C TYR B 10 23.48 41.26 10.55
N VAL B 11 23.29 42.33 9.77
CA VAL B 11 24.04 42.59 8.55
C VAL B 11 24.57 44.01 8.53
N PRO B 12 25.52 44.32 7.63
CA PRO B 12 25.91 45.72 7.44
C PRO B 12 24.76 46.54 6.85
N GLU B 13 24.71 47.83 7.18
CA GLU B 13 23.59 48.70 6.78
C GLU B 13 23.32 48.71 5.28
N THR B 14 24.38 48.58 4.48
CA THR B 14 24.28 48.46 3.02
C THR B 14 23.31 47.36 2.56
N LEU B 15 23.19 46.27 3.31
CA LEU B 15 22.28 45.16 2.95
C LEU B 15 20.87 45.24 3.55
N VAL B 16 20.59 46.21 4.39
CA VAL B 16 19.26 46.36 4.97
C VAL B 16 18.23 46.68 3.89
N GLY B 17 18.57 47.60 2.99
CA GLY B 17 17.70 47.98 1.88
C GLY B 17 17.33 46.82 0.98
N PRO B 18 18.33 46.11 0.43
CA PRO B 18 18.11 44.92 -0.39
C PRO B 18 17.31 43.82 0.29
N LEU B 19 17.60 43.57 1.57
CA LEU B 19 16.85 42.57 2.32
C LEU B 19 15.39 42.97 2.55
N LYS B 20 15.14 44.25 2.81
CA LYS B 20 13.78 44.76 3.00
C LYS B 20 12.98 44.69 1.70
N GLU B 21 13.60 45.03 0.58
CA GLU B 21 12.98 44.87 -0.75
C GLU B 21 12.65 43.40 -1.04
N LEU B 22 13.54 42.50 -0.64
CA LEU B 22 13.30 41.07 -0.78
C LEU B 22 12.14 40.59 0.09
N GLU B 23 12.11 41.06 1.34
CA GLU B 23 10.99 40.80 2.24
C GLU B 23 9.66 41.21 1.63
N LYS B 24 9.62 42.43 1.11
CA LYS B 24 8.40 43.00 0.53
C LYS B 24 7.98 42.22 -0.70
N ALA B 25 8.92 41.91 -1.57
CA ALA B 25 8.64 41.10 -2.76
C ALA B 25 8.12 39.72 -2.39
N TYR B 26 8.78 39.05 -1.44
CA TYR B 26 8.35 37.73 -1.00
C TYR B 26 6.96 37.74 -0.37
N LYS B 27 6.72 38.74 0.48
CA LYS B 27 5.42 38.91 1.12
C LYS B 27 4.31 39.10 0.08
N ARG B 28 4.62 39.86 -0.97
CA ARG B 28 3.67 40.08 -2.06
C ARG B 28 3.41 38.82 -2.89
N PHE B 29 4.45 38.03 -3.14
CA PHE B 29 4.37 36.93 -4.12
C PHE B 29 4.21 35.53 -3.54
N LYS B 30 4.58 35.30 -2.27
CA LYS B 30 4.58 33.93 -1.70
C LYS B 30 3.23 33.19 -1.79
N ASP B 31 2.13 33.93 -1.63
CA ASP B 31 0.78 33.38 -1.74
C ASP B 31 0.04 33.93 -2.96
N ASP B 32 0.79 34.51 -3.90
CA ASP B 32 0.20 35.01 -5.14
C ASP B 32 -0.02 33.82 -6.07
N GLU B 33 -1.25 33.66 -6.55
CA GLU B 33 -1.62 32.50 -7.34
C GLU B 33 -0.86 32.41 -8.66
N GLU B 34 -0.73 33.53 -9.36
CA GLU B 34 0.00 33.56 -10.63
C GLU B 34 1.48 33.20 -10.46
N PHE B 35 2.12 33.75 -9.43
CA PHE B 35 3.51 33.38 -9.11
C PHE B 35 3.63 31.88 -8.89
N ASN B 36 2.75 31.33 -8.06
CA ASN B 36 2.76 29.91 -7.73
C ASN B 36 2.35 29.04 -8.93
N ARG B 37 1.53 29.56 -9.83
CA ARG B 37 1.23 28.89 -11.08
C ARG B 37 2.51 28.65 -11.89
N GLN B 38 3.32 29.70 -12.07
CA GLN B 38 4.56 29.59 -12.82
C GLN B 38 5.54 28.67 -12.11
N LEU B 39 5.69 28.83 -10.80
CA LEU B 39 6.53 27.96 -9.98
C LEU B 39 6.11 26.49 -10.06
N ASN B 40 4.82 26.21 -9.88
CA ASN B 40 4.29 24.84 -9.96
C ASN B 40 4.46 24.25 -11.36
N TYR B 41 4.28 25.08 -12.38
CA TYR B 41 4.47 24.70 -13.77
C TYR B 41 5.89 24.21 -14.04
N TYR B 42 6.87 24.99 -13.62
CA TYR B 42 8.28 24.60 -13.77
C TYR B 42 8.64 23.40 -12.90
N LEU B 43 8.12 23.34 -11.68
CA LEU B 43 8.40 22.21 -10.80
C LEU B 43 7.89 20.91 -11.39
N LYS B 44 6.73 20.96 -12.04
CA LYS B 44 6.13 19.78 -12.67
C LYS B 44 6.85 19.38 -13.95
N THR B 45 6.82 20.26 -14.95
CA THR B 45 7.22 19.89 -16.30
C THR B 45 8.73 19.97 -16.51
N TRP B 46 9.41 20.81 -15.73
CA TRP B 46 10.87 20.99 -15.87
C TRP B 46 11.66 20.23 -14.82
N ALA B 47 11.22 20.28 -13.55
CA ALA B 47 11.92 19.61 -12.46
C ALA B 47 11.46 18.18 -12.21
N GLY B 48 10.22 17.87 -12.61
CA GLY B 48 9.68 16.51 -12.55
C GLY B 48 8.98 16.16 -11.26
N ARG B 49 8.45 17.16 -10.55
CA ARG B 49 7.67 16.92 -9.34
C ARG B 49 6.26 16.46 -9.74
N PRO B 50 5.60 15.64 -8.92
CA PRO B 50 6.10 15.17 -7.63
C PRO B 50 7.13 14.04 -7.75
N THR B 51 8.03 13.94 -6.77
CA THR B 51 8.92 12.82 -6.66
C THR B 51 8.19 11.68 -5.94
N PRO B 52 8.56 10.43 -6.25
CA PRO B 52 7.91 9.31 -5.56
C PRO B 52 8.36 9.16 -4.11
N LEU B 53 7.55 8.43 -3.35
CA LEU B 53 7.90 7.94 -2.04
C LEU B 53 8.06 6.43 -2.17
N TYR B 54 9.28 5.94 -1.99
CA TYR B 54 9.64 4.56 -2.31
C TYR B 54 9.79 3.71 -1.06
N TYR B 55 9.14 2.55 -1.05
CA TYR B 55 9.29 1.57 0.05
C TYR B 55 10.53 0.71 -0.19
N ALA B 56 11.56 0.90 0.64
CA ALA B 56 12.79 0.12 0.55
C ALA B 56 12.61 -1.25 1.20
N LYS B 57 11.97 -2.16 0.47
CA LYS B 57 11.56 -3.47 1.00
C LYS B 57 12.75 -4.39 1.33
N ARG B 58 13.74 -4.43 0.44
CA ARG B 58 14.96 -5.22 0.70
C ARG B 58 15.70 -4.69 1.92
N LEU B 59 15.86 -3.37 2.00
CA LEU B 59 16.53 -2.72 3.13
C LEU B 59 15.80 -2.95 4.45
N THR B 60 14.48 -2.79 4.41
CA THR B 60 13.62 -3.04 5.57
C THR B 60 13.78 -4.46 6.11
N GLU B 61 13.60 -5.45 5.23
CA GLU B 61 13.70 -6.85 5.63
C GLU B 61 15.09 -7.20 6.17
N LYS B 62 16.12 -6.68 5.50
CA LYS B 62 17.51 -6.88 5.91
C LYS B 62 17.76 -6.42 7.36
N ILE B 63 17.26 -5.22 7.68
CA ILE B 63 17.37 -4.64 9.02
C ILE B 63 16.43 -5.34 10.00
N GLY B 64 15.22 -5.66 9.53
CA GLY B 64 14.25 -6.45 10.30
C GLY B 64 13.45 -5.67 11.31
N GLY B 65 13.50 -4.35 11.24
CA GLY B 65 12.75 -3.48 12.14
C GLY B 65 11.67 -2.73 11.39
N ALA B 66 11.63 -1.42 11.59
CA ALA B 66 10.59 -0.58 11.00
C ALA B 66 10.65 -0.51 9.48
N LYS B 67 9.52 -0.16 8.88
CA LYS B 67 9.45 0.08 7.44
C LYS B 67 10.22 1.34 7.09
N VAL B 68 11.05 1.25 6.06
CA VAL B 68 11.86 2.37 5.61
C VAL B 68 11.35 2.83 4.25
N TYR B 69 10.74 4.02 4.24
CA TYR B 69 10.34 4.70 3.01
C TYR B 69 11.36 5.77 2.69
N LEU B 70 11.67 5.92 1.41
CA LEU B 70 12.57 6.96 0.93
C LEU B 70 11.80 7.96 0.08
N LYS B 71 11.87 9.23 0.47
CA LYS B 71 11.34 10.31 -0.34
C LYS B 71 12.45 10.67 -1.35
N ARG B 72 12.12 10.53 -2.64
CA ARG B 72 13.12 10.39 -3.70
C ARG B 72 13.48 11.73 -4.37
N GLU B 73 14.04 12.65 -3.58
CA GLU B 73 14.50 13.93 -4.11
C GLU B 73 15.72 13.78 -5.01
N ASP B 74 16.37 12.63 -4.94
CA ASP B 74 17.41 12.23 -5.91
C ASP B 74 16.94 12.25 -7.36
N LEU B 75 15.62 12.05 -7.58
CA LEU B 75 15.05 12.09 -8.91
C LEU B 75 14.70 13.47 -9.44
N VAL B 76 14.81 14.52 -8.62
CA VAL B 76 14.51 15.88 -9.07
C VAL B 76 15.55 16.29 -10.12
N HIS B 77 15.12 17.08 -11.09
CA HIS B 77 16.01 17.59 -12.13
C HIS B 77 17.20 18.28 -11.48
N GLY B 78 18.40 17.90 -11.89
CA GLY B 78 19.64 18.35 -11.25
C GLY B 78 20.23 17.33 -10.28
N GLY B 79 19.37 16.50 -9.69
CA GLY B 79 19.81 15.40 -8.83
C GLY B 79 19.78 15.69 -7.33
N ALA B 80 19.13 16.77 -6.93
CA ALA B 80 18.89 17.04 -5.51
C ALA B 80 17.65 17.91 -5.28
N HIS B 81 17.25 18.00 -4.03
CA HIS B 81 16.18 18.91 -3.59
C HIS B 81 16.43 20.40 -3.89
N LYS B 82 17.69 20.79 -4.07
CA LYS B 82 18.07 22.19 -4.24
C LYS B 82 17.29 22.92 -5.30
N THR B 83 16.94 22.22 -6.38
CA THR B 83 16.17 22.79 -7.46
C THR B 83 14.86 23.43 -7.02
N ASN B 84 14.19 22.83 -6.03
CA ASN B 84 12.92 23.39 -5.51
C ASN B 84 13.07 24.85 -5.06
N ASN B 85 14.18 25.13 -4.39
CA ASN B 85 14.47 26.46 -3.89
C ASN B 85 15.07 27.34 -4.99
N ALA B 86 15.93 26.77 -5.84
CA ALA B 86 16.57 27.52 -6.92
C ALA B 86 15.54 28.15 -7.88
N ILE B 87 14.58 27.35 -8.33
CA ILE B 87 13.58 27.85 -9.28
CA ILE B 87 13.57 27.85 -9.28
C ILE B 87 12.70 28.92 -8.60
N GLY B 88 12.30 28.66 -7.36
CA GLY B 88 11.47 29.60 -6.61
C GLY B 88 12.10 30.97 -6.48
N GLN B 89 13.37 31.00 -6.09
CA GLN B 89 14.08 32.26 -5.89
C GLN B 89 14.44 32.95 -7.19
N ALA B 90 14.80 32.17 -8.20
CA ALA B 90 15.11 32.71 -9.52
C ALA B 90 13.88 33.39 -10.12
N LEU B 91 12.71 32.77 -9.96
CA LEU B 91 11.46 33.36 -10.41
C LEU B 91 11.18 34.68 -9.69
N LEU B 92 11.36 34.67 -8.37
CA LEU B 92 11.19 35.88 -7.56
C LEU B 92 12.17 36.96 -8.01
N ALA B 93 13.44 36.58 -8.18
CA ALA B 93 14.48 37.50 -8.63
C ALA B 93 14.13 38.16 -9.97
N LYS B 94 13.58 37.37 -10.90
CA LYS B 94 13.18 37.87 -12.20
C LYS B 94 12.02 38.86 -12.10
N LEU B 95 11.03 38.53 -11.26
CA LEU B 95 9.93 39.46 -10.94
C LEU B 95 10.40 40.78 -10.31
N MET B 96 11.46 40.71 -9.51
CA MET B 96 12.05 41.92 -8.89
C MET B 96 12.96 42.70 -9.85
N GLY B 97 13.10 42.24 -11.09
CA GLY B 97 13.86 42.95 -12.12
C GLY B 97 15.34 42.64 -12.11
N LYS B 98 15.74 41.57 -11.41
CA LYS B 98 17.15 41.20 -11.34
C LYS B 98 17.54 40.49 -12.63
N THR B 99 18.79 40.66 -13.04
CA THR B 99 19.32 40.04 -14.25
C THR B 99 20.53 39.16 -13.96
N ARG B 100 20.89 39.02 -12.69
CA ARG B 100 22.05 38.23 -12.30
C ARG B 100 21.74 37.44 -11.04
N LEU B 101 22.18 36.19 -11.01
CA LEU B 101 22.12 35.36 -9.82
C LEU B 101 23.54 35.05 -9.34
N ILE B 102 23.77 35.21 -8.04
CA ILE B 102 24.95 34.64 -7.39
C ILE B 102 24.54 33.63 -6.34
N ALA B 103 25.44 32.68 -6.07
CA ALA B 103 25.17 31.65 -5.09
C ALA B 103 26.46 31.00 -4.62
N GLU B 104 26.49 30.65 -3.34
CA GLU B 104 27.48 29.76 -2.77
C GLU B 104 27.14 28.33 -3.17
N THR B 105 28.16 27.48 -3.23
CA THR B 105 27.94 26.05 -3.29
C THR B 105 29.09 25.25 -2.68
N GLY B 106 28.76 24.11 -2.09
CA GLY B 106 29.74 23.15 -1.57
C GLY B 106 29.70 21.84 -2.33
N ALA B 107 28.58 21.14 -2.25
CA ALA B 107 28.37 19.93 -3.06
C ALA B 107 28.31 20.21 -4.56
N GLY B 108 28.02 21.45 -4.93
CA GLY B 108 27.87 21.84 -6.33
C GLY B 108 26.44 21.64 -6.81
N GLN B 109 25.61 21.00 -6.00
CA GLN B 109 24.22 20.76 -6.36
C GLN B 109 23.44 22.07 -6.40
N HIS B 110 23.64 22.91 -5.40
CA HIS B 110 22.99 24.22 -5.38
C HIS B 110 23.51 25.12 -6.49
N GLY B 111 24.84 25.11 -6.69
CA GLY B 111 25.46 25.78 -7.81
C GLY B 111 24.84 25.35 -9.13
N VAL B 112 24.68 24.04 -9.31
CA VAL B 112 24.11 23.46 -10.53
C VAL B 112 22.64 23.87 -10.66
N ALA B 113 21.88 23.69 -9.58
CA ALA B 113 20.47 24.08 -9.54
C ALA B 113 20.30 25.56 -9.90
N THR B 114 21.17 26.40 -9.34
CA THR B 114 21.14 27.84 -9.61
C THR B 114 21.50 28.13 -11.06
N ALA B 115 22.52 27.43 -11.59
CA ALA B 115 22.91 27.57 -12.99
C ALA B 115 21.78 27.12 -13.93
N MET B 116 21.12 26.03 -13.58
CA MET B 116 19.98 25.53 -14.36
C MET B 116 18.83 26.54 -14.39
N ALA B 117 18.46 27.05 -13.21
CA ALA B 117 17.39 28.04 -13.10
C ALA B 117 17.74 29.33 -13.85
N GLY B 118 19.00 29.75 -13.73
CA GLY B 118 19.52 30.90 -14.47
C GLY B 118 19.50 30.72 -15.98
N ALA B 119 19.90 29.55 -16.44
CA ALA B 119 19.82 29.22 -17.87
C ALA B 119 18.37 29.30 -18.34
N LEU B 120 17.49 28.62 -17.61
CA LEU B 120 16.06 28.59 -17.94
C LEU B 120 15.43 29.98 -18.06
N LEU B 121 15.82 30.90 -17.18
CA LEU B 121 15.19 32.20 -17.10
C LEU B 121 16.02 33.33 -17.74
N GLY B 122 17.12 32.97 -18.40
CA GLY B 122 17.94 33.93 -19.12
C GLY B 122 18.64 34.92 -18.23
N MET B 123 19.13 34.44 -17.09
CA MET B 123 19.84 35.28 -16.13
C MET B 123 21.28 34.81 -16.02
N LYS B 124 22.20 35.76 -15.87
CA LYS B 124 23.60 35.42 -15.72
C LYS B 124 23.81 34.80 -14.35
N VAL B 125 24.69 33.80 -14.27
CA VAL B 125 24.96 33.12 -13.01
C VAL B 125 26.46 33.07 -12.71
N ASP B 126 26.85 33.62 -11.56
CA ASP B 126 28.19 33.46 -11.00
C ASP B 126 28.08 32.65 -9.72
N ILE B 127 28.86 31.57 -9.63
CA ILE B 127 28.83 30.69 -8.46
C ILE B 127 30.15 30.78 -7.71
N TYR B 128 30.06 31.02 -6.41
CA TYR B 128 31.21 30.99 -5.51
C TYR B 128 31.32 29.60 -4.88
N MET B 129 32.51 29.01 -5.00
CA MET B 129 32.73 27.64 -4.57
C MET B 129 34.13 27.49 -3.97
N GLY B 130 34.19 26.92 -2.77
CA GLY B 130 35.48 26.68 -2.12
C GLY B 130 36.40 25.83 -2.99
N ALA B 131 37.67 26.21 -3.05
CA ALA B 131 38.66 25.51 -3.86
C ALA B 131 38.72 24.00 -3.59
N GLU B 132 38.59 23.60 -2.33
CA GLU B 132 38.55 22.17 -1.97
C GLU B 132 37.33 21.47 -2.59
N ASP B 133 36.19 22.16 -2.56
CA ASP B 133 34.94 21.66 -3.14
C ASP B 133 34.95 21.63 -4.67
N VAL B 134 35.68 22.56 -5.28
CA VAL B 134 35.90 22.53 -6.72
C VAL B 134 36.58 21.22 -7.12
N GLU B 135 37.55 20.77 -6.32
CA GLU B 135 38.30 19.55 -6.63
C GLU B 135 37.48 18.28 -6.35
N ARG B 136 36.83 18.21 -5.19
CA ARG B 136 36.14 16.98 -4.77
C ARG B 136 34.70 16.85 -5.29
N GLN B 137 34.18 17.90 -5.94
CA GLN B 137 32.89 17.82 -6.63
C GLN B 137 33.00 18.32 -8.07
N LYS B 138 34.02 17.84 -8.77
CA LYS B 138 34.36 18.32 -10.12
C LYS B 138 33.25 18.11 -11.14
N MET B 139 32.52 17.00 -11.04
CA MET B 139 31.38 16.76 -11.93
C MET B 139 30.43 17.96 -11.98
N ASN B 140 30.08 18.48 -10.81
CA ASN B 140 29.16 19.62 -10.73
C ASN B 140 29.78 20.93 -11.18
N VAL B 141 31.09 21.07 -11.04
CA VAL B 141 31.81 22.21 -11.63
C VAL B 141 31.63 22.27 -13.15
N PHE B 142 31.83 21.15 -13.84
N PHE B 142 31.86 21.13 -13.81
CA PHE B 142 31.71 21.17 -15.30
CA PHE B 142 31.71 21.01 -15.26
C PHE B 142 30.25 21.29 -15.77
C PHE B 142 30.27 21.31 -15.71
N ARG B 143 29.30 20.81 -14.96
CA ARG B 143 27.89 21.03 -15.25
C ARG B 143 27.56 22.52 -15.23
N MET B 144 28.01 23.19 -14.17
CA MET B 144 27.82 24.63 -14.02
C MET B 144 28.35 25.39 -15.23
N LYS B 145 29.57 25.03 -15.66
CA LYS B 145 30.18 25.65 -16.84
C LYS B 145 29.38 25.40 -18.11
N LEU B 146 28.99 24.15 -18.34
CA LEU B 146 28.21 23.77 -19.52
C LEU B 146 26.82 24.43 -19.53
N LEU B 147 26.30 24.72 -18.35
CA LEU B 147 25.05 25.47 -18.21
C LEU B 147 25.23 26.98 -18.44
N GLY B 148 26.48 27.41 -18.65
CA GLY B 148 26.78 28.81 -18.94
C GLY B 148 27.04 29.66 -17.71
N ALA B 149 27.20 29.03 -16.54
CA ALA B 149 27.55 29.75 -15.33
C ALA B 149 29.06 29.93 -15.25
N ASN B 150 29.48 30.96 -14.53
CA ASN B 150 30.88 31.12 -14.15
C ASN B 150 31.08 30.59 -12.75
N VAL B 151 32.09 29.74 -12.58
CA VAL B 151 32.44 29.18 -11.28
C VAL B 151 33.66 29.93 -10.77
N ILE B 152 33.53 30.52 -9.57
CA ILE B 152 34.59 31.33 -8.97
C ILE B 152 35.17 30.53 -7.79
N PRO B 153 36.39 29.96 -7.97
CA PRO B 153 37.01 29.28 -6.83
C PRO B 153 37.39 30.26 -5.72
N VAL B 154 37.17 29.86 -4.48
CA VAL B 154 37.49 30.68 -3.31
C VAL B 154 38.63 30.02 -2.55
N ASN B 155 39.75 30.73 -2.47
CA ASN B 155 41.00 30.18 -1.92
C ASN B 155 41.27 30.60 -0.48
N SER B 156 40.48 31.54 0.04
CA SER B 156 40.64 32.05 1.40
C SER B 156 40.09 31.08 2.44
N GLY B 157 40.72 31.07 3.62
CA GLY B 157 40.24 30.29 4.76
C GLY B 157 40.31 28.79 4.53
N SER B 158 39.22 28.10 4.84
CA SER B 158 39.13 26.64 4.70
C SER B 158 38.84 26.14 3.28
N ARG B 159 38.63 27.06 2.33
CA ARG B 159 38.38 26.71 0.94
C ARG B 159 37.13 25.83 0.79
N THR B 160 36.09 26.17 1.57
CA THR B 160 34.85 25.40 1.60
C THR B 160 33.65 26.35 1.77
N LEU B 161 32.49 25.78 2.07
CA LEU B 161 31.22 26.50 2.11
C LEU B 161 31.26 27.87 2.79
N LYS B 162 31.74 27.92 4.04
CA LYS B 162 31.75 29.18 4.81
C LYS B 162 32.50 30.30 4.08
N ASP B 163 33.57 29.91 3.38
CA ASP B 163 34.42 30.83 2.64
C ASP B 163 33.73 31.28 1.37
N ALA B 164 33.08 30.33 0.69
CA ALA B 164 32.21 30.66 -0.43
C ALA B 164 31.14 31.69 -0.03
N ILE B 165 30.53 31.50 1.13
CA ILE B 165 29.46 32.40 1.60
C ILE B 165 29.99 33.80 1.89
N ASN B 166 31.17 33.90 2.50
CA ASN B 166 31.80 35.20 2.75
C ASN B 166 32.04 35.97 1.45
N GLU B 167 32.55 35.28 0.43
CA GLU B 167 32.81 35.90 -0.87
C GLU B 167 31.54 36.32 -1.60
N ALA B 168 30.53 35.45 -1.57
CA ALA B 168 29.22 35.77 -2.16
C ALA B 168 28.63 37.02 -1.52
N LEU B 169 28.64 37.06 -0.19
CA LEU B 169 28.10 38.20 0.54
C LEU B 169 28.81 39.51 0.17
N ARG B 170 30.14 39.45 0.04
CA ARG B 170 30.94 40.60 -0.39
C ARG B 170 30.56 41.08 -1.80
N ASP B 171 30.34 40.13 -2.71
CA ASP B 171 29.81 40.42 -4.05
C ASP B 171 28.45 41.14 -3.96
N TRP B 172 27.53 40.57 -3.18
CA TRP B 172 26.16 41.08 -3.12
C TRP B 172 26.07 42.50 -2.57
N VAL B 173 26.90 42.79 -1.56
CA VAL B 173 27.06 44.17 -1.03
C VAL B 173 27.32 45.17 -2.16
N ALA B 174 28.13 44.77 -3.13
CA ALA B 174 28.47 45.63 -4.27
C ALA B 174 27.43 45.61 -5.41
N THR B 175 26.81 44.46 -5.67
CA THR B 175 26.04 44.26 -6.91
C THR B 175 24.53 44.12 -6.76
N PHE B 176 24.00 44.41 -5.58
CA PHE B 176 22.61 44.05 -5.24
C PHE B 176 21.49 44.64 -6.11
N GLU B 177 21.68 45.80 -6.74
CA GLU B 177 20.59 46.43 -7.50
C GLU B 177 20.18 45.59 -8.73
N TYR B 178 21.10 44.80 -9.27
CA TYR B 178 20.81 43.88 -10.38
C TYR B 178 21.10 42.39 -10.09
N THR B 179 21.67 42.09 -8.93
CA THR B 179 22.02 40.74 -8.54
C THR B 179 21.13 40.26 -7.40
N HIS B 180 20.50 39.10 -7.57
CA HIS B 180 19.88 38.41 -6.45
C HIS B 180 20.85 37.37 -5.91
N TYR B 181 21.11 37.43 -4.61
CA TYR B 181 21.90 36.41 -3.94
C TYR B 181 20.99 35.23 -3.62
N LEU B 182 21.14 34.15 -4.40
CA LEU B 182 20.29 32.97 -4.29
C LEU B 182 20.91 32.00 -3.29
N ILE B 183 20.63 32.23 -2.01
CA ILE B 183 21.14 31.39 -0.93
C ILE B 183 20.48 30.01 -0.99
N GLY B 184 21.29 28.97 -0.74
CA GLY B 184 20.91 27.59 -1.01
C GLY B 184 20.56 26.72 0.18
N SER B 185 20.50 27.30 1.37
CA SER B 185 20.01 26.58 2.53
C SER B 185 19.20 27.51 3.42
N VAL B 186 18.67 26.99 4.51
CA VAL B 186 17.82 27.78 5.42
C VAL B 186 18.67 28.61 6.41
N VAL B 187 19.61 29.36 5.85
CA VAL B 187 20.61 30.10 6.61
C VAL B 187 20.66 31.53 6.10
N GLY B 188 21.48 32.35 6.75
CA GLY B 188 21.63 33.74 6.35
C GLY B 188 20.59 34.61 7.03
N PRO B 189 20.59 35.91 6.72
CA PRO B 189 19.67 36.84 7.35
C PRO B 189 18.25 36.62 6.86
N HIS B 190 17.26 36.92 7.70
CA HIS B 190 15.88 37.02 7.27
C HIS B 190 15.83 37.89 6.01
N PRO B 191 15.07 37.50 4.98
CA PRO B 191 14.04 36.46 5.05
C PRO B 191 14.45 35.08 4.51
N TYR B 192 15.76 34.83 4.36
CA TYR B 192 16.20 33.63 3.65
C TYR B 192 15.83 32.30 4.33
N PRO B 193 16.01 32.17 5.65
CA PRO B 193 15.61 30.91 6.27
C PRO B 193 14.12 30.57 6.06
N THR B 194 13.25 31.57 6.07
CA THR B 194 11.83 31.37 5.81
C THR B 194 11.56 31.03 4.34
N ILE B 195 12.16 31.80 3.42
CA ILE B 195 11.95 31.61 1.99
C ILE B 195 12.38 30.21 1.53
N VAL B 196 13.56 29.78 1.97
CA VAL B 196 14.10 28.50 1.52
C VAL B 196 13.25 27.36 2.09
N ARG B 197 12.87 27.48 3.36
CA ARG B 197 11.98 26.50 4.01
C ARG B 197 10.64 26.39 3.28
N ASP B 198 10.05 27.54 2.95
CA ASP B 198 8.78 27.57 2.23
C ASP B 198 8.85 26.92 0.87
N PHE B 199 9.93 27.19 0.12
CA PHE B 199 10.11 26.58 -1.19
C PHE B 199 10.44 25.09 -1.12
N GLN B 200 11.01 24.63 0.00
CA GLN B 200 11.26 23.20 0.20
C GLN B 200 10.12 22.42 0.85
N SER B 201 9.12 23.11 1.38
N SER B 201 9.11 23.11 1.39
CA SER B 201 8.01 22.48 2.08
CA SER B 201 8.02 22.45 2.09
C SER B 201 7.17 21.56 1.20
C SER B 201 7.15 21.57 1.19
N VAL B 202 7.25 21.76 -0.13
CA VAL B 202 6.67 20.84 -1.12
C VAL B 202 7.11 19.38 -0.91
N ILE B 203 8.35 19.16 -0.45
CA ILE B 203 8.84 17.81 -0.15
C ILE B 203 7.90 17.13 0.87
N GLY B 204 7.67 17.81 1.99
CA GLY B 204 6.85 17.27 3.07
C GLY B 204 5.37 17.21 2.73
N ARG B 205 4.89 18.19 1.96
CA ARG B 205 3.47 18.17 1.54
C ARG B 205 3.20 16.95 0.67
N GLU B 206 4.12 16.65 -0.25
CA GLU B 206 4.01 15.44 -1.08
C GLU B 206 4.12 14.18 -0.24
N ALA B 207 5.13 14.11 0.62
CA ALA B 207 5.40 12.93 1.44
C ALA B 207 4.24 12.57 2.37
N LYS B 208 3.60 13.60 2.92
CA LYS B 208 2.46 13.40 3.80
C LYS B 208 1.30 12.75 3.04
N ALA B 209 0.95 13.32 1.90
CA ALA B 209 -0.07 12.75 1.02
C ALA B 209 0.32 11.34 0.56
N GLN B 210 1.59 11.14 0.23
CA GLN B 210 2.06 9.87 -0.29
C GLN B 210 2.07 8.75 0.75
N ILE B 211 2.51 9.04 1.97
CA ILE B 211 2.51 8.04 3.04
C ILE B 211 1.09 7.69 3.50
N LEU B 212 0.18 8.67 3.47
CA LEU B 212 -1.24 8.41 3.75
C LEU B 212 -1.86 7.48 2.70
N GLU B 213 -1.48 7.65 1.43
CA GLU B 213 -1.89 6.72 0.37
C GLU B 213 -1.30 5.31 0.54
N ALA B 214 -0.01 5.22 0.81
CA ALA B 214 0.66 3.92 0.91
C ALA B 214 0.28 3.13 2.17
N GLU B 215 0.21 3.81 3.32
CA GLU B 215 0.04 3.15 4.62
C GLU B 215 -1.23 3.52 5.40
N GLY B 216 -1.97 4.53 4.95
CA GLY B 216 -3.15 5.00 5.66
C GLY B 216 -2.86 5.65 7.01
N GLN B 217 -1.62 6.12 7.19
CA GLN B 217 -1.23 6.76 8.45
C GLN B 217 0.04 7.59 8.28
N LEU B 218 0.26 8.46 9.26
CA LEU B 218 1.44 9.30 9.31
C LEU B 218 2.63 8.47 9.78
N PRO B 219 3.86 8.89 9.43
CA PRO B 219 5.03 8.13 9.86
C PRO B 219 5.33 8.33 11.34
N ASP B 220 6.01 7.37 11.94
CA ASP B 220 6.44 7.48 13.32
C ASP B 220 7.66 8.40 13.42
N VAL B 221 8.54 8.32 12.43
CA VAL B 221 9.74 9.15 12.39
C VAL B 221 10.00 9.66 10.96
N ILE B 222 10.53 10.88 10.87
CA ILE B 222 11.08 11.41 9.64
C ILE B 222 12.55 11.70 9.90
N VAL B 223 13.42 11.10 9.10
CA VAL B 223 14.87 11.30 9.24
C VAL B 223 15.41 12.05 8.02
N ALA B 224 16.12 13.14 8.28
CA ALA B 224 16.75 13.91 7.22
C ALA B 224 18.11 14.40 7.65
N CYS B 225 19.04 14.45 6.71
CA CYS B 225 20.37 14.99 6.99
C CYS B 225 20.30 16.51 7.09
N VAL B 226 21.20 17.09 7.88
CA VAL B 226 21.21 18.52 8.14
C VAL B 226 22.61 19.06 7.87
N GLY B 227 22.74 19.81 6.78
CA GLY B 227 23.92 20.64 6.54
C GLY B 227 23.57 22.01 7.06
N GLY B 228 22.97 22.83 6.21
CA GLY B 228 22.37 24.09 6.65
C GLY B 228 20.96 23.87 7.16
N GLY B 229 20.26 22.88 6.59
CA GLY B 229 18.95 22.46 7.10
C GLY B 229 17.74 22.52 6.18
N SER B 230 17.95 22.81 4.89
CA SER B 230 16.83 23.00 3.95
C SER B 230 16.00 21.74 3.60
N ASN B 231 16.66 20.63 3.26
CA ASN B 231 15.91 19.41 2.93
C ASN B 231 15.17 18.89 4.17
N ALA B 232 15.81 19.02 5.34
CA ALA B 232 15.19 18.67 6.62
C ALA B 232 13.96 19.52 6.88
N MET B 233 14.10 20.84 6.80
CA MET B 233 12.97 21.74 7.03
C MET B 233 11.85 21.50 6.03
N GLY B 234 12.22 21.31 4.76
CA GLY B 234 11.27 21.00 3.71
C GLY B 234 10.38 19.81 4.03
N ILE B 235 10.99 18.71 4.47
CA ILE B 235 10.24 17.51 4.78
C ILE B 235 9.59 17.57 6.17
N PHE B 236 10.25 18.21 7.14
CA PHE B 236 9.72 18.38 8.51
C PHE B 236 8.47 19.25 8.56
N TYR B 237 8.53 20.41 7.92
CA TYR B 237 7.64 21.53 8.23
C TYR B 237 6.15 21.21 8.21
N PRO B 238 5.69 20.44 7.19
CA PRO B 238 4.26 20.07 7.16
C PRO B 238 3.82 19.09 8.26
N PHE B 239 4.77 18.44 8.93
CA PHE B 239 4.46 17.51 10.02
C PHE B 239 4.63 18.12 11.42
N VAL B 240 5.07 19.38 11.51
CA VAL B 240 5.43 19.97 12.80
C VAL B 240 4.26 19.93 13.79
N ASN B 241 3.05 20.21 13.31
CA ASN B 241 1.86 20.19 14.18
C ASN B 241 1.23 18.80 14.37
N ASP B 242 1.73 17.79 13.67
CA ASP B 242 1.29 16.40 13.90
C ASP B 242 2.06 15.80 15.09
N LYS B 243 1.34 15.56 16.18
CA LYS B 243 1.97 15.16 17.44
C LYS B 243 2.55 13.74 17.40
N LYS B 244 1.99 12.87 16.55
CA LYS B 244 2.54 11.52 16.35
C LYS B 244 3.99 11.52 15.80
N VAL B 245 4.33 12.50 14.97
CA VAL B 245 5.53 12.39 14.12
C VAL B 245 6.79 12.89 14.80
N LYS B 246 7.73 11.98 15.08
CA LYS B 246 9.06 12.35 15.56
C LYS B 246 9.89 12.88 14.39
N LEU B 247 10.68 13.91 14.66
CA LEU B 247 11.54 14.54 13.65
C LEU B 247 13.00 14.42 14.08
N VAL B 248 13.81 13.77 13.24
CA VAL B 248 15.23 13.58 13.53
C VAL B 248 16.10 14.18 12.42
N GLY B 249 16.90 15.17 12.79
CA GLY B 249 17.93 15.72 11.89
C GLY B 249 19.26 15.06 12.14
N VAL B 250 20.00 14.77 11.09
CA VAL B 250 21.28 14.06 11.18
C VAL B 250 22.40 14.93 10.64
N GLU B 251 23.27 15.39 11.54
CA GLU B 251 24.40 16.23 11.18
C GLU B 251 25.64 15.40 10.85
N ALA B 252 26.61 16.07 10.24
CA ALA B 252 27.87 15.43 9.86
C ALA B 252 28.76 15.23 11.09
N GLY B 253 28.96 13.97 11.47
CA GLY B 253 29.85 13.59 12.56
C GLY B 253 31.32 13.62 12.18
N GLY B 254 31.60 13.63 10.88
CA GLY B 254 32.97 13.83 10.38
C GLY B 254 33.92 12.72 10.75
N LYS B 255 35.09 13.08 11.27
CA LYS B 255 36.04 12.12 11.80
C LYS B 255 35.76 11.75 13.26
N GLY B 256 34.60 12.19 13.78
CA GLY B 256 34.26 12.03 15.19
C GLY B 256 34.14 13.40 15.84
N LEU B 257 33.26 13.52 16.82
CA LEU B 257 33.00 14.79 17.47
C LEU B 257 34.19 15.28 18.32
N GLU B 258 34.99 14.33 18.83
CA GLU B 258 36.22 14.64 19.56
C GLU B 258 37.41 14.95 18.65
N SER B 259 37.27 14.66 17.35
CA SER B 259 38.36 14.86 16.39
C SER B 259 38.62 16.33 16.05
N GLY B 260 37.65 17.19 16.35
CA GLY B 260 37.69 18.59 15.93
C GLY B 260 37.49 18.78 14.43
N LYS B 261 36.94 17.75 13.78
CA LYS B 261 36.75 17.74 12.34
C LYS B 261 35.38 17.14 12.04
N HIS B 262 34.37 17.99 12.15
CA HIS B 262 32.99 17.60 11.97
C HIS B 262 32.18 18.86 11.67
N SER B 263 30.89 18.71 11.42
CA SER B 263 30.02 19.87 11.15
C SER B 263 28.73 19.86 11.99
N ALA B 264 28.71 19.08 13.06
CA ALA B 264 27.58 18.99 13.99
C ALA B 264 27.41 20.23 14.87
N SER B 265 26.79 21.26 14.29
CA SER B 265 26.61 22.54 14.97
C SER B 265 25.62 22.47 16.13
N LEU B 266 24.49 21.83 15.90
CA LEU B 266 23.47 21.66 16.93
C LEU B 266 23.94 20.76 18.07
N ASN B 267 24.67 19.70 17.74
CA ASN B 267 25.14 18.77 18.76
C ASN B 267 26.28 19.34 19.62
N ALA B 268 27.28 19.95 18.99
CA ALA B 268 28.51 20.35 19.70
C ALA B 268 28.92 21.82 19.51
N GLY B 269 28.08 22.63 18.88
CA GLY B 269 28.37 24.05 18.69
C GLY B 269 27.83 24.90 19.82
N GLN B 270 28.11 26.20 19.76
CA GLN B 270 27.60 27.18 20.70
C GLN B 270 26.74 28.18 19.95
N VAL B 271 25.82 28.84 20.65
CA VAL B 271 25.01 29.89 20.05
C VAL B 271 25.89 31.11 19.78
N GLY B 272 25.68 31.75 18.63
CA GLY B 272 26.48 32.89 18.23
C GLY B 272 25.95 33.50 16.96
N VAL B 273 26.59 34.59 16.52
CA VAL B 273 26.15 35.33 15.34
C VAL B 273 27.17 35.23 14.22
N SER B 274 26.72 34.79 13.06
CA SER B 274 27.52 34.80 11.84
C SER B 274 26.58 34.73 10.64
N HIS B 275 27.03 35.29 9.52
CA HIS B 275 26.29 35.25 8.25
C HIS B 275 24.87 35.79 8.37
N GLY B 276 24.70 36.84 9.17
CA GLY B 276 23.40 37.49 9.31
C GLY B 276 22.42 36.87 10.29
N MET B 277 22.81 35.79 10.98
CA MET B 277 21.88 35.03 11.81
C MET B 277 22.44 34.67 13.19
N LEU B 278 21.55 34.66 14.18
CA LEU B 278 21.81 34.02 15.46
C LEU B 278 21.42 32.56 15.33
N SER B 279 22.40 31.67 15.45
CA SER B 279 22.16 30.23 15.41
C SER B 279 23.32 29.51 16.10
N TYR B 280 23.38 28.19 15.93
CA TYR B 280 24.48 27.39 16.46
C TYR B 280 25.64 27.34 15.47
N PHE B 281 26.84 27.60 15.98
CA PHE B 281 28.06 27.57 15.19
C PHE B 281 29.18 26.85 15.95
N LEU B 282 29.99 26.09 15.22
CA LEU B 282 31.22 25.53 15.78
C LEU B 282 32.19 26.67 16.05
N GLN B 283 32.66 26.77 17.29
CA GLN B 283 33.55 27.87 17.71
C GLN B 283 34.82 27.37 18.38
N ASP B 284 35.88 28.15 18.24
CA ASP B 284 37.19 27.83 18.84
C ASP B 284 37.25 28.35 20.29
N GLU B 285 38.43 28.27 20.91
CA GLU B 285 38.62 28.74 22.29
C GLU B 285 38.37 30.24 22.50
N GLU B 286 38.64 31.05 21.48
CA GLU B 286 38.43 32.52 21.56
C GLU B 286 37.00 32.94 21.18
N GLY B 287 36.13 31.98 20.86
CA GLY B 287 34.74 32.27 20.48
C GLY B 287 34.56 32.66 19.02
N GLN B 288 35.56 32.42 18.18
CA GLN B 288 35.48 32.70 16.75
C GLN B 288 34.96 31.45 16.02
N ILE B 289 34.50 31.64 14.79
CA ILE B 289 33.98 30.53 13.99
C ILE B 289 35.16 29.64 13.57
N LYS B 290 35.05 28.34 13.83
CA LYS B 290 36.10 27.39 13.45
C LYS B 290 35.69 26.57 12.24
N PRO B 291 36.68 26.15 11.41
CA PRO B 291 36.33 25.39 10.23
C PRO B 291 35.72 24.03 10.55
N SER B 292 34.79 23.61 9.69
CA SER B 292 34.11 22.33 9.83
C SER B 292 34.77 21.30 8.93
N HIS B 293 34.27 20.07 8.98
CA HIS B 293 34.62 19.04 8.04
C HIS B 293 33.49 18.01 7.88
N SER B 294 33.33 17.53 6.66
CA SER B 294 32.54 16.34 6.39
C SER B 294 33.03 15.75 5.08
N ILE B 295 32.94 14.43 4.96
CA ILE B 295 33.19 13.74 3.70
C ILE B 295 32.15 14.15 2.65
N ALA B 296 30.94 14.47 3.13
CA ALA B 296 29.89 15.02 2.28
C ALA B 296 30.01 16.55 2.21
N PRO B 297 30.43 17.09 1.05
CA PRO B 297 30.70 18.53 0.99
C PRO B 297 29.48 19.43 1.25
N GLY B 298 28.29 18.93 0.97
CA GLY B 298 27.04 19.64 1.26
C GLY B 298 26.70 19.79 2.73
N LEU B 299 27.33 19.00 3.60
CA LEU B 299 27.17 19.13 5.06
C LEU B 299 28.32 19.88 5.74
N ASP B 300 29.30 20.33 4.96
CA ASP B 300 30.56 20.84 5.50
C ASP B 300 30.45 22.35 5.77
N TYR B 301 29.71 22.70 6.82
CA TYR B 301 29.42 24.09 7.17
C TYR B 301 29.43 24.20 8.71
N PRO B 302 30.16 25.18 9.28
CA PRO B 302 30.20 25.29 10.75
C PRO B 302 28.89 25.70 11.42
N GLY B 303 27.96 26.29 10.64
CA GLY B 303 26.68 26.73 11.15
C GLY B 303 25.50 25.83 10.83
N VAL B 304 24.32 26.32 11.13
CA VAL B 304 23.07 25.59 10.88
C VAL B 304 21.93 26.59 10.89
N GLY B 305 20.82 26.25 10.22
CA GLY B 305 19.68 27.15 10.13
C GLY B 305 19.04 27.43 11.48
N PRO B 306 18.58 28.67 11.70
CA PRO B 306 18.04 29.04 13.00
C PRO B 306 16.69 28.37 13.32
N GLU B 307 15.94 27.94 12.31
CA GLU B 307 14.70 27.23 12.59
C GLU B 307 14.95 25.86 13.25
N HIS B 308 16.08 25.22 12.90
CA HIS B 308 16.49 23.99 13.59
C HIS B 308 16.94 24.25 15.02
N ALA B 309 17.70 25.33 15.24
CA ALA B 309 18.08 25.77 16.59
C ALA B 309 16.85 25.94 17.47
N TYR B 310 15.81 26.56 16.90
CA TYR B 310 14.51 26.68 17.57
C TYR B 310 13.84 25.34 17.83
N LEU B 311 13.80 24.46 16.81
CA LEU B 311 13.19 23.13 16.98
C LEU B 311 13.92 22.30 18.03
N LYS B 312 15.24 22.46 18.10
CA LYS B 312 16.06 21.82 19.13
C LYS B 312 15.70 22.34 20.53
N LYS B 313 15.60 23.66 20.67
CA LYS B 313 15.29 24.31 21.95
C LYS B 313 13.91 23.90 22.51
N ILE B 314 12.87 23.97 21.68
CA ILE B 314 11.53 23.52 22.12
C ILE B 314 11.37 21.98 22.09
N GLN B 315 12.43 21.26 21.72
CA GLN B 315 12.45 19.79 21.69
C GLN B 315 11.40 19.19 20.75
N ARG B 316 11.07 19.90 19.69
CA ARG B 316 10.16 19.39 18.66
C ARG B 316 10.90 18.40 17.77
N ALA B 317 12.19 18.61 17.59
CA ALA B 317 13.01 17.73 16.77
C ALA B 317 14.26 17.33 17.55
N GLU B 318 14.74 16.12 17.29
CA GLU B 318 15.97 15.61 17.88
C GLU B 318 17.06 15.67 16.83
N TYR B 319 18.28 16.01 17.25
CA TYR B 319 19.40 16.10 16.34
C TYR B 319 20.52 15.14 16.76
N VAL B 320 20.95 14.34 15.79
CA VAL B 320 21.98 13.33 15.99
C VAL B 320 23.09 13.57 14.98
N ALA B 321 24.15 12.77 15.08
CA ALA B 321 25.26 12.85 14.15
C ALA B 321 25.70 11.46 13.71
N VAL B 322 26.15 11.39 12.45
CA VAL B 322 26.66 10.17 11.84
C VAL B 322 28.04 10.50 11.25
N THR B 323 29.01 9.61 11.46
CA THR B 323 30.39 9.85 11.01
C THR B 323 30.55 9.64 9.51
N ASP B 324 31.71 10.06 8.98
CA ASP B 324 32.08 9.83 7.57
C ASP B 324 31.98 8.35 7.20
N GLU B 325 32.57 7.49 8.03
CA GLU B 325 32.65 6.05 7.74
C GLU B 325 31.28 5.41 7.75
N GLU B 326 30.45 5.76 8.74
CA GLU B 326 29.06 5.35 8.79
C GLU B 326 28.28 5.77 7.53
N ALA B 327 28.53 6.99 7.07
CA ALA B 327 27.89 7.51 5.86
C ALA B 327 28.35 6.76 4.62
N LEU B 328 29.66 6.50 4.51
CA LEU B 328 30.21 5.67 3.42
C LEU B 328 29.56 4.30 3.36
N LYS B 329 29.41 3.65 4.51
CA LYS B 329 28.79 2.32 4.55
C LYS B 329 27.35 2.34 4.07
N ALA B 330 26.60 3.40 4.43
CA ALA B 330 25.22 3.56 3.98
C ALA B 330 25.13 3.82 2.48
N PHE B 331 26.09 4.59 1.95
CA PHE B 331 26.20 4.85 0.51
C PHE B 331 26.29 3.52 -0.24
N HIS B 332 27.25 2.68 0.14
CA HIS B 332 27.43 1.35 -0.44
C HIS B 332 26.20 0.47 -0.23
N GLU B 333 25.66 0.49 0.98
CA GLU B 333 24.52 -0.36 1.35
C GLU B 333 23.30 -0.10 0.50
N LEU B 334 22.92 1.18 0.38
CA LEU B 334 21.73 1.53 -0.40
C LEU B 334 21.90 1.19 -1.89
N SER B 335 23.09 1.44 -2.43
CA SER B 335 23.42 1.10 -3.81
C SER B 335 23.23 -0.39 -4.09
N ARG B 336 23.81 -1.23 -3.25
CA ARG B 336 23.75 -2.69 -3.41
C ARG B 336 22.38 -3.30 -3.12
N THR B 337 21.70 -2.77 -2.11
CA THR B 337 20.48 -3.37 -1.60
C THR B 337 19.24 -2.89 -2.35
N GLU B 338 19.19 -1.60 -2.68
CA GLU B 338 18.03 -1.01 -3.35
C GLU B 338 18.30 -0.49 -4.77
N GLY B 339 19.55 -0.52 -5.22
CA GLY B 339 19.88 -0.03 -6.55
C GLY B 339 19.69 1.46 -6.70
N ILE B 340 19.95 2.20 -5.61
CA ILE B 340 19.91 3.66 -5.60
C ILE B 340 21.23 4.16 -5.02
N ILE B 341 22.02 4.84 -5.85
CA ILE B 341 23.27 5.45 -5.40
C ILE B 341 22.95 6.83 -4.83
N PRO B 342 23.00 6.98 -3.49
CA PRO B 342 22.59 8.24 -2.88
C PRO B 342 23.73 9.24 -2.81
N ALA B 343 23.39 10.50 -2.62
CA ALA B 343 24.39 11.52 -2.28
C ALA B 343 24.98 11.19 -0.92
N LEU B 344 26.26 11.50 -0.74
CA LEU B 344 26.92 11.28 0.54
C LEU B 344 26.23 12.02 1.68
N GLU B 345 25.64 13.17 1.37
CA GLU B 345 24.85 13.92 2.34
C GLU B 345 23.67 13.06 2.79
N SER B 346 22.90 12.58 1.81
CA SER B 346 21.74 11.73 2.05
C SER B 346 22.11 10.42 2.75
N ALA B 347 23.32 9.92 2.49
CA ALA B 347 23.81 8.70 3.11
C ALA B 347 23.90 8.79 4.63
N HIS B 348 24.12 10.00 5.16
CA HIS B 348 24.05 10.23 6.61
C HIS B 348 22.66 9.92 7.17
N ALA B 349 21.62 10.37 6.47
CA ALA B 349 20.24 10.11 6.90
C ALA B 349 19.90 8.62 6.81
N VAL B 350 20.34 7.98 5.73
CA VAL B 350 20.16 6.54 5.57
C VAL B 350 20.87 5.79 6.70
N ALA B 351 22.12 6.20 6.98
CA ALA B 351 22.92 5.58 8.03
C ALA B 351 22.22 5.57 9.39
N TYR B 352 21.70 6.73 9.80
CA TYR B 352 20.98 6.83 11.07
C TYR B 352 19.64 6.09 11.02
N ALA B 353 18.95 6.19 9.90
CA ALA B 353 17.68 5.48 9.70
C ALA B 353 17.84 3.96 9.88
N MET B 354 18.97 3.42 9.43
CA MET B 354 19.26 1.99 9.59
C MET B 354 19.48 1.60 11.05
N LYS B 355 20.18 2.45 11.81
CA LYS B 355 20.31 2.28 13.25
C LYS B 355 18.95 2.31 13.93
N LEU B 356 18.14 3.31 13.57
CA LEU B 356 16.86 3.56 14.23
C LEU B 356 15.82 2.49 13.91
N ALA B 357 15.75 2.09 12.64
CA ALA B 357 14.82 1.04 12.20
C ALA B 357 15.04 -0.25 12.99
N LYS B 358 16.31 -0.66 13.08
CA LYS B 358 16.74 -1.84 13.85
C LYS B 358 16.12 -1.91 15.26
N GLU B 359 16.10 -0.77 15.96
CA GLU B 359 15.54 -0.70 17.31
C GLU B 359 14.01 -0.63 17.36
N MET B 360 13.35 -0.40 16.22
CA MET B 360 11.90 -0.16 16.17
C MET B 360 11.13 -1.41 15.75
N SER B 361 9.81 -1.34 15.91
CA SER B 361 8.89 -2.44 15.58
C SER B 361 8.62 -2.52 14.07
N ARG B 362 8.34 -3.72 13.58
CA ARG B 362 8.00 -3.93 12.16
C ARG B 362 6.74 -3.17 11.72
N ASP B 363 5.82 -2.95 12.66
CA ASP B 363 4.61 -2.17 12.40
C ASP B 363 4.89 -0.69 12.11
N GLU B 364 6.02 -0.17 12.60
CA GLU B 364 6.28 1.26 12.57
C GLU B 364 6.92 1.73 11.25
N ILE B 365 6.88 3.04 11.01
CA ILE B 365 7.19 3.64 9.71
C ILE B 365 8.21 4.76 9.87
N ILE B 366 9.34 4.63 9.17
CA ILE B 366 10.30 5.72 9.04
C ILE B 366 10.27 6.25 7.60
N ILE B 367 10.21 7.57 7.46
CA ILE B 367 10.46 8.21 6.16
C ILE B 367 11.83 8.87 6.20
N VAL B 368 12.71 8.48 5.29
CA VAL B 368 14.01 9.13 5.10
C VAL B 368 13.95 10.03 3.88
N ASN B 369 14.38 11.28 4.04
CA ASN B 369 14.48 12.18 2.91
C ASN B 369 15.76 11.87 2.14
N LEU B 370 15.63 11.26 0.96
CA LEU B 370 16.79 10.95 0.14
C LEU B 370 17.08 12.17 -0.73
N SER B 371 17.84 13.09 -0.14
CA SER B 371 17.95 14.45 -0.66
C SER B 371 18.63 14.54 -2.02
N GLY B 372 19.48 13.58 -2.36
CA GLY B 372 20.14 13.59 -3.65
C GLY B 372 20.73 12.28 -4.12
N ARG B 373 21.12 12.24 -5.40
CA ARG B 373 21.82 11.11 -6.00
CA ARG B 373 21.82 11.11 -5.99
C ARG B 373 23.32 11.30 -5.88
N GLY B 374 24.07 10.20 -5.96
CA GLY B 374 25.50 10.19 -5.65
C GLY B 374 26.49 10.26 -6.80
N ASP B 375 26.04 10.66 -7.99
CA ASP B 375 26.93 10.73 -9.15
C ASP B 375 28.09 11.69 -8.89
N LYS B 376 27.78 12.84 -8.28
CA LYS B 376 28.79 13.83 -7.91
C LYS B 376 29.90 13.29 -6.99
N ASP B 377 29.58 12.25 -6.21
CA ASP B 377 30.46 11.75 -5.15
C ASP B 377 31.35 10.57 -5.57
N LEU B 378 31.29 10.16 -6.83
CA LEU B 378 31.96 8.93 -7.28
C LEU B 378 33.49 8.98 -7.13
N ASP B 379 34.10 10.15 -7.38
CA ASP B 379 35.55 10.33 -7.15
C ASP B 379 35.89 10.19 -5.67
N ILE B 380 35.11 10.86 -4.81
CA ILE B 380 35.31 10.77 -3.35
C ILE B 380 35.23 9.32 -2.89
N VAL B 381 34.19 8.60 -3.31
CA VAL B 381 33.96 7.24 -2.85
C VAL B 381 35.03 6.28 -3.41
N LEU B 382 35.48 6.55 -4.64
CA LEU B 382 36.57 5.78 -5.26
C LEU B 382 37.87 5.88 -4.46
N LYS B 383 38.24 7.10 -4.07
CA LYS B 383 39.44 7.32 -3.25
C LYS B 383 39.31 6.71 -1.84
N ALA B 384 38.17 6.95 -1.20
CA ALA B 384 37.92 6.44 0.16
C ALA B 384 37.72 4.92 0.22
N SER B 385 37.18 4.34 -0.86
CA SER B 385 36.96 2.90 -0.94
C SER B 385 37.25 2.38 -2.34
N MET C 1 -30.56 6.05 40.29
CA MET C 1 -29.23 6.73 40.29
C MET C 1 -28.13 5.89 40.93
N TRP C 2 -28.49 5.13 41.96
CA TRP C 2 -27.53 4.39 42.77
C TRP C 2 -27.78 2.89 42.67
N PHE C 3 -26.71 2.14 42.85
CA PHE C 3 -26.79 0.71 43.12
C PHE C 3 -26.13 0.54 44.48
N GLY C 4 -26.96 0.51 45.53
CA GLY C 4 -26.49 0.61 46.90
C GLY C 4 -25.82 1.96 47.10
N GLU C 5 -24.54 1.94 47.44
CA GLU C 5 -23.78 3.18 47.67
C GLU C 5 -23.04 3.67 46.42
N PHE C 6 -23.11 2.91 45.33
CA PHE C 6 -22.33 3.19 44.13
C PHE C 6 -23.19 3.79 43.02
N GLY C 7 -22.57 4.57 42.14
CA GLY C 7 -23.24 5.16 40.99
C GLY C 7 -23.23 6.69 41.06
N GLY C 8 -24.42 7.29 41.03
CA GLY C 8 -24.52 8.74 41.13
C GLY C 8 -24.31 9.47 39.83
N GLN C 9 -24.17 10.78 39.94
CA GLN C 9 -24.20 11.70 38.81
C GLN C 9 -23.24 12.86 39.09
N TYR C 10 -21.96 12.52 39.12
CA TYR C 10 -20.91 13.43 39.56
C TYR C 10 -20.42 14.27 38.39
N VAL C 11 -21.22 15.25 38.03
CA VAL C 11 -21.05 16.01 36.80
C VAL C 11 -21.18 17.50 37.13
N PRO C 12 -20.59 18.38 36.29
CA PRO C 12 -20.89 19.81 36.43
C PRO C 12 -22.37 20.09 36.14
N GLU C 13 -22.90 21.17 36.71
CA GLU C 13 -24.33 21.49 36.57
C GLU C 13 -24.76 21.69 35.11
N THR C 14 -23.83 22.05 34.23
CA THR C 14 -24.11 22.15 32.80
C THR C 14 -24.58 20.83 32.16
N LEU C 15 -24.16 19.69 32.72
CA LEU C 15 -24.61 18.36 32.26
C LEU C 15 -25.80 17.79 33.04
N VAL C 16 -26.16 18.39 34.17
CA VAL C 16 -27.31 17.93 34.96
C VAL C 16 -28.61 18.05 34.16
N GLY C 17 -28.80 19.17 33.46
CA GLY C 17 -29.96 19.39 32.62
C GLY C 17 -30.10 18.36 31.50
N PRO C 18 -29.05 18.23 30.66
CA PRO C 18 -29.02 17.20 29.62
C PRO C 18 -29.24 15.77 30.11
N LEU C 19 -28.57 15.39 31.20
CA LEU C 19 -28.73 14.05 31.78
C LEU C 19 -30.14 13.80 32.31
N LYS C 20 -30.79 14.85 32.81
CA LYS C 20 -32.19 14.76 33.26
C LYS C 20 -33.12 14.51 32.08
N GLU C 21 -32.90 15.25 31.00
CA GLU C 21 -33.65 15.05 29.75
C GLU C 21 -33.40 13.65 29.16
N LEU C 22 -32.16 13.16 29.27
CA LEU C 22 -31.83 11.81 28.84
C LEU C 22 -32.60 10.75 29.63
N GLU C 23 -32.64 10.91 30.95
CA GLU C 23 -33.38 9.98 31.81
C GLU C 23 -34.88 9.98 31.49
N LYS C 24 -35.46 11.18 31.36
CA LYS C 24 -36.89 11.31 31.07
C LYS C 24 -37.24 10.70 29.72
N ALA C 25 -36.47 11.02 28.69
CA ALA C 25 -36.70 10.47 27.36
C ALA C 25 -36.52 8.95 27.35
N TYR C 26 -35.45 8.46 27.98
CA TYR C 26 -35.21 7.02 28.07
C TYR C 26 -36.39 6.29 28.72
N LYS C 27 -36.85 6.81 29.85
CA LYS C 27 -37.95 6.17 30.59
C LYS C 27 -39.28 6.18 29.85
N ARG C 28 -39.51 7.19 28.99
CA ARG C 28 -40.69 7.21 28.12
C ARG C 28 -40.55 6.19 26.99
N PHE C 29 -39.37 6.14 26.37
CA PHE C 29 -39.18 5.28 25.21
C PHE C 29 -39.04 3.80 25.55
N LYS C 30 -38.51 3.48 26.74
CA LYS C 30 -38.37 2.07 27.13
C LYS C 30 -39.72 1.38 27.35
N ASP C 31 -40.77 2.16 27.62
CA ASP C 31 -42.15 1.65 27.67
C ASP C 31 -42.95 1.87 26.38
N ASP C 32 -42.30 2.39 25.33
CA ASP C 32 -42.98 2.76 24.10
C ASP C 32 -42.94 1.61 23.11
N GLU C 33 -44.13 1.12 22.72
CA GLU C 33 -44.24 0.00 21.78
C GLU C 33 -43.52 0.26 20.47
N GLU C 34 -43.62 1.47 19.94
CA GLU C 34 -42.96 1.81 18.67
C GLU C 34 -41.43 1.84 18.80
N PHE C 35 -40.91 2.39 19.89
CA PHE C 35 -39.46 2.35 20.13
C PHE C 35 -38.95 0.91 20.19
N ASN C 36 -39.59 0.10 21.02
CA ASN C 36 -39.19 -1.31 21.19
C ASN C 36 -39.39 -2.14 19.92
N ARG C 37 -40.42 -1.82 19.12
CA ARG C 37 -40.63 -2.47 17.82
C ARG C 37 -39.45 -2.18 16.89
N GLN C 38 -39.12 -0.90 16.72
CA GLN C 38 -38.00 -0.47 15.89
C GLN C 38 -36.66 -1.05 16.33
N LEU C 39 -36.42 -1.03 17.65
CA LEU C 39 -35.17 -1.56 18.23
C LEU C 39 -35.02 -3.07 17.95
N ASN C 40 -36.08 -3.82 18.22
CA ASN C 40 -36.08 -5.27 17.99
C ASN C 40 -35.92 -5.60 16.52
N TYR C 41 -36.57 -4.80 15.67
CA TYR C 41 -36.47 -4.92 14.22
C TYR C 41 -35.01 -4.78 13.75
N TYR C 42 -34.31 -3.76 14.24
CA TYR C 42 -32.87 -3.58 13.90
C TYR C 42 -31.99 -4.66 14.50
N LEU C 43 -32.25 -5.04 15.76
CA LEU C 43 -31.48 -6.12 16.39
C LEU C 43 -31.62 -7.43 15.62
N LYS C 44 -32.84 -7.74 15.17
CA LYS C 44 -33.09 -8.96 14.39
C LYS C 44 -32.48 -8.90 12.99
N THR C 45 -32.97 -7.99 12.16
CA THR C 45 -32.70 -8.04 10.73
C THR C 45 -31.32 -7.49 10.35
N TRP C 46 -30.78 -6.57 11.16
CA TRP C 46 -29.51 -5.91 10.87
C TRP C 46 -28.36 -6.44 11.72
N ALA C 47 -28.60 -6.63 13.02
CA ALA C 47 -27.56 -7.14 13.94
C ALA C 47 -27.50 -8.67 14.00
N GLY C 48 -28.60 -9.33 13.65
CA GLY C 48 -28.67 -10.78 13.59
C GLY C 48 -28.97 -11.48 14.91
N ARG C 49 -29.67 -10.80 15.82
CA ARG C 49 -30.16 -11.46 17.05
C ARG C 49 -31.33 -12.39 16.70
N PRO C 50 -31.52 -13.51 17.41
CA PRO C 50 -30.71 -13.91 18.54
C PRO C 50 -29.42 -14.59 18.10
N THR C 51 -28.41 -14.52 18.94
CA THR C 51 -27.20 -15.30 18.76
C THR C 51 -27.41 -16.67 19.40
N PRO C 52 -26.73 -17.71 18.89
CA PRO C 52 -26.91 -19.04 19.46
C PRO C 52 -26.20 -19.26 20.80
N LEU C 53 -26.68 -20.24 21.56
CA LEU C 53 -25.94 -20.78 22.69
C LEU C 53 -25.29 -22.09 22.24
N TYR C 54 -23.96 -22.09 22.24
CA TYR C 54 -23.18 -23.19 21.66
C TYR C 54 -22.61 -24.07 22.76
N TYR C 55 -22.81 -25.38 22.66
CA TYR C 55 -22.16 -26.34 23.56
C TYR C 55 -20.77 -26.67 23.05
N ALA C 56 -19.75 -26.22 23.77
CA ALA C 56 -18.36 -26.49 23.41
C ALA C 56 -17.96 -27.90 23.86
N LYS C 57 -18.37 -28.89 23.07
CA LYS C 57 -18.20 -30.31 23.44
C LYS C 57 -16.72 -30.70 23.56
N ARG C 58 -15.91 -30.30 22.58
CA ARG C 58 -14.48 -30.63 22.57
C ARG C 58 -13.74 -29.97 23.74
N LEU C 59 -14.02 -28.69 23.98
CA LEU C 59 -13.42 -27.97 25.11
C LEU C 59 -13.83 -28.63 26.43
N THR C 60 -15.13 -28.86 26.58
CA THR C 60 -15.71 -29.55 27.75
C THR C 60 -15.04 -30.89 28.05
N GLU C 61 -15.07 -31.80 27.07
CA GLU C 61 -14.59 -33.18 27.25
C GLU C 61 -13.09 -33.27 27.53
N LYS C 62 -12.33 -32.32 26.98
CA LYS C 62 -10.90 -32.22 27.23
C LYS C 62 -10.62 -32.01 28.73
N ILE C 63 -11.36 -31.08 29.32
CA ILE C 63 -11.26 -30.79 30.75
C ILE C 63 -11.87 -31.91 31.59
N GLY C 64 -13.00 -32.46 31.13
CA GLY C 64 -13.67 -33.57 31.81
C GLY C 64 -14.59 -33.15 32.95
N GLY C 65 -14.75 -31.85 33.14
CA GLY C 65 -15.56 -31.30 34.22
C GLY C 65 -16.85 -30.74 33.66
N ALA C 66 -17.28 -29.59 34.17
CA ALA C 66 -18.56 -28.98 33.80
C ALA C 66 -18.77 -28.80 32.30
N LYS C 67 -20.03 -28.86 31.89
CA LYS C 67 -20.42 -28.52 30.54
C LYS C 67 -20.21 -27.03 30.31
N VAL C 68 -19.40 -26.69 29.31
CA VAL C 68 -19.12 -25.30 28.95
C VAL C 68 -19.93 -24.91 27.73
N TYR C 69 -20.91 -24.04 27.95
CA TYR C 69 -21.68 -23.41 26.87
C TYR C 69 -21.12 -22.02 26.60
N LEU C 70 -21.15 -21.61 25.33
CA LEU C 70 -20.70 -20.29 24.90
C LEU C 70 -21.87 -19.49 24.31
N LYS C 71 -22.19 -18.37 24.93
CA LYS C 71 -23.18 -17.43 24.38
C LYS C 71 -22.46 -16.63 23.29
N ARG C 72 -22.92 -16.78 22.05
CA ARG C 72 -22.13 -16.40 20.87
C ARG C 72 -22.36 -14.96 20.40
N GLU C 73 -21.98 -14.00 21.25
CA GLU C 73 -22.03 -12.58 20.88
C GLU C 73 -20.99 -12.20 19.85
N ASP C 74 -19.98 -13.06 19.67
CA ASP C 74 -19.07 -12.94 18.52
C ASP C 74 -19.77 -12.94 17.15
N LEU C 75 -20.98 -13.48 17.08
CA LEU C 75 -21.74 -13.53 15.83
C LEU C 75 -22.62 -12.31 15.56
N VAL C 76 -22.71 -11.40 16.53
CA VAL C 76 -23.43 -10.15 16.35
C VAL C 76 -22.75 -9.33 15.25
N HIS C 77 -23.56 -8.64 14.45
CA HIS C 77 -23.03 -7.72 13.45
C HIS C 77 -21.99 -6.75 14.04
N GLY C 78 -20.81 -6.71 13.44
CA GLY C 78 -19.69 -5.94 14.00
C GLY C 78 -18.70 -6.80 14.77
N GLY C 79 -19.16 -7.92 15.31
CA GLY C 79 -18.29 -8.92 15.92
C GLY C 79 -18.18 -8.83 17.43
N ALA C 80 -19.09 -8.10 18.07
CA ALA C 80 -19.11 -7.96 19.52
C ALA C 80 -20.49 -7.53 20.02
N HIS C 81 -20.74 -7.80 21.30
CA HIS C 81 -21.96 -7.38 22.00
C HIS C 81 -22.26 -5.88 21.93
N LYS C 82 -21.23 -5.07 21.68
CA LYS C 82 -21.35 -3.60 21.70
C LYS C 82 -22.48 -3.08 20.85
N THR C 83 -22.70 -3.72 19.71
CA THR C 83 -23.77 -3.35 18.78
C THR C 83 -25.14 -3.24 19.45
N ASN C 84 -25.42 -4.12 20.41
CA ASN C 84 -26.70 -4.12 21.12
C ASN C 84 -26.99 -2.76 21.75
N ASN C 85 -25.95 -2.20 22.38
CA ASN C 85 -26.04 -0.91 23.06
C ASN C 85 -25.95 0.26 22.06
N ALA C 86 -25.08 0.14 21.06
CA ALA C 86 -24.97 1.15 20.01
C ALA C 86 -26.32 1.42 19.32
N ILE C 87 -27.03 0.37 18.95
CA ILE C 87 -28.32 0.54 18.27
C ILE C 87 -29.34 1.20 19.19
N GLY C 88 -29.47 0.66 20.40
CA GLY C 88 -30.42 1.18 21.40
C GLY C 88 -30.25 2.66 21.68
N GLN C 89 -29.02 3.08 21.98
CA GLN C 89 -28.74 4.49 22.28
C GLN C 89 -28.85 5.39 21.06
N ALA C 90 -28.36 4.92 19.91
CA ALA C 90 -28.45 5.69 18.66
C ALA C 90 -29.91 5.96 18.29
N LEU C 91 -30.75 4.95 18.44
CA LEU C 91 -32.18 5.08 18.16
C LEU C 91 -32.81 6.09 19.13
N LEU C 92 -32.43 5.99 20.39
CA LEU C 92 -32.86 6.93 21.42
C LEU C 92 -32.42 8.35 21.05
N ALA C 93 -31.15 8.50 20.71
CA ALA C 93 -30.61 9.79 20.25
C ALA C 93 -31.42 10.34 19.08
N LYS C 94 -31.69 9.49 18.09
CA LYS C 94 -32.45 9.90 16.91
C LYS C 94 -33.87 10.32 17.29
N LEU C 95 -34.50 9.57 18.19
CA LEU C 95 -35.86 9.91 18.65
C LEU C 95 -35.91 11.14 19.58
N MET C 96 -34.78 11.48 20.22
CA MET C 96 -34.66 12.73 20.98
C MET C 96 -34.35 13.96 20.12
N GLY C 97 -34.21 13.77 18.81
CA GLY C 97 -33.95 14.87 17.88
C GLY C 97 -32.48 15.25 17.74
N LYS C 98 -31.59 14.39 18.23
CA LYS C 98 -30.15 14.63 18.12
C LYS C 98 -29.68 14.25 16.73
N THR C 99 -28.68 14.97 16.22
CA THR C 99 -28.15 14.75 14.88
C THR C 99 -26.75 14.10 14.87
N ARG C 100 -26.07 14.15 16.02
CA ARG C 100 -24.67 13.76 16.14
C ARG C 100 -24.50 12.74 17.26
N LEU C 101 -23.63 11.76 17.05
CA LEU C 101 -23.21 10.85 18.11
C LEU C 101 -21.72 11.04 18.37
N ILE C 102 -21.34 11.11 19.64
CA ILE C 102 -19.95 10.95 20.03
C ILE C 102 -19.81 9.74 20.93
N ALA C 103 -18.60 9.17 20.95
CA ALA C 103 -18.31 8.00 21.75
C ALA C 103 -16.81 7.86 21.97
N GLU C 104 -16.46 7.37 23.16
CA GLU C 104 -15.11 6.89 23.47
C GLU C 104 -14.91 5.50 22.88
N THR C 105 -13.66 5.12 22.65
CA THR C 105 -13.32 3.73 22.35
C THR C 105 -11.87 3.41 22.72
N GLY C 106 -11.64 2.16 23.13
CA GLY C 106 -10.30 1.65 23.49
C GLY C 106 -9.92 0.53 22.56
N ALA C 107 -10.66 -0.57 22.60
CA ALA C 107 -10.51 -1.65 21.61
C ALA C 107 -10.86 -1.22 20.19
N GLY C 108 -11.66 -0.16 20.06
CA GLY C 108 -12.13 0.31 18.75
C GLY C 108 -13.45 -0.31 18.40
N GLN C 109 -13.92 -1.26 19.21
CA GLN C 109 -15.07 -2.07 18.87
C GLN C 109 -16.35 -1.27 19.12
N HIS C 110 -16.36 -0.51 20.21
CA HIS C 110 -17.46 0.41 20.48
C HIS C 110 -17.49 1.53 19.47
N GLY C 111 -16.31 1.99 19.07
CA GLY C 111 -16.16 2.96 17.99
C GLY C 111 -16.78 2.46 16.70
N VAL C 112 -16.48 1.20 16.35
CA VAL C 112 -17.03 0.58 15.13
C VAL C 112 -18.54 0.40 15.25
N ALA C 113 -19.01 -0.15 16.38
CA ALA C 113 -20.45 -0.35 16.60
C ALA C 113 -21.24 0.95 16.51
N THR C 114 -20.72 2.01 17.14
CA THR C 114 -21.33 3.34 17.05
C THR C 114 -21.31 3.89 15.63
N ALA C 115 -20.17 3.76 14.96
CA ALA C 115 -20.07 4.12 13.54
C ALA C 115 -21.09 3.37 12.69
N MET C 116 -21.27 2.09 12.96
CA MET C 116 -22.23 1.25 12.22
C MET C 116 -23.66 1.70 12.45
N ALA C 117 -24.02 1.88 13.72
CA ALA C 117 -25.35 2.34 14.11
C ALA C 117 -25.65 3.75 13.59
N GLY C 118 -24.64 4.60 13.57
CA GLY C 118 -24.76 5.94 13.00
C GLY C 118 -25.06 5.92 11.52
N ALA C 119 -24.32 5.09 10.78
CA ALA C 119 -24.57 4.91 9.34
C ALA C 119 -25.99 4.38 9.09
N LEU C 120 -26.38 3.36 9.84
CA LEU C 120 -27.70 2.75 9.76
C LEU C 120 -28.82 3.78 9.91
N LEU C 121 -28.67 4.66 10.90
CA LEU C 121 -29.73 5.57 11.31
C LEU C 121 -29.56 7.01 10.81
N GLY C 122 -28.52 7.24 10.00
CA GLY C 122 -28.27 8.57 9.43
C GLY C 122 -27.82 9.59 10.45
N MET C 123 -26.99 9.14 11.39
CA MET C 123 -26.44 9.98 12.45
C MET C 123 -24.94 10.13 12.19
N LYS C 124 -24.42 11.33 12.37
CA LYS C 124 -23.00 11.58 12.18
C LYS C 124 -22.26 11.18 13.45
N VAL C 125 -21.02 10.71 13.28
CA VAL C 125 -20.30 10.04 14.36
C VAL C 125 -18.86 10.57 14.47
N ASP C 126 -18.54 11.12 15.64
CA ASP C 126 -17.16 11.43 16.01
C ASP C 126 -16.72 10.48 17.13
N ILE C 127 -15.57 9.84 16.96
CA ILE C 127 -15.07 8.88 17.92
C ILE C 127 -13.80 9.44 18.55
N TYR C 128 -13.78 9.52 19.88
CA TYR C 128 -12.57 9.87 20.62
C TYR C 128 -11.81 8.61 21.00
N MET C 129 -10.52 8.58 20.66
CA MET C 129 -9.71 7.38 20.83
C MET C 129 -8.27 7.74 21.18
N GLY C 130 -7.69 6.98 22.10
CA GLY C 130 -6.31 7.21 22.54
C GLY C 130 -5.30 6.76 21.50
N ALA C 131 -4.23 7.53 21.35
CA ALA C 131 -3.20 7.26 20.34
C ALA C 131 -2.62 5.85 20.44
N GLU C 132 -2.36 5.38 21.65
CA GLU C 132 -1.85 4.03 21.87
C GLU C 132 -2.81 2.96 21.35
N ASP C 133 -4.11 3.17 21.58
CA ASP C 133 -5.15 2.28 21.07
C ASP C 133 -5.34 2.41 19.55
N VAL C 134 -5.11 3.61 19.02
CA VAL C 134 -5.11 3.82 17.57
C VAL C 134 -4.07 2.92 16.89
N GLU C 135 -2.90 2.79 17.51
CA GLU C 135 -1.83 1.95 16.95
C GLU C 135 -2.15 0.45 17.04
N ARG C 136 -2.63 -0.01 18.20
CA ARG C 136 -2.76 -1.46 18.46
C ARG C 136 -4.09 -2.08 18.04
N GLN C 137 -5.00 -1.26 17.53
CA GLN C 137 -6.25 -1.74 16.93
C GLN C 137 -6.52 -1.00 15.61
N LYS C 138 -5.46 -0.86 14.80
CA LYS C 138 -5.49 -0.05 13.56
C LYS C 138 -6.55 -0.52 12.57
N MET C 139 -6.84 -1.82 12.58
CA MET C 139 -7.91 -2.40 11.78
C MET C 139 -9.26 -1.72 12.08
N ASN C 140 -9.58 -1.56 13.37
CA ASN C 140 -10.81 -0.90 13.77
C ASN C 140 -10.84 0.61 13.46
N VAL C 141 -9.68 1.25 13.44
CA VAL C 141 -9.55 2.64 13.00
C VAL C 141 -9.97 2.78 11.54
N PHE C 142 -9.52 1.88 10.67
N PHE C 142 -9.49 1.87 10.70
CA PHE C 142 -9.91 1.93 9.27
CA PHE C 142 -9.85 1.82 9.28
C PHE C 142 -11.36 1.54 9.05
C PHE C 142 -11.33 1.55 9.09
N ARG C 143 -11.85 0.58 9.84
CA ARG C 143 -13.28 0.24 9.80
CA ARG C 143 -13.27 0.25 9.76
C ARG C 143 -14.14 1.47 10.07
N MET C 144 -13.81 2.18 11.15
CA MET C 144 -14.52 3.40 11.51
C MET C 144 -14.50 4.43 10.37
N LYS C 145 -13.34 4.63 9.76
CA LYS C 145 -13.20 5.51 8.59
C LYS C 145 -14.10 5.10 7.44
N LEU C 146 -14.07 3.82 7.09
CA LEU C 146 -14.90 3.27 6.03
C LEU C 146 -16.39 3.48 6.31
N LEU C 147 -16.76 3.40 7.58
CA LEU C 147 -18.17 3.57 7.99
C LEU C 147 -18.60 5.03 8.07
N GLY C 148 -17.68 5.97 7.84
CA GLY C 148 -17.99 7.38 7.77
C GLY C 148 -17.95 8.10 9.11
N ALA C 149 -17.25 7.52 10.08
CA ALA C 149 -17.03 8.16 11.38
C ALA C 149 -15.71 8.94 11.39
N ASN C 150 -15.67 9.98 12.20
CA ASN C 150 -14.48 10.81 12.36
C ASN C 150 -13.72 10.33 13.60
N VAL C 151 -12.55 9.72 13.39
CA VAL C 151 -11.72 9.23 14.49
C VAL C 151 -10.79 10.35 14.96
N ILE C 152 -10.96 10.77 16.22
CA ILE C 152 -10.19 11.87 16.80
C ILE C 152 -9.15 11.30 17.75
N PRO C 153 -7.84 11.47 17.43
CA PRO C 153 -6.83 10.99 18.37
C PRO C 153 -6.85 11.79 19.68
N VAL C 154 -6.53 11.11 20.79
CA VAL C 154 -6.41 11.74 22.10
C VAL C 154 -4.97 11.52 22.60
N ASN C 155 -4.28 12.63 22.87
CA ASN C 155 -2.85 12.61 23.21
C ASN C 155 -2.58 12.74 24.71
N SER C 156 -3.62 13.01 25.50
CA SER C 156 -3.49 13.29 26.93
C SER C 156 -3.17 12.04 27.75
N GLY C 157 -2.53 12.26 28.90
CA GLY C 157 -2.36 11.23 29.94
C GLY C 157 -1.71 9.96 29.46
N SER C 158 -2.40 8.84 29.65
CA SER C 158 -1.93 7.54 29.18
C SER C 158 -2.25 7.29 27.70
N ARG C 159 -2.81 8.29 27.01
CA ARG C 159 -3.15 8.20 25.59
C ARG C 159 -4.09 7.03 25.37
N THR C 160 -5.10 6.95 26.23
CA THR C 160 -5.97 5.77 26.32
C THR C 160 -7.42 6.15 26.67
N LEU C 161 -8.23 5.10 26.76
CA LEU C 161 -9.63 5.16 27.13
C LEU C 161 -10.02 6.22 28.13
N LYS C 162 -9.36 6.26 29.29
CA LYS C 162 -9.72 7.21 30.35
C LYS C 162 -9.65 8.66 29.84
N ASP C 163 -8.64 8.95 29.03
CA ASP C 163 -8.46 10.27 28.44
C ASP C 163 -9.46 10.52 27.31
N ALA C 164 -9.75 9.49 26.53
CA ALA C 164 -10.80 9.59 25.50
C ALA C 164 -12.16 9.95 26.10
N ILE C 165 -12.50 9.32 27.23
CA ILE C 165 -13.74 9.62 27.94
C ILE C 165 -13.75 11.07 28.44
N ASN C 166 -12.61 11.51 28.97
CA ASN C 166 -12.45 12.90 29.39
C ASN C 166 -12.66 13.88 28.24
N GLU C 167 -12.04 13.58 27.09
CA GLU C 167 -12.22 14.42 25.89
C GLU C 167 -13.67 14.41 25.40
N ALA C 168 -14.31 13.24 25.47
CA ALA C 168 -15.70 13.08 25.05
C ALA C 168 -16.66 13.87 25.95
N LEU C 169 -16.47 13.77 27.26
CA LEU C 169 -17.29 14.52 28.22
C LEU C 169 -17.13 16.04 28.03
N ARG C 170 -15.91 16.49 27.77
CA ARG C 170 -15.64 17.91 27.47
C ARG C 170 -16.33 18.35 26.17
N ASP C 171 -16.35 17.46 25.17
CA ASP C 171 -17.12 17.69 23.94
C ASP C 171 -18.61 17.79 24.25
N TRP C 172 -19.14 16.82 25.01
CA TRP C 172 -20.56 16.77 25.29
C TRP C 172 -21.06 17.98 26.07
N VAL C 173 -20.25 18.45 27.02
CA VAL C 173 -20.50 19.70 27.75
C VAL C 173 -20.79 20.87 26.79
N ALA C 174 -20.05 20.92 25.69
CA ALA C 174 -20.22 21.99 24.69
C ALA C 174 -21.37 21.73 23.71
N THR C 175 -21.57 20.46 23.32
CA THR C 175 -22.40 20.12 22.15
C THR C 175 -23.69 19.36 22.44
N PHE C 176 -24.07 19.23 23.71
CA PHE C 176 -25.21 18.39 24.13
C PHE C 176 -26.57 18.70 23.46
N GLU C 177 -26.75 19.93 22.99
CA GLU C 177 -28.01 20.35 22.36
C GLU C 177 -28.39 19.49 21.13
N TYR C 178 -27.40 19.13 20.33
CA TYR C 178 -27.60 18.31 19.12
C TYR C 178 -26.83 16.97 19.12
N THR C 179 -25.96 16.78 20.12
CA THR C 179 -25.10 15.60 20.21
C THR C 179 -25.51 14.72 21.38
N HIS C 180 -25.67 13.43 21.12
CA HIS C 180 -25.80 12.42 22.17
C HIS C 180 -24.43 11.78 22.43
N TYR C 181 -24.02 11.72 23.69
CA TYR C 181 -22.82 10.98 24.07
C TYR C 181 -23.17 9.50 24.26
N LEU C 182 -22.73 8.69 23.31
CA LEU C 182 -23.05 7.27 23.30
C LEU C 182 -21.95 6.51 24.04
N ILE C 183 -22.11 6.40 25.36
CA ILE C 183 -21.15 5.69 26.21
C ILE C 183 -21.23 4.18 25.94
N GLY C 184 -20.06 3.54 25.94
CA GLY C 184 -19.91 2.16 25.47
C GLY C 184 -19.84 1.06 26.51
N SER C 185 -19.94 1.41 27.78
CA SER C 185 -20.06 0.40 28.82
C SER C 185 -20.94 0.90 29.96
N VAL C 186 -21.10 0.09 30.99
CA VAL C 186 -22.01 0.42 32.10
C VAL C 186 -21.35 1.37 33.08
N VAL C 187 -20.84 2.49 32.55
CA VAL C 187 -20.05 3.43 33.32
C VAL C 187 -20.60 4.83 33.05
N GLY C 188 -20.00 5.82 33.70
CA GLY C 188 -20.42 7.21 33.53
C GLY C 188 -21.53 7.56 34.50
N PRO C 189 -22.01 8.81 34.42
CA PRO C 189 -23.06 9.26 35.32
C PRO C 189 -24.40 8.63 34.96
N HIS C 190 -25.27 8.49 35.96
CA HIS C 190 -26.66 8.07 35.73
C HIS C 190 -27.24 8.98 34.64
N PRO C 191 -27.98 8.44 33.67
CA PRO C 191 -28.54 7.09 33.69
C PRO C 191 -27.79 6.07 32.83
N TYR C 192 -26.54 6.34 32.50
CA TYR C 192 -25.82 5.49 31.55
C TYR C 192 -25.59 4.05 32.02
N PRO C 193 -25.13 3.85 33.28
CA PRO C 193 -25.00 2.46 33.76
C PRO C 193 -26.28 1.64 33.63
N THR C 194 -27.43 2.26 33.90
CA THR C 194 -28.71 1.57 33.76
C THR C 194 -29.08 1.33 32.29
N ILE C 195 -28.96 2.37 31.46
CA ILE C 195 -29.34 2.29 30.05
C ILE C 195 -28.55 1.22 29.32
N VAL C 196 -27.23 1.22 29.51
CA VAL C 196 -26.37 0.28 28.82
C VAL C 196 -26.68 -1.15 29.29
N ARG C 197 -26.84 -1.33 30.59
CA ARG C 197 -27.24 -2.63 31.13
C ARG C 197 -28.57 -3.10 30.57
N ASP C 198 -29.55 -2.22 30.50
CA ASP C 198 -30.85 -2.56 29.91
C ASP C 198 -30.75 -2.99 28.45
N PHE C 199 -29.95 -2.28 27.65
CA PHE C 199 -29.77 -2.64 26.24
C PHE C 199 -28.92 -3.91 26.03
N GLN C 200 -28.13 -4.29 27.03
CA GLN C 200 -27.38 -5.56 26.96
C GLN C 200 -28.09 -6.77 27.58
N SER C 201 -29.16 -6.54 28.35
N SER C 201 -29.15 -6.55 28.35
CA SER C 201 -29.85 -7.61 29.07
CA SER C 201 -29.80 -7.65 29.07
C SER C 201 -30.44 -8.68 28.14
C SER C 201 -30.46 -8.69 28.14
N VAL C 202 -30.72 -8.30 26.89
CA VAL C 202 -31.17 -9.23 25.84
C VAL C 202 -30.27 -10.47 25.73
N ILE C 203 -28.97 -10.28 25.92
CA ILE C 203 -28.02 -11.39 25.97
C ILE C 203 -28.45 -12.42 27.01
N GLY C 204 -28.69 -11.97 28.24
CA GLY C 204 -29.07 -12.86 29.33
C GLY C 204 -30.45 -13.47 29.17
N ARG C 205 -31.38 -12.70 28.61
CA ARG C 205 -32.74 -13.20 28.37
C ARG C 205 -32.72 -14.32 27.34
N GLU C 206 -31.94 -14.16 26.28
CA GLU C 206 -31.78 -15.23 25.27
C GLU C 206 -31.10 -16.45 25.87
N ALA C 207 -29.99 -16.23 26.58
CA ALA C 207 -29.22 -17.34 27.16
C ALA C 207 -30.01 -18.17 28.18
N LYS C 208 -30.81 -17.49 29.00
CA LYS C 208 -31.71 -18.20 29.93
C LYS C 208 -32.68 -19.14 29.19
N ALA C 209 -33.31 -18.63 28.13
CA ALA C 209 -34.25 -19.44 27.35
C ALA C 209 -33.52 -20.58 26.65
N GLN C 210 -32.35 -20.28 26.12
CA GLN C 210 -31.56 -21.26 25.38
C GLN C 210 -31.01 -22.38 26.25
N ILE C 211 -30.51 -22.04 27.45
CA ILE C 211 -30.02 -23.06 28.37
C ILE C 211 -31.15 -23.91 28.96
N LEU C 212 -32.31 -23.29 29.19
CA LEU C 212 -33.50 -24.06 29.58
C LEU C 212 -33.91 -25.06 28.49
N GLU C 213 -33.83 -24.65 27.22
CA GLU C 213 -34.13 -25.57 26.11
C GLU C 213 -33.10 -26.70 25.99
N ALA C 214 -31.81 -26.37 26.13
CA ALA C 214 -30.74 -27.35 25.98
C ALA C 214 -30.65 -28.33 27.15
N GLU C 215 -30.73 -27.82 28.38
CA GLU C 215 -30.45 -28.62 29.58
C GLU C 215 -31.65 -28.85 30.50
N GLY C 216 -32.76 -28.15 30.28
CA GLY C 216 -33.92 -28.26 31.17
C GLY C 216 -33.70 -27.71 32.57
N GLN C 217 -32.71 -26.83 32.73
CA GLN C 217 -32.39 -26.24 34.02
C GLN C 217 -31.58 -24.96 33.82
N LEU C 218 -31.57 -24.11 34.85
CA LEU C 218 -30.71 -22.94 34.85
C LEU C 218 -29.26 -23.40 35.05
N PRO C 219 -28.29 -22.59 34.61
CA PRO C 219 -26.89 -22.98 34.72
C PRO C 219 -26.37 -22.81 36.15
N ASP C 220 -25.22 -23.40 36.44
CA ASP C 220 -24.64 -23.31 37.77
C ASP C 220 -23.77 -22.07 37.91
N VAL C 221 -23.04 -21.72 36.86
CA VAL C 221 -22.21 -20.52 36.85
C VAL C 221 -22.34 -19.80 35.51
N ILE C 222 -22.39 -18.46 35.56
CA ILE C 222 -22.24 -17.64 34.38
C ILE C 222 -20.91 -16.88 34.52
N VAL C 223 -20.07 -16.99 33.50
CA VAL C 223 -18.75 -16.36 33.50
C VAL C 223 -18.68 -15.34 32.38
N ALA C 224 -18.29 -14.11 32.70
CA ALA C 224 -18.16 -13.04 31.72
C ALA C 224 -16.96 -12.18 32.08
N CYS C 225 -16.22 -11.73 31.06
CA CYS C 225 -15.13 -10.80 31.27
C CYS C 225 -15.69 -9.42 31.63
N VAL C 226 -14.93 -8.66 32.41
CA VAL C 226 -15.37 -7.35 32.90
C VAL C 226 -14.30 -6.34 32.55
N GLY C 227 -14.62 -5.43 31.62
CA GLY C 227 -13.86 -4.22 31.38
C GLY C 227 -14.53 -3.14 32.18
N GLY C 228 -15.46 -2.42 31.55
CA GLY C 228 -16.37 -1.54 32.27
C GLY C 228 -17.53 -2.32 32.87
N GLY C 229 -17.91 -3.41 32.21
CA GLY C 229 -18.89 -4.37 32.73
C GLY C 229 -20.17 -4.61 31.94
N SER C 230 -20.26 -4.12 30.70
CA SER C 230 -21.53 -4.17 29.96
C SER C 230 -21.95 -5.57 29.49
N ASN C 231 -21.02 -6.34 28.95
CA ASN C 231 -21.37 -7.71 28.49
C ASN C 231 -21.70 -8.61 29.69
N ALA C 232 -20.99 -8.40 30.80
CA ALA C 232 -21.25 -9.14 32.03
C ALA C 232 -22.62 -8.81 32.62
N MET C 233 -22.94 -7.53 32.73
CA MET C 233 -24.27 -7.12 33.23
C MET C 233 -25.37 -7.64 32.32
N GLY C 234 -25.16 -7.51 31.01
CA GLY C 234 -26.08 -8.03 30.02
C GLY C 234 -26.45 -9.49 30.25
N ILE C 235 -25.44 -10.34 30.42
CA ILE C 235 -25.69 -11.75 30.66
C ILE C 235 -26.13 -12.05 32.11
N PHE C 236 -25.60 -11.32 33.10
CA PHE C 236 -25.95 -11.54 34.51
C PHE C 236 -27.39 -11.16 34.83
N TYR C 237 -27.81 -9.98 34.36
CA TYR C 237 -28.98 -9.30 34.94
C TYR C 237 -30.25 -10.14 34.98
N PRO C 238 -30.56 -10.87 33.88
CA PRO C 238 -31.78 -11.68 33.94
C PRO C 238 -31.71 -12.90 34.88
N PHE C 239 -30.51 -13.24 35.37
CA PHE C 239 -30.34 -14.30 36.37
C PHE C 239 -30.17 -13.82 37.82
N VAL C 240 -30.17 -12.52 38.07
CA VAL C 240 -29.80 -12.01 39.41
C VAL C 240 -30.73 -12.52 40.50
N ASN C 241 -32.01 -12.66 40.20
CA ASN C 241 -32.99 -13.19 41.18
C ASN C 241 -33.11 -14.73 41.16
N ASP C 242 -32.23 -15.42 40.42
CA ASP C 242 -32.17 -16.88 40.45
C ASP C 242 -31.00 -17.31 41.35
N LYS C 243 -31.33 -17.64 42.60
CA LYS C 243 -30.32 -17.92 43.64
C LYS C 243 -29.35 -19.05 43.30
N LYS C 244 -29.83 -20.01 42.51
CA LYS C 244 -29.01 -21.13 42.03
C LYS C 244 -27.75 -20.69 41.26
N VAL C 245 -27.87 -19.62 40.49
CA VAL C 245 -26.88 -19.28 39.47
C VAL C 245 -25.80 -18.38 40.05
N LYS C 246 -24.59 -18.93 40.14
CA LYS C 246 -23.43 -18.13 40.53
CA LYS C 246 -23.41 -18.15 40.52
C LYS C 246 -23.02 -17.23 39.37
N LEU C 247 -22.60 -16.01 39.69
CA LEU C 247 -22.20 -15.03 38.69
C LEU C 247 -20.73 -14.69 38.93
N VAL C 248 -19.90 -14.86 37.90
CA VAL C 248 -18.46 -14.60 38.01
C VAL C 248 -18.01 -13.64 36.92
N GLY C 249 -17.50 -12.48 37.36
CA GLY C 249 -16.87 -11.53 36.47
C GLY C 249 -15.36 -11.75 36.45
N VAL C 250 -14.78 -11.71 35.26
CA VAL C 250 -13.34 -11.93 35.11
C VAL C 250 -12.69 -10.63 34.63
N GLU C 251 -11.93 -10.00 35.52
CA GLU C 251 -11.23 -8.76 35.21
C GLU C 251 -9.86 -9.07 34.58
N ALA C 252 -9.21 -8.05 34.05
CA ALA C 252 -7.92 -8.18 33.40
C ALA C 252 -6.81 -8.15 34.44
N GLY C 253 -6.19 -9.31 34.67
CA GLY C 253 -5.07 -9.44 35.58
C GLY C 253 -3.74 -8.95 35.03
N GLY C 254 -3.67 -8.70 33.73
CA GLY C 254 -2.52 -8.05 33.11
C GLY C 254 -1.24 -8.82 33.34
N LYS C 255 -0.24 -8.16 33.91
CA LYS C 255 1.03 -8.79 34.29
C LYS C 255 1.02 -9.38 35.71
N GLY C 256 -0.15 -9.43 36.35
CA GLY C 256 -0.29 -9.97 37.70
C GLY C 256 -0.97 -8.96 38.60
N LEU C 257 -1.80 -9.44 39.53
CA LEU C 257 -2.53 -8.54 40.44
C LEU C 257 -1.63 -7.74 41.38
N GLU C 258 -0.46 -8.28 41.70
CA GLU C 258 0.53 -7.58 42.53
C GLU C 258 1.42 -6.61 41.73
N SER C 259 1.33 -6.66 40.39
CA SER C 259 2.23 -5.93 39.50
C SER C 259 1.94 -4.43 39.33
N GLY C 260 0.70 -4.02 39.53
CA GLY C 260 0.25 -2.70 39.05
C GLY C 260 0.41 -2.52 37.53
N LYS C 261 0.26 -3.61 36.79
CA LYS C 261 0.06 -3.56 35.35
C LYS C 261 -1.15 -4.44 35.09
N HIS C 262 -2.31 -3.91 35.45
CA HIS C 262 -3.57 -4.64 35.33
C HIS C 262 -4.74 -3.66 35.35
N SER C 263 -5.96 -4.18 35.24
CA SER C 263 -7.17 -3.36 35.22
C SER C 263 -8.24 -3.90 36.17
N ALA C 264 -7.82 -4.76 37.11
CA ALA C 264 -8.73 -5.40 38.06
C ALA C 264 -9.20 -4.47 39.17
N SER C 265 -10.15 -3.60 38.82
CA SER C 265 -10.63 -2.55 39.72
C SER C 265 -11.37 -3.10 40.92
N LEU C 266 -12.21 -4.11 40.69
CA LEU C 266 -12.96 -4.75 41.77
C LEU C 266 -12.04 -5.54 42.70
N ASN C 267 -11.06 -6.25 42.14
CA ASN C 267 -10.16 -7.09 42.94
C ASN C 267 -9.19 -6.24 43.78
N ALA C 268 -8.56 -5.27 43.15
CA ALA C 268 -7.43 -4.55 43.74
C ALA C 268 -7.58 -3.03 43.75
N GLY C 269 -8.77 -2.53 43.41
CA GLY C 269 -9.03 -1.09 43.41
C GLY C 269 -9.66 -0.60 44.69
N GLN C 270 -9.71 0.72 44.83
CA GLN C 270 -10.30 1.37 45.98
C GLN C 270 -11.50 2.17 45.46
N VAL C 271 -12.40 2.51 46.38
CA VAL C 271 -13.55 3.33 46.02
C VAL C 271 -13.04 4.71 45.58
N GLY C 272 -13.71 5.28 44.57
CA GLY C 272 -13.32 6.57 44.02
C GLY C 272 -14.41 7.15 43.14
N VAL C 273 -14.22 8.41 42.74
CA VAL C 273 -15.11 9.08 41.81
C VAL C 273 -14.31 9.56 40.62
N SER C 274 -14.71 9.11 39.43
CA SER C 274 -14.20 9.61 38.17
C SER C 274 -15.24 9.36 37.09
N HIS C 275 -15.12 10.10 36.00
CA HIS C 275 -16.04 9.99 34.87
C HIS C 275 -17.52 9.96 35.29
N GLY C 276 -17.87 10.74 36.31
CA GLY C 276 -19.25 10.92 36.74
C GLY C 276 -19.85 9.86 37.65
N MET C 277 -19.03 8.90 38.10
CA MET C 277 -19.56 7.78 38.88
C MET C 277 -18.74 7.50 40.13
N LEU C 278 -19.43 7.04 41.16
CA LEU C 278 -18.81 6.45 42.33
C LEU C 278 -18.73 4.94 42.14
N SER C 279 -17.50 4.43 42.03
CA SER C 279 -17.27 3.00 41.83
C SER C 279 -15.84 2.66 42.29
N TYR C 280 -15.34 1.49 41.87
CA TYR C 280 -13.96 1.10 42.16
C TYR C 280 -13.02 1.54 41.04
N PHE C 281 -11.94 2.21 41.44
CA PHE C 281 -10.88 2.63 40.52
C PHE C 281 -9.52 2.22 41.08
N LEU C 282 -8.63 1.80 40.20
CA LEU C 282 -7.24 1.55 40.57
C LEU C 282 -6.61 2.89 40.93
N GLN C 283 -5.97 2.94 42.09
CA GLN C 283 -5.29 4.15 42.52
C GLN C 283 -4.03 3.84 43.30
N ASP C 284 -3.14 4.82 43.37
CA ASP C 284 -1.87 4.68 44.07
C ASP C 284 -2.05 5.02 45.55
N GLU C 285 -0.97 4.96 46.32
CA GLU C 285 -0.99 5.28 47.75
C GLU C 285 -1.33 6.75 48.05
N GLU C 286 -1.12 7.63 47.08
CA GLU C 286 -1.49 9.06 47.22
C GLU C 286 -2.94 9.35 46.76
N GLY C 287 -3.75 8.30 46.57
CA GLY C 287 -5.15 8.47 46.22
C GLY C 287 -5.42 9.03 44.83
N GLN C 288 -4.44 8.89 43.93
CA GLN C 288 -4.57 9.35 42.54
C GLN C 288 -4.85 8.15 41.65
N ILE C 289 -5.67 8.34 40.62
CA ILE C 289 -6.04 7.24 39.72
C ILE C 289 -4.81 6.74 38.97
N LYS C 290 -4.68 5.42 38.91
CA LYS C 290 -3.48 4.76 38.42
C LYS C 290 -3.73 4.34 36.97
N PRO C 291 -2.69 4.41 36.11
CA PRO C 291 -2.88 3.84 34.78
C PRO C 291 -3.18 2.34 34.83
N SER C 292 -4.07 1.89 33.95
CA SER C 292 -4.39 0.47 33.84
C SER C 292 -3.58 -0.16 32.72
N HIS C 293 -3.68 -1.48 32.61
CA HIS C 293 -3.13 -2.22 31.48
C HIS C 293 -3.88 -3.54 31.28
N SER C 294 -4.05 -3.92 30.01
CA SER C 294 -4.41 -5.29 29.65
C SER C 294 -3.98 -5.53 28.21
N ILE C 295 -3.63 -6.78 27.92
CA ILE C 295 -3.36 -7.21 26.54
C ILE C 295 -4.64 -7.06 25.70
N ALA C 296 -5.80 -7.25 26.33
CA ALA C 296 -7.10 -7.01 25.70
C ALA C 296 -7.47 -5.54 25.86
N PRO C 297 -7.39 -4.73 24.78
CA PRO C 297 -7.61 -3.29 24.95
C PRO C 297 -8.98 -2.89 25.48
N GLY C 298 -10.00 -3.72 25.23
CA GLY C 298 -11.33 -3.51 25.77
C GLY C 298 -11.47 -3.66 27.27
N LEU C 299 -10.52 -4.35 27.90
CA LEU C 299 -10.49 -4.45 29.36
C LEU C 299 -9.59 -3.39 30.01
N ASP C 300 -8.90 -2.61 29.19
CA ASP C 300 -7.84 -1.72 29.67
C ASP C 300 -8.41 -0.39 30.16
N TYR C 301 -8.96 -0.41 31.36
CA TYR C 301 -9.62 0.75 31.96
C TYR C 301 -9.41 0.68 33.48
N PRO C 302 -9.01 1.79 34.12
CA PRO C 302 -8.74 1.71 35.56
C PRO C 302 -10.00 1.63 36.43
N GLY C 303 -11.16 1.92 35.86
CA GLY C 303 -12.44 1.85 36.59
C GLY C 303 -13.29 0.64 36.28
N VAL C 304 -14.51 0.64 36.79
CA VAL C 304 -15.48 -0.42 36.53
C VAL C 304 -16.88 0.13 36.84
N GLY C 305 -17.90 -0.43 36.22
CA GLY C 305 -19.27 0.06 36.39
C GLY C 305 -19.80 -0.12 37.80
N PRO C 306 -20.61 0.84 38.30
CA PRO C 306 -21.06 0.80 39.70
C PRO C 306 -21.99 -0.34 40.07
N GLU C 307 -22.72 -0.90 39.09
CA GLU C 307 -23.60 -2.04 39.40
C GLU C 307 -22.78 -3.29 39.76
N HIS C 308 -21.56 -3.41 39.22
CA HIS C 308 -20.65 -4.48 39.62
C HIS C 308 -20.06 -4.25 41.00
N ALA C 309 -19.72 -3.01 41.30
CA ALA C 309 -19.34 -2.62 42.66
C ALA C 309 -20.42 -3.06 43.66
N TYR C 310 -21.68 -2.79 43.31
CA TYR C 310 -22.81 -3.19 44.14
C TYR C 310 -22.92 -4.71 44.27
N LEU C 311 -22.91 -5.41 43.15
CA LEU C 311 -23.03 -6.88 43.15
C LEU C 311 -21.90 -7.54 43.95
N LYS C 312 -20.70 -6.97 43.86
CA LYS C 312 -19.58 -7.42 44.70
C LYS C 312 -19.86 -7.21 46.18
N LYS C 313 -20.37 -6.04 46.54
CA LYS C 313 -20.55 -5.66 47.95
C LYS C 313 -21.59 -6.52 48.66
N ILE C 314 -22.69 -6.81 47.98
CA ILE C 314 -23.72 -7.71 48.50
C ILE C 314 -23.38 -9.19 48.31
N GLN C 315 -22.24 -9.46 47.67
CA GLN C 315 -21.76 -10.81 47.38
C GLN C 315 -22.75 -11.64 46.55
N ARG C 316 -23.47 -10.96 45.65
CA ARG C 316 -24.28 -11.65 44.65
C ARG C 316 -23.38 -12.17 43.53
N ALA C 317 -22.31 -11.46 43.24
CA ALA C 317 -21.35 -11.85 42.21
C ALA C 317 -19.95 -11.92 42.79
N GLU C 318 -19.16 -12.88 42.30
CA GLU C 318 -17.74 -13.00 42.63
C GLU C 318 -16.94 -12.41 41.48
N TYR C 319 -15.79 -11.80 41.79
CA TYR C 319 -14.93 -11.24 40.77
C TYR C 319 -13.52 -11.77 40.90
N VAL C 320 -12.99 -12.24 39.77
CA VAL C 320 -11.68 -12.89 39.71
C VAL C 320 -10.88 -12.15 38.65
N ALA C 321 -9.64 -12.57 38.45
CA ALA C 321 -8.83 -12.03 37.37
C ALA C 321 -8.00 -13.11 36.69
N VAL C 322 -7.65 -12.84 35.45
CA VAL C 322 -6.90 -13.74 34.59
C VAL C 322 -5.78 -12.91 33.97
N THR C 323 -4.58 -13.46 33.85
CA THR C 323 -3.43 -12.72 33.30
C THR C 323 -3.48 -12.67 31.77
N ASP C 324 -2.69 -11.75 31.21
CA ASP C 324 -2.47 -11.65 29.76
C ASP C 324 -2.11 -13.03 29.19
N GLU C 325 -1.12 -13.65 29.82
CA GLU C 325 -0.62 -14.97 29.43
C GLU C 325 -1.75 -16.03 29.38
N GLU C 326 -2.54 -16.12 30.45
CA GLU C 326 -3.66 -17.07 30.50
C GLU C 326 -4.74 -16.77 29.45
N ALA C 327 -4.98 -15.49 29.18
CA ALA C 327 -5.93 -15.08 28.14
C ALA C 327 -5.43 -15.48 26.75
N LEU C 328 -4.14 -15.26 26.48
CA LEU C 328 -3.52 -15.68 25.23
C LEU C 328 -3.59 -17.19 25.00
N LYS C 329 -3.34 -17.97 26.05
CA LYS C 329 -3.48 -19.43 25.98
C LYS C 329 -4.92 -19.83 25.65
N ALA C 330 -5.89 -19.16 26.28
CA ALA C 330 -7.31 -19.41 26.02
C ALA C 330 -7.69 -19.05 24.59
N PHE C 331 -7.15 -17.95 24.09
CA PHE C 331 -7.34 -17.50 22.71
C PHE C 331 -6.91 -18.59 21.71
N HIS C 332 -5.71 -19.12 21.90
CA HIS C 332 -5.20 -20.19 21.04
C HIS C 332 -6.00 -21.47 21.24
N GLU C 333 -6.29 -21.80 22.50
CA GLU C 333 -7.03 -23.03 22.83
C GLU C 333 -8.40 -23.09 22.15
N LEU C 334 -9.20 -22.03 22.29
CA LEU C 334 -10.55 -22.04 21.74
C LEU C 334 -10.53 -22.14 20.22
N SER C 335 -9.59 -21.44 19.60
CA SER C 335 -9.39 -21.48 18.15
C SER C 335 -9.18 -22.91 17.64
N ARG C 336 -8.23 -23.61 18.24
CA ARG C 336 -7.85 -24.97 17.84
C ARG C 336 -8.87 -26.04 18.25
N THR C 337 -9.57 -25.81 19.35
CA THR C 337 -10.45 -26.83 19.92
C THR C 337 -11.88 -26.72 19.38
N GLU C 338 -12.37 -25.50 19.18
CA GLU C 338 -13.76 -25.28 18.71
C GLU C 338 -13.90 -24.57 17.36
N GLY C 339 -12.78 -24.15 16.77
CA GLY C 339 -12.82 -23.39 15.53
C GLY C 339 -13.47 -22.02 15.67
N ILE C 340 -13.34 -21.44 16.87
CA ILE C 340 -13.85 -20.12 17.16
C ILE C 340 -12.69 -19.27 17.66
N ILE C 341 -12.34 -18.23 16.91
CA ILE C 341 -11.31 -17.29 17.31
C ILE C 341 -11.98 -16.20 18.16
N PRO C 342 -11.75 -16.21 19.48
CA PRO C 342 -12.40 -15.26 20.37
C PRO C 342 -11.67 -13.93 20.46
N ALA C 343 -12.39 -12.86 20.79
CA ALA C 343 -11.75 -11.61 21.19
C ALA C 343 -10.86 -11.85 22.42
N LEU C 344 -9.77 -11.11 22.52
CA LEU C 344 -8.88 -11.23 23.68
C LEU C 344 -9.58 -10.88 24.99
N GLU C 345 -10.59 -10.01 24.91
CA GLU C 345 -11.43 -9.71 26.06
C GLU C 345 -12.12 -10.99 26.50
N SER C 346 -12.85 -11.59 25.56
CA SER C 346 -13.61 -12.83 25.79
C SER C 346 -12.72 -13.97 26.23
N ALA C 347 -11.50 -14.00 25.70
CA ALA C 347 -10.50 -14.99 26.06
C ALA C 347 -10.24 -15.07 27.57
N HIS C 348 -10.36 -13.95 28.27
CA HIS C 348 -10.26 -13.92 29.73
C HIS C 348 -11.35 -14.75 30.38
N ALA C 349 -12.58 -14.62 29.90
CA ALA C 349 -13.70 -15.42 30.41
C ALA C 349 -13.51 -16.90 30.12
N VAL C 350 -13.04 -17.21 28.90
CA VAL C 350 -12.77 -18.57 28.50
C VAL C 350 -11.66 -19.16 29.38
N ALA C 351 -10.60 -18.39 29.59
CA ALA C 351 -9.47 -18.80 30.45
C ALA C 351 -9.92 -19.17 31.86
N TYR C 352 -10.77 -18.35 32.47
CA TYR C 352 -11.26 -18.65 33.82
C TYR C 352 -12.22 -19.84 33.83
N ALA C 353 -13.11 -19.90 32.84
CA ALA C 353 -14.06 -21.01 32.70
C ALA C 353 -13.35 -22.35 32.64
N MET C 354 -12.20 -22.39 31.97
CA MET C 354 -11.38 -23.59 31.88
C MET C 354 -10.84 -24.03 33.24
N LYS C 355 -10.46 -23.06 34.07
CA LYS C 355 -10.04 -23.35 35.45
C LYS C 355 -11.21 -23.78 36.32
N LEU C 356 -12.32 -23.06 36.23
CA LEU C 356 -13.52 -23.36 37.00
C LEU C 356 -14.11 -24.72 36.64
N ALA C 357 -14.17 -25.03 35.35
CA ALA C 357 -14.69 -26.32 34.87
C ALA C 357 -13.98 -27.53 35.50
N LYS C 358 -12.67 -27.42 35.69
CA LYS C 358 -11.87 -28.48 36.31
C LYS C 358 -12.26 -28.74 37.77
N GLU C 359 -12.83 -27.74 38.43
CA GLU C 359 -13.30 -27.87 39.81
C GLU C 359 -14.80 -28.17 39.94
N MET C 360 -15.46 -28.46 38.82
CA MET C 360 -16.89 -28.74 38.79
C MET C 360 -17.14 -30.12 38.19
N SER C 361 -18.31 -30.68 38.45
CA SER C 361 -18.67 -32.00 37.93
C SER C 361 -19.25 -31.90 36.53
N ARG C 362 -19.26 -33.04 35.82
CA ARG C 362 -19.73 -33.09 34.43
C ARG C 362 -21.22 -32.81 34.25
N ASP C 363 -22.01 -32.98 35.31
CA ASP C 363 -23.44 -32.62 35.29
C ASP C 363 -23.72 -31.15 35.62
N GLU C 364 -22.68 -30.38 35.97
CA GLU C 364 -22.84 -28.95 36.21
C GLU C 364 -22.55 -28.14 34.95
N ILE C 365 -23.12 -26.94 34.89
CA ILE C 365 -23.18 -26.14 33.67
C ILE C 365 -22.56 -24.75 33.87
N ILE C 366 -21.66 -24.40 32.96
CA ILE C 366 -21.08 -23.07 32.87
C ILE C 366 -21.55 -22.45 31.56
N ILE C 367 -22.10 -21.24 31.63
CA ILE C 367 -22.28 -20.42 30.44
C ILE C 367 -21.22 -19.33 30.44
N VAL C 368 -20.40 -19.32 29.40
CA VAL C 368 -19.43 -18.25 29.17
C VAL C 368 -20.02 -17.27 28.17
N ASN C 369 -19.96 -15.98 28.47
CA ASN C 369 -20.32 -14.97 27.49
C ASN C 369 -19.15 -14.78 26.56
N LEU C 370 -19.25 -15.28 25.33
CA LEU C 370 -18.22 -15.03 24.33
C LEU C 370 -18.50 -13.70 23.66
N SER C 371 -17.99 -12.64 24.28
CA SER C 371 -18.41 -11.27 24.00
C SER C 371 -18.04 -10.79 22.60
N GLY C 372 -16.96 -11.31 22.03
CA GLY C 372 -16.59 -10.93 20.67
C GLY C 372 -15.69 -11.91 19.92
N ARG C 373 -15.51 -11.65 18.63
CA ARG C 373 -14.59 -12.43 17.79
C ARG C 373 -13.22 -11.79 17.76
N GLY C 374 -12.21 -12.60 17.48
CA GLY C 374 -10.81 -12.18 17.60
C GLY C 374 -10.12 -11.62 16.37
N ASP C 375 -10.88 -11.28 15.33
CA ASP C 375 -10.30 -10.73 14.09
C ASP C 375 -9.57 -9.42 14.33
N LYS C 376 -10.10 -8.58 15.23
CA LYS C 376 -9.49 -7.29 15.56
C LYS C 376 -8.16 -7.44 16.31
N ASP C 377 -7.96 -8.59 16.96
CA ASP C 377 -6.78 -8.83 17.80
C ASP C 377 -5.61 -9.52 17.09
N LEU C 378 -5.75 -9.80 15.81
CA LEU C 378 -4.74 -10.58 15.09
C LEU C 378 -3.36 -9.91 15.10
N ASP C 379 -3.33 -8.58 14.93
CA ASP C 379 -2.08 -7.81 15.00
C ASP C 379 -1.40 -7.94 16.36
N ILE C 380 -2.20 -7.81 17.43
CA ILE C 380 -1.70 -7.95 18.80
C ILE C 380 -1.13 -9.35 19.03
N VAL C 381 -1.88 -10.35 18.58
CA VAL C 381 -1.50 -11.76 18.78
C VAL C 381 -0.28 -12.11 17.92
N LEU C 382 -0.16 -11.49 16.74
CA LEU C 382 1.02 -11.66 15.90
C LEU C 382 2.28 -11.05 16.54
N LYS C 383 2.12 -9.89 17.19
CA LYS C 383 3.21 -9.25 17.92
C LYS C 383 3.62 -10.06 19.15
N ALA C 384 2.64 -10.58 19.89
CA ALA C 384 2.89 -11.48 21.02
C ALA C 384 3.46 -12.84 20.60
N SER C 385 3.28 -13.21 19.33
CA SER C 385 3.89 -14.43 18.75
C SER C 385 5.21 -14.16 18.01
N GLY C 386 5.90 -13.08 18.37
CA GLY C 386 7.22 -12.79 17.81
C GLY C 386 7.24 -12.27 16.37
N ASN C 387 6.09 -11.82 15.87
CA ASN C 387 5.98 -11.24 14.52
C ASN C 387 6.43 -12.23 13.43
N MET D 1 -24.85 -35.80 -12.10
CA MET D 1 -23.53 -35.53 -12.75
C MET D 1 -23.63 -34.45 -13.81
N TRP D 2 -24.76 -34.40 -14.51
CA TRP D 2 -24.92 -33.56 -15.69
C TRP D 2 -26.02 -32.51 -15.52
N PHE D 3 -25.69 -31.29 -15.95
CA PHE D 3 -26.64 -30.20 -16.04
C PHE D 3 -26.74 -29.80 -17.51
N GLY D 4 -27.63 -30.48 -18.23
CA GLY D 4 -27.65 -30.41 -19.70
C GLY D 4 -26.30 -30.86 -20.23
N GLU D 5 -25.62 -29.96 -20.93
CA GLU D 5 -24.34 -30.28 -21.57
C GLU D 5 -23.11 -29.99 -20.70
N PHE D 6 -23.31 -29.74 -19.41
CA PHE D 6 -22.24 -29.29 -18.51
C PHE D 6 -22.16 -30.18 -17.27
N GLY D 7 -20.94 -30.37 -16.78
CA GLY D 7 -20.68 -31.22 -15.63
C GLY D 7 -19.72 -32.33 -15.96
N GLY D 8 -20.10 -33.56 -15.64
CA GLY D 8 -19.26 -34.73 -15.89
C GLY D 8 -18.26 -35.01 -14.78
N GLN D 9 -17.33 -35.91 -15.07
CA GLN D 9 -16.36 -36.43 -14.11
C GLN D 9 -15.07 -36.76 -14.86
N TYR D 10 -14.43 -35.71 -15.39
CA TYR D 10 -13.29 -35.84 -16.30
C TYR D 10 -11.98 -35.98 -15.53
N VAL D 11 -11.76 -37.16 -14.98
CA VAL D 11 -10.61 -37.45 -14.12
C VAL D 11 -10.00 -38.81 -14.47
N PRO D 12 -8.73 -39.04 -14.10
CA PRO D 12 -8.15 -40.36 -14.30
C PRO D 12 -8.76 -41.40 -13.35
N GLU D 13 -8.64 -42.68 -13.71
CA GLU D 13 -9.24 -43.79 -12.97
C GLU D 13 -8.87 -43.85 -11.48
N THR D 14 -7.70 -43.32 -11.14
CA THR D 14 -7.27 -43.22 -9.74
C THR D 14 -8.19 -42.34 -8.87
N LEU D 15 -8.92 -41.42 -9.49
CA LEU D 15 -9.89 -40.57 -8.78
C LEU D 15 -11.36 -41.01 -8.89
N VAL D 16 -11.66 -41.93 -9.81
CA VAL D 16 -13.06 -42.36 -10.02
C VAL D 16 -13.56 -43.18 -8.82
N GLY D 17 -12.72 -44.07 -8.31
CA GLY D 17 -13.03 -44.84 -7.10
C GLY D 17 -13.38 -43.95 -5.93
N PRO D 18 -12.46 -43.06 -5.51
CA PRO D 18 -12.73 -42.11 -4.42
C PRO D 18 -14.01 -41.28 -4.63
N LEU D 19 -14.19 -40.77 -5.85
CA LEU D 19 -15.38 -39.99 -6.17
C LEU D 19 -16.65 -40.82 -6.08
N LYS D 20 -16.61 -42.06 -6.57
CA LYS D 20 -17.76 -42.96 -6.48
C LYS D 20 -18.11 -43.31 -5.03
N GLU D 21 -17.09 -43.51 -4.19
CA GLU D 21 -17.31 -43.76 -2.76
C GLU D 21 -17.90 -42.54 -2.06
N LEU D 22 -17.52 -41.34 -2.50
CA LEU D 22 -18.13 -40.10 -2.02
C LEU D 22 -19.59 -39.98 -2.48
N GLU D 23 -19.86 -40.37 -3.73
CA GLU D 23 -21.23 -40.41 -4.27
C GLU D 23 -22.14 -41.32 -3.44
N LYS D 24 -21.68 -42.55 -3.21
CA LYS D 24 -22.46 -43.55 -2.46
C LYS D 24 -22.69 -43.11 -1.02
N ALA D 25 -21.64 -42.58 -0.38
CA ALA D 25 -21.75 -42.03 0.95
C ALA D 25 -22.72 -40.85 1.01
N TYR D 26 -22.67 -39.98 0.00
CA TYR D 26 -23.57 -38.84 -0.07
C TYR D 26 -25.03 -39.26 -0.31
N LYS D 27 -25.24 -40.22 -1.20
CA LYS D 27 -26.57 -40.78 -1.41
C LYS D 27 -27.12 -41.38 -0.11
N ARG D 28 -26.26 -42.05 0.65
CA ARG D 28 -26.64 -42.68 1.91
C ARG D 28 -27.01 -41.66 2.99
N PHE D 29 -26.29 -40.54 3.04
CA PHE D 29 -26.43 -39.60 4.14
C PHE D 29 -27.30 -38.37 3.85
N LYS D 30 -27.42 -37.96 2.58
CA LYS D 30 -28.06 -36.66 2.27
C LYS D 30 -29.47 -36.51 2.83
N ASP D 31 -30.24 -37.60 2.82
CA ASP D 31 -31.61 -37.61 3.35
C ASP D 31 -31.72 -38.31 4.71
N ASP D 32 -30.59 -38.70 5.29
CA ASP D 32 -30.56 -39.44 6.56
C ASP D 32 -30.96 -38.51 7.71
N GLU D 33 -31.84 -39.02 8.57
CA GLU D 33 -32.44 -38.23 9.66
C GLU D 33 -31.38 -37.76 10.65
N GLU D 34 -30.48 -38.69 11.03
CA GLU D 34 -29.43 -38.39 12.00
C GLU D 34 -28.38 -37.41 11.45
N PHE D 35 -27.94 -37.63 10.21
CA PHE D 35 -26.99 -36.73 9.57
C PHE D 35 -27.51 -35.30 9.48
N ASN D 36 -28.77 -35.16 9.07
CA ASN D 36 -29.39 -33.84 8.95
C ASN D 36 -29.69 -33.20 10.31
N ARG D 37 -29.98 -34.01 11.32
CA ARG D 37 -30.09 -33.52 12.70
C ARG D 37 -28.76 -32.91 13.14
N GLN D 38 -27.67 -33.64 12.93
CA GLN D 38 -26.33 -33.15 13.28
C GLN D 38 -25.93 -31.90 12.48
N LEU D 39 -26.20 -31.92 11.17
CA LEU D 39 -25.90 -30.77 10.31
C LEU D 39 -26.65 -29.51 10.75
N ASN D 40 -27.96 -29.64 10.97
CA ASN D 40 -28.79 -28.52 11.39
C ASN D 40 -28.40 -28.02 12.78
N TYR D 41 -28.01 -28.94 13.65
CA TYR D 41 -27.53 -28.62 14.99
C TYR D 41 -26.27 -27.73 14.95
N TYR D 42 -25.29 -28.12 14.15
CA TYR D 42 -24.07 -27.33 14.00
C TYR D 42 -24.33 -26.00 13.28
N LEU D 43 -25.14 -26.03 12.22
CA LEU D 43 -25.49 -24.81 11.50
C LEU D 43 -26.17 -23.79 12.43
N LYS D 44 -27.05 -24.27 13.31
CA LYS D 44 -27.75 -23.39 14.26
C LYS D 44 -26.79 -22.91 15.35
N THR D 45 -26.27 -23.84 16.14
CA THR D 45 -25.58 -23.48 17.38
C THR D 45 -24.15 -22.97 17.17
N TRP D 46 -23.44 -23.48 16.16
CA TRP D 46 -22.05 -23.09 15.91
C TRP D 46 -21.93 -22.01 14.83
N ALA D 47 -22.67 -22.17 13.73
CA ALA D 47 -22.61 -21.22 12.61
C ALA D 47 -23.53 -20.01 12.75
N GLY D 48 -24.63 -20.18 13.51
CA GLY D 48 -25.59 -19.09 13.75
C GLY D 48 -26.66 -18.94 12.69
N ARG D 49 -27.05 -20.02 12.04
CA ARG D 49 -28.16 -20.00 11.09
C ARG D 49 -29.47 -20.04 11.89
N PRO D 50 -30.53 -19.39 11.42
CA PRO D 50 -30.59 -18.68 10.16
C PRO D 50 -29.97 -17.29 10.23
N THR D 51 -29.43 -16.80 9.11
CA THR D 51 -29.00 -15.43 8.99
C THR D 51 -30.21 -14.57 8.64
N PRO D 52 -30.17 -13.27 9.00
CA PRO D 52 -31.32 -12.43 8.69
C PRO D 52 -31.40 -12.00 7.23
N LEU D 53 -32.58 -11.55 6.84
CA LEU D 53 -32.79 -10.85 5.59
C LEU D 53 -33.06 -9.38 5.92
N TYR D 54 -32.16 -8.50 5.47
CA TYR D 54 -32.17 -7.10 5.89
C TYR D 54 -32.68 -6.17 4.79
N TYR D 55 -33.67 -5.33 5.11
CA TYR D 55 -34.14 -4.29 4.20
C TYR D 55 -33.20 -3.08 4.23
N ALA D 56 -32.42 -2.90 3.16
CA ALA D 56 -31.48 -1.77 3.07
C ALA D 56 -32.22 -0.51 2.69
N LYS D 57 -32.91 0.07 3.67
CA LYS D 57 -33.87 1.15 3.44
C LYS D 57 -33.20 2.44 2.96
N ARG D 58 -32.07 2.77 3.58
CA ARG D 58 -31.34 4.00 3.27
C ARG D 58 -30.81 3.94 1.84
N LEU D 59 -30.15 2.83 1.49
CA LEU D 59 -29.66 2.60 0.13
C LEU D 59 -30.80 2.58 -0.90
N THR D 60 -31.88 1.88 -0.58
CA THR D 60 -33.09 1.85 -1.41
C THR D 60 -33.61 3.25 -1.74
N GLU D 61 -33.88 4.05 -0.72
CA GLU D 61 -34.46 5.38 -0.90
C GLU D 61 -33.50 6.35 -1.59
N LYS D 62 -32.21 6.15 -1.36
CA LYS D 62 -31.16 6.95 -2.00
C LYS D 62 -31.16 6.73 -3.52
N ILE D 63 -31.23 5.48 -3.95
CA ILE D 63 -31.29 5.14 -5.37
C ILE D 63 -32.66 5.52 -5.93
N GLY D 64 -33.71 5.28 -5.14
CA GLY D 64 -35.06 5.74 -5.48
C GLY D 64 -35.79 4.81 -6.44
N GLY D 65 -35.49 3.52 -6.37
CA GLY D 65 -36.15 2.52 -7.19
C GLY D 65 -36.55 1.33 -6.34
N ALA D 66 -36.29 0.12 -6.82
CA ALA D 66 -36.73 -1.11 -6.16
C ALA D 66 -36.15 -1.28 -4.76
N LYS D 67 -36.89 -2.02 -3.94
CA LYS D 67 -36.44 -2.36 -2.60
C LYS D 67 -35.29 -3.34 -2.66
N VAL D 68 -34.24 -3.03 -1.92
CA VAL D 68 -33.05 -3.86 -1.89
C VAL D 68 -32.98 -4.55 -0.54
N TYR D 69 -33.17 -5.86 -0.55
CA TYR D 69 -32.97 -6.70 0.62
C TYR D 69 -31.61 -7.36 0.50
N LEU D 70 -30.95 -7.54 1.64
CA LEU D 70 -29.64 -8.20 1.71
C LEU D 70 -29.78 -9.46 2.55
N LYS D 71 -29.55 -10.62 1.94
CA LYS D 71 -29.44 -11.87 2.67
C LYS D 71 -28.06 -11.90 3.32
N ARG D 72 -28.06 -11.91 4.65
CA ARG D 72 -26.88 -11.52 5.44
C ARG D 72 -25.96 -12.71 5.76
N GLU D 73 -25.40 -13.32 4.73
CA GLU D 73 -24.40 -14.37 4.92
C GLU D 73 -23.10 -13.86 5.52
N ASP D 74 -22.89 -12.54 5.49
CA ASP D 74 -21.81 -11.90 6.22
C ASP D 74 -21.83 -12.19 7.72
N LEU D 75 -23.00 -12.52 8.27
CA LEU D 75 -23.14 -12.82 9.70
C LEU D 75 -22.90 -14.29 10.05
N VAL D 76 -22.72 -15.16 9.06
CA VAL D 76 -22.41 -16.57 9.34
C VAL D 76 -21.03 -16.62 10.01
N HIS D 77 -20.86 -17.55 10.95
CA HIS D 77 -19.57 -17.74 11.65
C HIS D 77 -18.48 -17.93 10.62
N GLY D 78 -17.41 -17.15 10.76
CA GLY D 78 -16.37 -17.08 9.74
C GLY D 78 -16.47 -15.86 8.86
N GLY D 79 -17.68 -15.34 8.69
CA GLY D 79 -17.91 -14.13 7.91
C GLY D 79 -18.24 -14.36 6.45
N ALA D 80 -18.60 -15.59 6.08
CA ALA D 80 -18.98 -15.89 4.71
C ALA D 80 -19.81 -17.17 4.59
N HIS D 81 -20.58 -17.27 3.52
CA HIS D 81 -21.37 -18.47 3.19
C HIS D 81 -20.59 -19.78 3.16
N1 LLP D 82 -18.30 -14.23 -1.63
C2 LLP D 82 -17.49 -14.45 -0.58
C2' LLP D 82 -17.63 -13.63 0.68
C3 LLP D 82 -16.44 -15.48 -0.67
O3 LLP D 82 -15.59 -15.73 0.36
C4 LLP D 82 -16.33 -16.27 -1.92
C4' LLP D 82 -15.27 -17.34 -2.01
C5 LLP D 82 -17.29 -15.94 -3.00
C6 LLP D 82 -18.22 -14.92 -2.78
C5' LLP D 82 -17.27 -16.63 -4.35
OP4 LLP D 82 -17.44 -18.04 -4.26
P LLP D 82 -18.75 -18.72 -4.88
OP1 LLP D 82 -18.43 -20.19 -4.82
OP2 LLP D 82 -19.85 -18.27 -3.95
OP3 LLP D 82 -18.85 -18.17 -6.28
N LLP D 82 -19.26 -19.70 2.92
CA LLP D 82 -18.40 -20.88 2.79
CB LLP D 82 -16.90 -20.57 2.70
CG LLP D 82 -16.45 -19.44 1.76
CD LLP D 82 -16.53 -19.79 0.28
CE LLP D 82 -15.23 -19.41 -0.46
NZ LLP D 82 -15.06 -17.98 -0.72
C LLP D 82 -18.58 -21.85 3.92
O LLP D 82 -18.47 -23.06 3.73
N THR D 83 -18.81 -21.34 5.12
CA THR D 83 -19.00 -22.18 6.31
C THR D 83 -20.12 -23.23 6.17
N ASN D 84 -21.21 -22.90 5.49
CA ASN D 84 -22.32 -23.85 5.29
C ASN D 84 -21.84 -25.14 4.60
N ASN D 85 -21.02 -24.96 3.57
CA ASN D 85 -20.47 -26.06 2.80
C ASN D 85 -19.34 -26.79 3.53
N ALA D 86 -18.48 -26.03 4.21
CA ALA D 86 -17.40 -26.60 5.01
C ALA D 86 -17.92 -27.54 6.10
N ILE D 87 -18.98 -27.12 6.81
CA ILE D 87 -19.58 -27.93 7.87
C ILE D 87 -20.19 -29.20 7.31
N GLY D 88 -21.02 -29.08 6.28
CA GLY D 88 -21.69 -30.22 5.67
C GLY D 88 -20.74 -31.30 5.18
N GLN D 89 -19.71 -30.89 4.44
CA GLN D 89 -18.71 -31.81 3.91
C GLN D 89 -17.81 -32.40 4.99
N ALA D 90 -17.39 -31.57 5.95
CA ALA D 90 -16.58 -32.06 7.08
C ALA D 90 -17.34 -33.09 7.90
N LEU D 91 -18.63 -32.82 8.13
CA LEU D 91 -19.52 -33.76 8.83
C LEU D 91 -19.68 -35.05 8.03
N LEU D 92 -19.85 -34.92 6.71
CA LEU D 92 -19.90 -36.08 5.82
C LEU D 92 -18.61 -36.88 5.87
N ALA D 93 -17.47 -36.19 5.83
CA ALA D 93 -16.16 -36.83 5.93
C ALA D 93 -15.98 -37.58 7.26
N LYS D 94 -16.43 -36.94 8.34
CA LYS D 94 -16.39 -37.54 9.68
C LYS D 94 -17.20 -38.84 9.75
N LEU D 95 -18.43 -38.79 9.22
CA LEU D 95 -19.32 -39.96 9.22
C LEU D 95 -18.84 -41.06 8.25
N MET D 96 -18.07 -40.67 7.22
CA MET D 96 -17.36 -41.62 6.36
C MET D 96 -16.10 -42.22 6.99
N GLY D 97 -15.76 -41.79 8.20
CA GLY D 97 -14.58 -42.30 8.90
C GLY D 97 -13.26 -41.67 8.49
N LYS D 98 -13.31 -40.54 7.81
CA LYS D 98 -12.09 -39.82 7.44
C LYS D 98 -11.59 -39.07 8.66
N THR D 99 -10.27 -38.97 8.78
CA THR D 99 -9.62 -38.27 9.90
C THR D 99 -9.02 -36.92 9.48
N ARG D 100 -8.91 -36.69 8.18
CA ARG D 100 -8.17 -35.55 7.65
C ARG D 100 -8.97 -34.84 6.55
N LEU D 101 -8.88 -33.52 6.51
CA LEU D 101 -9.44 -32.72 5.43
C LEU D 101 -8.33 -31.99 4.70
N ILE D 102 -8.46 -31.89 3.38
CA ILE D 102 -7.64 -30.98 2.58
C ILE D 102 -8.55 -30.09 1.74
N ALA D 103 -8.05 -28.93 1.37
CA ALA D 103 -8.84 -27.98 0.59
C ALA D 103 -7.99 -26.95 -0.15
N GLU D 104 -8.47 -26.53 -1.31
CA GLU D 104 -7.90 -25.40 -2.03
C GLU D 104 -8.38 -24.09 -1.40
N THR D 105 -7.56 -23.07 -1.51
CA THR D 105 -8.00 -21.71 -1.24
C THR D 105 -7.14 -20.71 -2.04
N GLY D 106 -7.78 -19.64 -2.48
CA GLY D 106 -7.11 -18.51 -3.10
C GLY D 106 -7.25 -17.33 -2.16
N ALA D 107 -8.48 -16.83 -2.05
CA ALA D 107 -8.84 -15.74 -1.15
C ALA D 107 -8.54 -16.04 0.33
N GLY D 108 -8.44 -17.32 0.67
CA GLY D 108 -8.14 -17.73 2.04
C GLY D 108 -9.38 -18.02 2.85
N GLN D 109 -10.55 -17.63 2.34
CA GLN D 109 -11.80 -17.72 3.10
C GLN D 109 -12.31 -19.16 3.20
N HIS D 110 -12.16 -19.94 2.12
CA HIS D 110 -12.52 -21.35 2.17
C HIS D 110 -11.55 -22.14 3.04
N GLY D 111 -10.26 -21.83 2.91
CA GLY D 111 -9.23 -22.44 3.75
C GLY D 111 -9.47 -22.18 5.22
N VAL D 112 -9.87 -20.95 5.55
CA VAL D 112 -10.25 -20.60 6.92
C VAL D 112 -11.52 -21.36 7.34
N ALA D 113 -12.53 -21.39 6.48
CA ALA D 113 -13.76 -22.13 6.76
C ALA D 113 -13.51 -23.63 6.98
N THR D 114 -12.68 -24.21 6.11
CA THR D 114 -12.28 -25.61 6.26
C THR D 114 -11.51 -25.84 7.56
N ALA D 115 -10.62 -24.93 7.92
CA ALA D 115 -9.87 -25.00 9.18
C ALA D 115 -10.80 -24.97 10.39
N MET D 116 -11.80 -24.10 10.36
CA MET D 116 -12.78 -24.01 11.45
C MET D 116 -13.57 -25.30 11.62
N ALA D 117 -14.11 -25.80 10.51
CA ALA D 117 -14.89 -27.03 10.50
C ALA D 117 -14.07 -28.23 10.98
N GLY D 118 -12.82 -28.31 10.52
CA GLY D 118 -11.89 -29.34 10.97
C GLY D 118 -11.59 -29.27 12.46
N ALA D 119 -11.38 -28.06 12.97
CA ALA D 119 -11.17 -27.86 14.39
C ALA D 119 -12.41 -28.25 15.18
N LEU D 120 -13.58 -27.80 14.74
CA LEU D 120 -14.86 -28.14 15.37
C LEU D 120 -15.05 -29.66 15.49
N LEU D 121 -14.83 -30.37 14.39
CA LEU D 121 -15.04 -31.82 14.35
C LEU D 121 -13.79 -32.64 14.69
N GLY D 122 -12.68 -31.97 15.02
CA GLY D 122 -11.51 -32.65 15.55
C GLY D 122 -10.79 -33.47 14.49
N MET D 123 -10.55 -32.85 13.33
CA MET D 123 -9.88 -33.50 12.21
C MET D 123 -8.63 -32.69 11.84
N LYS D 124 -7.63 -33.38 11.28
CA LYS D 124 -6.45 -32.71 10.75
C LYS D 124 -6.83 -31.92 9.50
N VAL D 125 -6.19 -30.77 9.31
CA VAL D 125 -6.49 -29.89 8.17
C VAL D 125 -5.20 -29.38 7.52
N ASP D 126 -5.01 -29.72 6.24
CA ASP D 126 -3.95 -29.15 5.42
C ASP D 126 -4.59 -28.39 4.28
N ILE D 127 -4.29 -27.09 4.19
N ILE D 127 -4.25 -27.10 4.15
CA ILE D 127 -4.89 -26.22 3.16
CA ILE D 127 -4.80 -26.24 3.12
C ILE D 127 -3.88 -25.89 2.07
C ILE D 127 -3.77 -25.91 2.05
N TYR D 128 -4.10 -26.47 0.90
N TYR D 128 -4.12 -26.13 0.79
CA TYR D 128 -3.24 -26.22 -0.25
CA TYR D 128 -3.28 -25.73 -0.33
C TYR D 128 -3.49 -24.83 -0.81
C TYR D 128 -3.72 -24.36 -0.79
N MET D 129 -2.40 -24.08 -1.01
N MET D 129 -2.77 -23.54 -1.22
CA MET D 129 -2.50 -22.68 -1.38
CA MET D 129 -3.07 -22.13 -1.44
C MET D 129 -1.33 -22.28 -2.28
C MET D 129 -2.38 -21.46 -2.63
N GLY D 130 -1.65 -21.67 -3.41
N GLY D 130 -2.67 -20.18 -2.81
CA GLY D 130 -0.63 -21.21 -4.35
CA GLY D 130 -2.10 -19.38 -3.88
C GLY D 130 0.29 -20.18 -3.73
C GLY D 130 -1.27 -18.23 -3.35
N ALA D 131 1.60 -20.44 -3.83
N ALA D 131 0.01 -18.21 -3.71
CA ALA D 131 2.61 -19.56 -3.26
CA ALA D 131 0.98 -17.28 -3.15
C ALA D 131 2.33 -18.09 -3.55
C ALA D 131 0.49 -15.82 -3.18
N GLU D 132 1.73 -17.82 -4.71
N GLU D 132 0.08 -15.36 -4.36
CA GLU D 132 1.37 -16.45 -5.09
CA GLU D 132 -0.39 -13.98 -4.52
C GLU D 132 0.17 -15.97 -4.26
C GLU D 132 -1.63 -13.77 -3.66
N ASP D 133 -0.59 -16.92 -3.74
N ASP D 133 -2.31 -14.87 -3.35
CA ASP D 133 -1.72 -16.60 -2.86
CA ASP D 133 -3.51 -14.84 -2.55
C ASP D 133 -1.23 -16.48 -1.43
C ASP D 133 -3.17 -14.93 -1.06
N VAL D 134 -0.41 -17.44 -1.01
N VAL D 134 -2.01 -15.54 -0.78
CA VAL D 134 0.14 -17.43 0.35
CA VAL D 134 -1.49 -15.60 0.59
C VAL D 134 0.80 -16.09 0.66
C VAL D 134 -1.22 -14.20 1.12
N GLU D 135 1.39 -15.48 -0.36
N GLU D 135 -0.73 -13.33 0.24
CA GLU D 135 2.12 -14.22 -0.18
CA GLU D 135 -0.35 -11.98 0.64
C GLU D 135 1.18 -13.03 -0.14
C GLU D 135 -1.55 -11.05 0.77
N ARG D 136 0.04 -13.14 -0.81
N ARG D 136 -2.45 -11.10 -0.21
CA ARG D 136 -0.91 -12.02 -0.90
CA ARG D 136 -3.54 -10.13 -0.31
C ARG D 136 -2.00 -12.11 0.17
C ARG D 136 -4.69 -10.44 0.66
N GLN D 137 -1.89 -13.10 1.06
N GLN D 137 -4.53 -11.48 1.46
CA GLN D 137 -2.93 -13.35 2.04
CA GLN D 137 -5.59 -11.90 2.35
C GLN D 137 -2.34 -13.75 3.39
C GLN D 137 -5.03 -12.52 3.63
N LYS D 138 -1.35 -13.00 3.85
N LYS D 138 -3.95 -11.92 4.13
CA LYS D 138 -0.63 -13.33 5.08
CA LYS D 138 -3.16 -12.51 5.21
C LYS D 138 -1.58 -13.40 6.27
C LYS D 138 -3.94 -12.72 6.50
N MET D 139 -2.54 -12.50 6.32
N MET D 139 -5.00 -11.95 6.71
CA MET D 139 -3.53 -12.47 7.39
CA MET D 139 -5.84 -12.14 7.89
C MET D 139 -4.30 -13.78 7.45
C MET D 139 -6.30 -13.58 7.94
N ASN D 140 -4.96 -14.13 6.34
N ASN D 140 -6.84 -14.04 6.82
CA ASN D 140 -5.78 -15.34 6.28
CA ASN D 140 -7.32 -15.40 6.71
C ASN D 140 -4.93 -16.59 6.50
C ASN D 140 -6.14 -16.38 6.74
N VAL D 141 -3.65 -16.50 6.16
N VAL D 141 -4.99 -15.93 6.26
CA VAL D 141 -2.71 -17.59 6.45
CA VAL D 141 -3.80 -16.78 6.24
C VAL D 141 -2.53 -17.74 7.96
C VAL D 141 -3.34 -17.13 7.65
N PHE D 142 -2.63 -16.62 8.67
N PHE D 142 -3.36 -16.15 8.55
CA PHE D 142 -2.49 -16.64 10.12
CA PHE D 142 -2.93 -16.36 9.92
C PHE D 142 -3.74 -17.23 10.78
C PHE D 142 -4.06 -16.96 10.74
N ARG D 143 -4.91 -16.78 10.36
N ARG D 143 -5.29 -16.71 10.30
CA ARG D 143 -6.17 -17.33 10.88
CA ARG D 143 -6.44 -17.38 10.89
C ARG D 143 -6.19 -18.86 10.81
C ARG D 143 -6.28 -18.90 10.80
N MET D 144 -5.79 -19.39 9.66
CA MET D 144 -5.65 -20.84 9.44
C MET D 144 -4.66 -21.50 10.41
N LYS D 145 -3.52 -20.86 10.65
CA LYS D 145 -2.55 -21.35 11.65
C LYS D 145 -3.18 -21.36 13.05
N LEU D 146 -3.84 -20.28 13.43
CA LEU D 146 -4.50 -20.18 14.75
C LEU D 146 -5.54 -21.29 14.96
N LEU D 147 -6.25 -21.67 13.89
CA LEU D 147 -7.25 -22.73 13.97
C LEU D 147 -6.63 -24.14 13.93
N GLY D 148 -5.30 -24.23 13.80
CA GLY D 148 -4.58 -25.49 13.90
C GLY D 148 -4.39 -26.21 12.57
N ALA D 149 -4.65 -25.50 11.47
CA ALA D 149 -4.46 -26.05 10.13
C ALA D 149 -3.07 -25.70 9.63
N ASN D 150 -2.59 -26.45 8.65
CA ASN D 150 -1.31 -26.16 7.99
C ASN D 150 -1.57 -25.58 6.61
N VAL D 151 -0.87 -24.50 6.27
CA VAL D 151 -0.94 -23.88 4.95
C VAL D 151 0.28 -24.29 4.13
N ILE D 152 0.05 -24.91 2.98
CA ILE D 152 1.12 -25.46 2.13
C ILE D 152 1.19 -24.67 0.83
N THR D 160 -1.13 -20.53 -7.80
CA THR D 160 -2.43 -19.93 -7.50
C THR D 160 -3.55 -20.99 -7.39
N LEU D 161 -4.80 -20.56 -7.49
CA LEU D 161 -5.97 -21.42 -7.21
C LEU D 161 -6.03 -22.68 -8.08
N LYS D 162 -5.86 -22.52 -9.40
CA LYS D 162 -5.89 -23.65 -10.33
C LYS D 162 -4.86 -24.72 -9.97
N ASP D 163 -3.65 -24.27 -9.62
CA ASP D 163 -2.56 -25.16 -9.18
C ASP D 163 -2.87 -25.73 -7.79
N ALA D 164 -3.42 -24.88 -6.92
CA ALA D 164 -3.91 -25.33 -5.62
C ALA D 164 -4.90 -26.49 -5.76
N ILE D 165 -5.86 -26.34 -6.68
CA ILE D 165 -6.82 -27.40 -6.98
C ILE D 165 -6.09 -28.63 -7.54
N ASN D 166 -5.12 -28.41 -8.42
CA ASN D 166 -4.29 -29.50 -8.97
C ASN D 166 -3.55 -30.28 -7.88
N GLU D 167 -2.91 -29.56 -6.96
CA GLU D 167 -2.09 -30.20 -5.93
C GLU D 167 -2.93 -30.80 -4.81
N ALA D 168 -4.11 -30.23 -4.58
CA ALA D 168 -5.12 -30.84 -3.72
C ALA D 168 -5.57 -32.19 -4.29
N LEU D 169 -5.87 -32.20 -5.59
CA LEU D 169 -6.24 -33.44 -6.30
C LEU D 169 -5.08 -34.45 -6.30
N ARG D 170 -3.86 -33.97 -6.45
CA ARG D 170 -2.66 -34.82 -6.38
C ARG D 170 -2.52 -35.52 -5.02
N ASP D 171 -2.76 -34.77 -3.94
CA ASP D 171 -2.72 -35.30 -2.57
C ASP D 171 -3.79 -36.37 -2.38
N TRP D 172 -5.02 -36.05 -2.77
CA TRP D 172 -6.17 -36.89 -2.49
C TRP D 172 -6.07 -38.29 -3.11
N VAL D 173 -5.41 -38.40 -4.27
CA VAL D 173 -5.18 -39.71 -4.91
C VAL D 173 -4.48 -40.68 -3.96
N ALA D 174 -3.46 -40.19 -3.24
CA ALA D 174 -2.70 -41.03 -2.30
C ALA D 174 -3.43 -41.25 -0.97
N THR D 175 -4.18 -40.25 -0.51
CA THR D 175 -4.64 -40.21 0.88
C THR D 175 -6.14 -40.41 1.08
N PHE D 176 -6.89 -40.57 -0.01
CA PHE D 176 -8.37 -40.61 0.05
C PHE D 176 -8.96 -41.57 1.09
N GLU D 177 -8.22 -42.64 1.43
CA GLU D 177 -8.65 -43.60 2.46
C GLU D 177 -8.99 -42.95 3.80
N TYR D 178 -8.18 -41.97 4.19
CA TYR D 178 -8.36 -41.23 5.45
C TYR D 178 -8.60 -39.72 5.26
N THR D 179 -8.51 -39.23 4.03
CA THR D 179 -8.57 -37.81 3.72
C THR D 179 -9.75 -37.50 2.80
N HIS D 180 -10.56 -36.52 3.18
CA HIS D 180 -11.59 -35.99 2.31
C HIS D 180 -11.09 -34.69 1.68
N TYR D 181 -11.26 -34.56 0.36
CA TYR D 181 -10.94 -33.30 -0.32
C TYR D 181 -12.18 -32.41 -0.28
N LEU D 182 -12.08 -31.31 0.47
CA LEU D 182 -13.21 -30.40 0.65
C LEU D 182 -13.14 -29.24 -0.36
N ILE D 183 -13.81 -29.41 -1.48
CA ILE D 183 -13.87 -28.38 -2.52
C ILE D 183 -14.81 -27.27 -2.04
N GLY D 184 -14.42 -26.02 -2.34
CA GLY D 184 -15.08 -24.84 -1.78
C GLY D 184 -16.04 -24.08 -2.68
N SER D 185 -16.26 -24.59 -3.88
CA SER D 185 -17.28 -24.03 -4.77
C SER D 185 -17.97 -25.12 -5.60
N VAL D 186 -18.99 -24.73 -6.34
CA VAL D 186 -19.78 -25.67 -7.14
C VAL D 186 -19.05 -26.09 -8.44
N VAL D 187 -17.82 -26.57 -8.27
CA VAL D 187 -16.90 -26.81 -9.37
C VAL D 187 -16.24 -28.16 -9.15
N GLY D 188 -15.41 -28.59 -10.09
CA GLY D 188 -14.74 -29.87 -10.00
C GLY D 188 -15.60 -30.99 -10.55
N PRO D 189 -15.14 -32.24 -10.40
CA PRO D 189 -15.92 -33.38 -10.90
C PRO D 189 -17.13 -33.68 -10.02
N HIS D 190 -18.12 -34.34 -10.61
CA HIS D 190 -19.23 -34.90 -9.85
C HIS D 190 -18.65 -35.80 -8.74
N PRO D 191 -19.18 -35.74 -7.52
CA PRO D 191 -20.45 -35.09 -7.19
C PRO D 191 -20.33 -33.72 -6.52
N TYR D 192 -19.20 -33.03 -6.70
CA TYR D 192 -18.94 -31.79 -5.97
C TYR D 192 -19.88 -30.64 -6.32
N PRO D 193 -20.14 -30.39 -7.62
CA PRO D 193 -21.12 -29.34 -7.95
C PRO D 193 -22.49 -29.51 -7.30
N THR D 194 -22.99 -30.74 -7.27
CA THR D 194 -24.26 -31.05 -6.61
C THR D 194 -24.18 -30.94 -5.07
N ILE D 195 -23.14 -31.52 -4.47
CA ILE D 195 -23.00 -31.53 -3.01
C ILE D 195 -22.86 -30.11 -2.44
N VAL D 196 -22.03 -29.29 -3.08
CA VAL D 196 -21.81 -27.92 -2.62
C VAL D 196 -23.08 -27.09 -2.77
N ARG D 197 -23.77 -27.25 -3.89
CA ARG D 197 -25.05 -26.57 -4.11
C ARG D 197 -26.09 -26.99 -3.06
N ASP D 198 -26.16 -28.28 -2.77
CA ASP D 198 -27.10 -28.79 -1.75
C ASP D 198 -26.82 -28.22 -0.36
N PHE D 199 -25.55 -28.12 0.02
CA PHE D 199 -25.18 -27.54 1.31
C PHE D 199 -25.31 -26.01 1.38
N GLN D 200 -25.43 -25.35 0.22
CA GLN D 200 -25.64 -23.90 0.19
C GLN D 200 -27.10 -23.50 -0.02
N SER D 201 -27.94 -24.44 -0.42
CA SER D 201 -29.34 -24.14 -0.73
C SER D 201 -30.18 -23.72 0.49
N VAL D 202 -29.68 -23.99 1.70
CA VAL D 202 -30.25 -23.43 2.91
C VAL D 202 -30.39 -21.90 2.85
N ILE D 203 -29.45 -21.23 2.20
CA ILE D 203 -29.52 -19.77 2.02
C ILE D 203 -30.83 -19.37 1.34
N GLY D 204 -31.14 -20.05 0.23
CA GLY D 204 -32.36 -19.76 -0.54
C GLY D 204 -33.64 -20.13 0.18
N ARG D 205 -33.64 -21.26 0.88
CA ARG D 205 -34.83 -21.71 1.62
C ARG D 205 -35.16 -20.71 2.73
N GLU D 206 -34.14 -20.28 3.46
CA GLU D 206 -34.32 -19.23 4.47
C GLU D 206 -34.84 -17.95 3.81
N ALA D 207 -34.17 -17.51 2.76
CA ALA D 207 -34.49 -16.24 2.10
C ALA D 207 -35.92 -16.21 1.57
N LYS D 208 -36.39 -17.34 1.02
CA LYS D 208 -37.77 -17.46 0.55
C LYS D 208 -38.76 -17.25 1.69
N ALA D 209 -38.56 -17.97 2.80
CA ALA D 209 -39.46 -17.86 3.94
C ALA D 209 -39.41 -16.47 4.57
N GLN D 210 -38.21 -15.89 4.59
CA GLN D 210 -38.00 -14.55 5.16
C GLN D 210 -38.68 -13.45 4.33
N ILE D 211 -38.55 -13.52 3.01
CA ILE D 211 -39.17 -12.51 2.15
C ILE D 211 -40.70 -12.68 2.10
N LEU D 212 -41.17 -13.92 2.22
CA LEU D 212 -42.62 -14.19 2.32
C LEU D 212 -43.19 -13.64 3.63
N GLU D 213 -42.43 -13.78 4.70
CA GLU D 213 -42.79 -13.24 6.01
C GLU D 213 -42.74 -11.70 6.00
N ALA D 214 -41.66 -11.13 5.45
CA ALA D 214 -41.49 -9.68 5.41
C ALA D 214 -42.46 -8.98 4.46
N GLU D 215 -42.62 -9.50 3.23
CA GLU D 215 -43.32 -8.78 2.15
C GLU D 215 -44.59 -9.46 1.62
N GLY D 216 -44.90 -10.68 2.05
CA GLY D 216 -46.07 -11.41 1.55
C GLY D 216 -45.98 -11.91 0.10
N GLN D 217 -44.79 -11.88 -0.49
CA GLN D 217 -44.61 -12.33 -1.87
C GLN D 217 -43.15 -12.65 -2.16
N LEU D 218 -42.94 -13.33 -3.28
CA LEU D 218 -41.60 -13.70 -3.73
C LEU D 218 -40.89 -12.48 -4.31
N PRO D 219 -39.55 -12.50 -4.34
CA PRO D 219 -38.83 -11.38 -4.91
C PRO D 219 -38.94 -11.32 -6.43
N ASP D 220 -38.79 -10.13 -6.99
CA ASP D 220 -38.78 -9.97 -8.42
C ASP D 220 -37.44 -10.37 -9.03
N VAL D 221 -36.35 -10.07 -8.33
CA VAL D 221 -35.01 -10.43 -8.78
C VAL D 221 -34.16 -10.91 -7.60
N ILE D 222 -33.33 -11.92 -7.87
CA ILE D 222 -32.29 -12.33 -6.92
C ILE D 222 -30.93 -12.12 -7.59
N VAL D 223 -30.02 -11.44 -6.89
CA VAL D 223 -28.72 -11.07 -7.44
C VAL D 223 -27.62 -11.66 -6.55
N ALA D 224 -26.67 -12.36 -7.16
CA ALA D 224 -25.56 -12.91 -6.41
C ALA D 224 -24.29 -12.88 -7.26
N CYS D 225 -23.15 -12.59 -6.63
CA CYS D 225 -21.87 -12.69 -7.32
C CYS D 225 -21.56 -14.15 -7.61
N VAL D 226 -20.79 -14.37 -8.68
CA VAL D 226 -20.42 -15.71 -9.13
C VAL D 226 -18.89 -15.72 -9.29
N GLY D 227 -18.21 -16.48 -8.43
CA GLY D 227 -16.84 -16.89 -8.66
C GLY D 227 -16.89 -18.24 -9.34
N GLY D 228 -16.89 -19.29 -8.53
CA GLY D 228 -17.23 -20.63 -8.99
C GLY D 228 -18.73 -20.83 -9.04
N GLY D 229 -19.45 -20.20 -8.12
CA GLY D 229 -20.93 -20.17 -8.16
C GLY D 229 -21.74 -20.68 -6.97
N SER D 230 -21.07 -21.01 -5.85
CA SER D 230 -21.76 -21.64 -4.71
C SER D 230 -22.76 -20.76 -3.97
N ASN D 231 -22.37 -19.52 -3.64
CA ASN D 231 -23.31 -18.64 -2.94
C ASN D 231 -24.50 -18.33 -3.86
N ALA D 232 -24.22 -18.17 -5.16
CA ALA D 232 -25.28 -17.89 -6.14
C ALA D 232 -26.19 -19.10 -6.31
N MET D 233 -25.64 -20.30 -6.47
CA MET D 233 -26.48 -21.51 -6.52
C MET D 233 -27.27 -21.69 -5.22
N GLY D 234 -26.63 -21.40 -4.09
CA GLY D 234 -27.27 -21.52 -2.79
C GLY D 234 -28.59 -20.75 -2.71
N ILE D 235 -28.54 -19.48 -3.10
CA ILE D 235 -29.71 -18.62 -3.02
C ILE D 235 -30.65 -18.82 -4.22
N PHE D 236 -30.11 -19.11 -5.41
CA PHE D 236 -30.93 -19.41 -6.61
C PHE D 236 -31.78 -20.66 -6.48
N TYR D 237 -31.20 -21.77 -6.01
CA TYR D 237 -31.75 -23.11 -6.27
C TYR D 237 -33.21 -23.31 -5.81
N PRO D 238 -33.59 -22.79 -4.63
CA PRO D 238 -34.99 -22.94 -4.21
C PRO D 238 -36.01 -22.06 -4.96
N PHE D 239 -35.52 -21.11 -5.76
CA PHE D 239 -36.39 -20.28 -6.60
C PHE D 239 -36.43 -20.71 -8.07
N VAL D 240 -35.72 -21.77 -8.44
CA VAL D 240 -35.64 -22.19 -9.84
C VAL D 240 -37.03 -22.46 -10.44
N ASN D 241 -37.88 -23.15 -9.69
CA ASN D 241 -39.24 -23.49 -10.15
C ASN D 241 -40.28 -22.39 -9.85
N ASP D 242 -39.84 -21.28 -9.26
CA ASP D 242 -40.67 -20.09 -9.15
C ASP D 242 -40.42 -19.22 -10.38
N LYS D 243 -41.26 -19.39 -11.40
CA LYS D 243 -41.00 -18.89 -12.75
C LYS D 243 -40.91 -17.35 -12.85
N LYS D 244 -41.66 -16.66 -11.99
CA LYS D 244 -41.64 -15.19 -11.97
C LYS D 244 -40.36 -14.58 -11.36
N VAL D 245 -39.58 -15.38 -10.64
CA VAL D 245 -38.39 -14.87 -9.97
C VAL D 245 -37.21 -14.84 -10.94
N LYS D 246 -36.75 -13.63 -11.25
CA LYS D 246 -35.58 -13.43 -12.11
C LYS D 246 -34.31 -13.75 -11.32
N LEU D 247 -33.36 -14.41 -11.97
CA LEU D 247 -32.08 -14.77 -11.33
C LEU D 247 -30.90 -14.16 -12.09
N VAL D 248 -30.07 -13.40 -11.39
CA VAL D 248 -28.97 -12.66 -12.01
C VAL D 248 -27.66 -12.97 -11.29
N GLY D 249 -26.74 -13.62 -12.00
CA GLY D 249 -25.40 -13.90 -11.50
C GLY D 249 -24.45 -12.81 -11.95
N VAL D 250 -23.61 -12.31 -11.04
CA VAL D 250 -22.72 -11.21 -11.33
C VAL D 250 -21.27 -11.69 -11.27
N GLU D 251 -20.62 -11.74 -12.43
CA GLU D 251 -19.23 -12.17 -12.52
C GLU D 251 -18.28 -10.99 -12.37
N ALA D 252 -17.01 -11.29 -12.08
CA ALA D 252 -15.98 -10.27 -11.95
C ALA D 252 -15.55 -9.76 -13.33
N GLY D 253 -15.91 -8.52 -13.64
CA GLY D 253 -15.51 -7.84 -14.87
C GLY D 253 -14.11 -7.25 -14.80
N GLY D 254 -13.50 -7.24 -13.62
CA GLY D 254 -12.09 -6.89 -13.47
C GLY D 254 -11.79 -5.47 -13.92
N LYS D 255 -10.82 -5.34 -14.81
CA LYS D 255 -10.47 -4.04 -15.39
C LYS D 255 -11.30 -3.71 -16.65
N GLY D 256 -12.32 -4.51 -16.92
CA GLY D 256 -13.19 -4.32 -18.10
C GLY D 256 -13.23 -5.60 -18.92
N LEU D 257 -14.37 -5.87 -19.55
CA LEU D 257 -14.52 -7.06 -20.38
C LEU D 257 -13.67 -7.02 -21.66
N GLU D 258 -13.45 -5.82 -22.19
CA GLU D 258 -12.57 -5.64 -23.36
C GLU D 258 -11.07 -5.74 -23.00
N SER D 259 -10.74 -5.58 -21.72
CA SER D 259 -9.34 -5.57 -21.27
C SER D 259 -8.69 -6.95 -21.20
N GLY D 260 -9.49 -8.01 -21.17
CA GLY D 260 -8.97 -9.37 -20.99
C GLY D 260 -8.42 -9.66 -19.59
N LYS D 261 -8.71 -8.79 -18.63
CA LYS D 261 -8.23 -8.92 -17.26
C LYS D 261 -9.46 -8.99 -16.36
N HIS D 262 -10.07 -10.16 -16.31
CA HIS D 262 -11.34 -10.38 -15.60
C HIS D 262 -11.52 -11.88 -15.32
N SER D 263 -12.66 -12.25 -14.73
CA SER D 263 -12.95 -13.66 -14.44
C SER D 263 -14.34 -14.10 -14.95
N ALA D 264 -14.93 -13.31 -15.83
CA ALA D 264 -16.25 -13.56 -16.38
C ALA D 264 -16.30 -14.71 -17.40
N SER D 265 -16.27 -15.94 -16.88
CA SER D 265 -16.23 -17.15 -17.71
C SER D 265 -17.50 -17.34 -18.54
N LEU D 266 -18.65 -17.15 -17.91
CA LEU D 266 -19.93 -17.24 -18.62
C LEU D 266 -20.09 -16.17 -19.71
N ASN D 267 -19.52 -14.99 -19.48
CA ASN D 267 -19.66 -13.87 -20.41
C ASN D 267 -18.72 -13.97 -21.61
N ALA D 268 -17.46 -14.31 -21.37
CA ALA D 268 -16.42 -14.28 -22.40
C ALA D 268 -15.57 -15.56 -22.51
N GLY D 269 -15.97 -16.63 -21.82
CA GLY D 269 -15.22 -17.88 -21.85
C GLY D 269 -15.71 -18.81 -22.94
N GLN D 270 -15.00 -19.92 -23.09
CA GLN D 270 -15.33 -20.96 -24.07
C GLN D 270 -15.66 -22.26 -23.33
N VAL D 271 -16.47 -23.10 -23.95
CA VAL D 271 -16.79 -24.41 -23.40
C VAL D 271 -15.54 -25.29 -23.49
N GLY D 272 -15.18 -25.92 -22.37
CA GLY D 272 -13.95 -26.69 -22.28
C GLY D 272 -13.94 -27.59 -21.07
N VAL D 273 -12.97 -28.50 -21.01
CA VAL D 273 -12.82 -29.41 -19.89
C VAL D 273 -11.61 -29.00 -19.06
N SER D 274 -11.83 -28.79 -17.77
CA SER D 274 -10.74 -28.53 -16.82
C SER D 274 -11.21 -28.79 -15.40
N HIS D 275 -10.29 -29.21 -14.54
CA HIS D 275 -10.60 -29.55 -13.14
C HIS D 275 -11.76 -30.55 -13.02
N GLY D 276 -11.79 -31.54 -13.92
CA GLY D 276 -12.79 -32.59 -13.87
C GLY D 276 -14.19 -32.25 -14.35
N MET D 277 -14.39 -31.07 -14.94
CA MET D 277 -15.73 -30.63 -15.37
C MET D 277 -15.72 -30.04 -16.79
N LEU D 278 -16.83 -30.22 -17.49
CA LEU D 278 -17.09 -29.52 -18.74
C LEU D 278 -17.92 -28.28 -18.40
N SER D 279 -17.34 -27.11 -18.64
CA SER D 279 -18.00 -25.84 -18.31
C SER D 279 -17.35 -24.73 -19.13
N TYR D 280 -17.67 -23.48 -18.78
CA TYR D 280 -17.03 -22.33 -19.41
C TYR D 280 -15.73 -21.97 -18.70
N PHE D 281 -14.67 -21.77 -19.49
CA PHE D 281 -13.37 -21.32 -18.99
C PHE D 281 -12.81 -20.23 -19.91
N LEU D 282 -12.12 -19.27 -19.33
CA LEU D 282 -11.42 -18.26 -20.11
C LEU D 282 -10.22 -18.94 -20.76
N GLN D 283 -10.09 -18.78 -22.07
CA GLN D 283 -9.04 -19.48 -22.82
C GLN D 283 -8.27 -18.53 -23.73
N ASP D 284 -6.99 -18.84 -23.93
CA ASP D 284 -6.10 -18.04 -24.77
C ASP D 284 -6.31 -18.35 -26.25
N GLU D 285 -5.52 -17.71 -27.11
CA GLU D 285 -5.59 -17.94 -28.56
C GLU D 285 -5.34 -19.39 -28.97
N GLU D 286 -4.54 -20.13 -28.20
CA GLU D 286 -4.26 -21.55 -28.47
C GLU D 286 -5.22 -22.53 -27.77
N GLY D 287 -6.24 -22.02 -27.07
CA GLY D 287 -7.24 -22.87 -26.43
C GLY D 287 -6.92 -23.36 -25.03
N GLN D 288 -5.76 -22.98 -24.49
CA GLN D 288 -5.41 -23.28 -23.10
C GLN D 288 -6.06 -22.23 -22.19
N ILE D 289 -6.34 -22.59 -20.94
CA ILE D 289 -7.06 -21.68 -20.05
C ILE D 289 -6.13 -20.54 -19.60
N LYS D 290 -6.64 -19.32 -19.61
CA LYS D 290 -5.83 -18.15 -19.33
C LYS D 290 -6.11 -17.60 -17.93
N PRO D 291 -5.07 -17.02 -17.27
CA PRO D 291 -5.24 -16.59 -15.90
C PRO D 291 -6.28 -15.49 -15.78
N SER D 292 -7.09 -15.58 -14.72
CA SER D 292 -8.17 -14.65 -14.50
C SER D 292 -7.67 -13.49 -13.64
N HIS D 293 -8.54 -12.49 -13.44
CA HIS D 293 -8.27 -11.43 -12.48
C HIS D 293 -9.55 -10.88 -11.87
N SER D 294 -9.45 -10.48 -10.62
CA SER D 294 -10.46 -9.66 -9.96
C SER D 294 -9.84 -9.06 -8.71
N ILE D 295 -10.26 -7.85 -8.39
CA ILE D 295 -9.91 -7.23 -7.11
C ILE D 295 -10.46 -8.06 -5.93
N ALA D 296 -11.60 -8.73 -6.14
CA ALA D 296 -12.15 -9.66 -5.17
C ALA D 296 -11.52 -11.04 -5.37
N PRO D 297 -10.65 -11.48 -4.44
CA PRO D 297 -9.88 -12.70 -4.77
C PRO D 297 -10.74 -13.96 -4.84
N GLY D 298 -11.90 -13.94 -4.20
CA GLY D 298 -12.85 -15.03 -4.29
C GLY D 298 -13.52 -15.21 -5.64
N LEU D 299 -13.53 -14.18 -6.48
CA LEU D 299 -14.05 -14.27 -7.84
C LEU D 299 -12.95 -14.53 -8.88
N ASP D 300 -11.71 -14.63 -8.43
CA ASP D 300 -10.55 -14.77 -9.33
C ASP D 300 -10.34 -16.24 -9.67
N TYR D 301 -11.18 -16.73 -10.59
CA TYR D 301 -11.12 -18.12 -11.07
C TYR D 301 -11.40 -18.09 -12.57
N PRO D 302 -10.61 -18.80 -13.39
CA PRO D 302 -10.87 -18.78 -14.84
C PRO D 302 -12.17 -19.47 -15.28
N GLY D 303 -12.71 -20.33 -14.43
CA GLY D 303 -13.87 -21.14 -14.77
C GLY D 303 -15.14 -20.74 -14.05
N VAL D 304 -16.10 -21.65 -14.05
CA VAL D 304 -17.39 -21.44 -13.40
C VAL D 304 -18.06 -22.80 -13.27
N GLY D 305 -18.92 -22.93 -12.26
CA GLY D 305 -19.63 -24.18 -12.01
C GLY D 305 -20.54 -24.56 -13.16
N PRO D 306 -20.67 -25.87 -13.44
CA PRO D 306 -21.45 -26.30 -14.61
C PRO D 306 -22.94 -26.04 -14.49
N GLU D 307 -23.48 -25.96 -13.28
CA GLU D 307 -24.91 -25.70 -13.11
C GLU D 307 -25.30 -24.26 -13.53
N HIS D 308 -24.38 -23.31 -13.41
CA HIS D 308 -24.62 -21.96 -13.93
C HIS D 308 -24.55 -21.89 -15.45
N ALA D 309 -23.59 -22.60 -16.04
CA ALA D 309 -23.53 -22.76 -17.49
C ALA D 309 -24.87 -23.28 -18.01
N TYR D 310 -25.43 -24.25 -17.30
CA TYR D 310 -26.73 -24.83 -17.63
C TYR D 310 -27.86 -23.80 -17.50
N LEU D 311 -27.93 -23.12 -16.36
CA LEU D 311 -28.96 -22.10 -16.15
C LEU D 311 -28.84 -20.99 -17.20
N LYS D 312 -27.62 -20.65 -17.60
CA LYS D 312 -27.39 -19.70 -18.69
C LYS D 312 -27.94 -20.21 -20.01
N LYS D 313 -27.62 -21.46 -20.33
CA LYS D 313 -28.04 -22.09 -21.60
C LYS D 313 -29.56 -22.11 -21.76
N ILE D 314 -30.28 -22.61 -20.76
CA ILE D 314 -31.75 -22.66 -20.81
C ILE D 314 -32.42 -21.31 -20.52
N GLN D 315 -31.61 -20.28 -20.28
CA GLN D 315 -32.07 -18.91 -20.03
C GLN D 315 -32.96 -18.79 -18.79
N ARG D 316 -32.67 -19.61 -17.78
CA ARG D 316 -33.35 -19.49 -16.49
C ARG D 316 -32.71 -18.38 -15.66
N ALA D 317 -31.40 -18.22 -15.82
CA ALA D 317 -30.64 -17.19 -15.12
C ALA D 317 -29.90 -16.31 -16.13
N GLU D 318 -29.80 -15.01 -15.82
CA GLU D 318 -29.03 -14.06 -16.61
C GLU D 318 -27.68 -13.83 -15.93
N TYR D 319 -26.63 -13.59 -16.73
CA TYR D 319 -25.29 -13.36 -16.18
C TYR D 319 -24.68 -12.08 -16.73
N VAL D 320 -24.15 -11.28 -15.81
CA VAL D 320 -23.65 -9.94 -16.10
C VAL D 320 -22.26 -9.80 -15.46
N ALA D 321 -21.65 -8.65 -15.66
CA ALA D 321 -20.36 -8.36 -15.07
C ALA D 321 -20.30 -6.96 -14.48
N VAL D 322 -19.50 -6.84 -13.43
CA VAL D 322 -19.26 -5.59 -12.71
C VAL D 322 -17.73 -5.44 -12.58
N THR D 323 -17.23 -4.23 -12.81
CA THR D 323 -15.78 -4.00 -12.81
C THR D 323 -15.24 -3.91 -11.38
N ASP D 324 -13.91 -3.93 -11.26
CA ASP D 324 -13.23 -3.68 -9.99
C ASP D 324 -13.70 -2.36 -9.38
N GLU D 325 -13.70 -1.31 -10.22
CA GLU D 325 -14.03 0.05 -9.77
C GLU D 325 -15.47 0.18 -9.28
N GLU D 326 -16.40 -0.46 -10.00
CA GLU D 326 -17.80 -0.48 -9.57
C GLU D 326 -17.97 -1.23 -8.24
N ALA D 327 -17.26 -2.35 -8.08
CA ALA D 327 -17.31 -3.12 -6.85
C ALA D 327 -16.78 -2.30 -5.67
N LEU D 328 -15.68 -1.59 -5.90
CA LEU D 328 -15.12 -0.70 -4.89
C LEU D 328 -16.10 0.39 -4.48
N LYS D 329 -16.75 1.02 -5.45
CA LYS D 329 -17.75 2.05 -5.15
C LYS D 329 -18.89 1.50 -4.30
N ALA D 330 -19.33 0.28 -4.59
CA ALA D 330 -20.42 -0.35 -3.83
C ALA D 330 -20.01 -0.75 -2.41
N PHE D 331 -18.75 -1.18 -2.27
CA PHE D 331 -18.13 -1.50 -1.00
C PHE D 331 -18.20 -0.30 -0.04
N HIS D 332 -17.76 0.86 -0.52
CA HIS D 332 -17.82 2.10 0.27
C HIS D 332 -19.26 2.57 0.50
N GLU D 333 -20.09 2.47 -0.53
CA GLU D 333 -21.47 2.94 -0.47
C GLU D 333 -22.29 2.20 0.59
N LEU D 334 -22.19 0.88 0.61
CA LEU D 334 -22.91 0.06 1.59
C LEU D 334 -22.41 0.31 3.02
N SER D 335 -21.09 0.46 3.17
CA SER D 335 -20.50 0.80 4.45
C SER D 335 -21.08 2.10 5.00
N ARG D 336 -21.08 3.15 4.17
CA ARG D 336 -21.52 4.48 4.58
C ARG D 336 -23.04 4.58 4.74
N THR D 337 -23.78 3.87 3.89
CA THR D 337 -25.25 4.01 3.82
C THR D 337 -26.00 3.08 4.77
N GLU D 338 -25.45 1.89 5.00
CA GLU D 338 -26.12 0.89 5.83
C GLU D 338 -25.30 0.39 7.03
N GLY D 339 -24.04 0.83 7.15
CA GLY D 339 -23.19 0.38 8.24
C GLY D 339 -22.84 -1.10 8.17
N ILE D 340 -22.78 -1.64 6.96
CA ILE D 340 -22.36 -3.01 6.72
C ILE D 340 -21.17 -2.95 5.76
N ILE D 341 -20.02 -3.46 6.19
CA ILE D 341 -18.85 -3.56 5.33
C ILE D 341 -18.91 -4.91 4.61
N PRO D 342 -19.15 -4.91 3.28
CA PRO D 342 -19.28 -6.18 2.58
C PRO D 342 -17.94 -6.71 2.11
N ALA D 343 -17.88 -8.00 1.81
CA ALA D 343 -16.73 -8.56 1.10
C ALA D 343 -16.69 -7.95 -0.30
N LEU D 344 -15.48 -7.81 -0.86
CA LEU D 344 -15.33 -7.29 -2.21
C LEU D 344 -16.06 -8.16 -3.23
N GLU D 345 -16.16 -9.46 -2.94
CA GLU D 345 -16.92 -10.38 -3.79
C GLU D 345 -18.39 -9.95 -3.77
N SER D 346 -18.96 -9.84 -2.58
CA SER D 346 -20.36 -9.46 -2.41
C SER D 346 -20.65 -8.05 -2.94
N ALA D 347 -19.65 -7.18 -2.86
CA ALA D 347 -19.74 -5.82 -3.41
C ALA D 347 -20.06 -5.77 -4.91
N HIS D 348 -19.68 -6.82 -5.65
CA HIS D 348 -20.05 -6.94 -7.07
C HIS D 348 -21.56 -7.08 -7.20
N ALA D 349 -22.16 -7.91 -6.36
CA ALA D 349 -23.61 -8.13 -6.37
C ALA D 349 -24.35 -6.87 -5.96
N VAL D 350 -23.85 -6.21 -4.92
CA VAL D 350 -24.40 -4.95 -4.45
C VAL D 350 -24.28 -3.91 -5.57
N ALA D 351 -23.11 -3.83 -6.20
CA ALA D 351 -22.91 -2.91 -7.33
C ALA D 351 -23.95 -3.09 -8.42
N TYR D 352 -24.14 -4.31 -8.91
CA TYR D 352 -25.12 -4.55 -9.95
C TYR D 352 -26.57 -4.31 -9.49
N ALA D 353 -26.88 -4.67 -8.25
CA ALA D 353 -28.23 -4.44 -7.70
C ALA D 353 -28.59 -2.95 -7.65
N MET D 354 -27.58 -2.11 -7.41
CA MET D 354 -27.79 -0.64 -7.42
C MET D 354 -28.15 -0.11 -8.81
N LYS D 355 -27.44 -0.58 -9.84
CA LYS D 355 -27.78 -0.26 -11.22
C LYS D 355 -29.17 -0.74 -11.60
N LEU D 356 -29.49 -1.98 -11.21
CA LEU D 356 -30.77 -2.60 -11.54
C LEU D 356 -31.95 -1.96 -10.81
N ALA D 357 -31.75 -1.63 -9.54
CA ALA D 357 -32.80 -1.01 -8.71
C ALA D 357 -33.28 0.31 -9.29
N LYS D 358 -32.36 1.11 -9.82
CA LYS D 358 -32.68 2.40 -10.43
C LYS D 358 -33.64 2.28 -11.62
N GLU D 359 -33.56 1.16 -12.33
CA GLU D 359 -34.41 0.91 -13.50
C GLU D 359 -35.76 0.25 -13.15
N MET D 360 -35.98 -0.06 -11.87
CA MET D 360 -37.22 -0.70 -11.41
C MET D 360 -38.01 0.21 -10.48
N SER D 361 -39.27 -0.15 -10.23
CA SER D 361 -40.16 0.68 -9.41
C SER D 361 -39.95 0.42 -7.92
N ARG D 362 -40.40 1.38 -7.11
CA ARG D 362 -40.28 1.30 -5.65
C ARG D 362 -40.91 0.06 -5.01
N ASP D 363 -41.94 -0.49 -5.66
CA ASP D 363 -42.66 -1.64 -5.12
C ASP D 363 -42.18 -3.02 -5.60
N GLU D 364 -41.11 -3.04 -6.39
CA GLU D 364 -40.46 -4.30 -6.74
C GLU D 364 -39.35 -4.61 -5.73
N ILE D 365 -38.99 -5.88 -5.68
CA ILE D 365 -38.10 -6.41 -4.64
C ILE D 365 -36.88 -7.07 -5.28
N ILE D 366 -35.69 -6.62 -4.87
CA ILE D 366 -34.44 -7.28 -5.21
C ILE D 366 -33.86 -7.88 -3.94
N ILE D 367 -33.54 -9.18 -3.98
CA ILE D 367 -32.75 -9.81 -2.91
C ILE D 367 -31.32 -9.98 -3.40
N VAL D 368 -30.39 -9.31 -2.71
CA VAL D 368 -28.95 -9.47 -2.95
C VAL D 368 -28.40 -10.46 -1.93
N ASN D 369 -27.65 -11.44 -2.40
CA ASN D 369 -26.92 -12.33 -1.49
C ASN D 369 -25.64 -11.63 -1.03
N LEU D 370 -25.63 -11.19 0.22
CA LEU D 370 -24.43 -10.57 0.79
C LEU D 370 -23.55 -11.69 1.32
N SER D 371 -22.77 -12.27 0.42
CA SER D 371 -22.09 -13.54 0.66
C SER D 371 -21.06 -13.49 1.81
N GLY D 372 -20.51 -12.31 2.08
CA GLY D 372 -19.56 -12.16 3.19
C GLY D 372 -19.32 -10.75 3.67
N ARG D 373 -18.53 -10.64 4.74
CA ARG D 373 -18.13 -9.34 5.31
CA ARG D 373 -18.13 -9.35 5.32
C ARG D 373 -16.73 -8.96 4.82
N GLY D 374 -16.43 -7.67 4.89
CA GLY D 374 -15.23 -7.11 4.27
C GLY D 374 -14.01 -6.90 5.16
N ASP D 375 -14.01 -7.45 6.37
CA ASP D 375 -12.85 -7.34 7.27
C ASP D 375 -11.55 -7.84 6.62
N LYS D 376 -11.66 -8.94 5.87
CA LYS D 376 -10.53 -9.52 5.14
C LYS D 376 -9.95 -8.63 4.02
N ASP D 377 -10.74 -7.69 3.51
CA ASP D 377 -10.38 -6.90 2.33
C ASP D 377 -9.89 -5.48 2.65
N LEU D 378 -9.71 -5.19 3.95
CA LEU D 378 -9.38 -3.84 4.37
C LEU D 378 -8.05 -3.37 3.81
N ASP D 379 -7.07 -4.27 3.77
CA ASP D 379 -5.77 -3.98 3.14
C ASP D 379 -5.92 -3.67 1.66
N ILE D 380 -6.68 -4.50 0.95
CA ILE D 380 -6.92 -4.30 -0.48
C ILE D 380 -7.59 -2.95 -0.77
N VAL D 381 -8.58 -2.59 0.04
CA VAL D 381 -9.36 -1.37 -0.17
C VAL D 381 -8.54 -0.11 0.13
N LEU D 382 -7.81 -0.13 1.25
CA LEU D 382 -6.94 0.99 1.62
C LEU D 382 -5.88 1.27 0.56
N LYS D 383 -5.23 0.22 0.05
CA LYS D 383 -4.17 0.36 -0.96
C LYS D 383 -4.71 0.82 -2.32
N ALA D 384 -5.98 0.53 -2.60
CA ALA D 384 -6.64 1.01 -3.81
C ALA D 384 -6.97 2.49 -3.67
N TRP E . 25.73 0.79 -26.04
CA TRP E . 24.68 1.39 -25.15
C TRP E . 24.77 0.96 -23.68
O TRP E . 25.37 -0.05 -23.36
CB TRP E . 23.29 1.07 -25.67
CG TRP E . 23.06 -0.34 -26.02
CD1 TRP E . 22.97 -1.39 -25.16
CD2 TRP E . 22.86 -0.87 -27.33
NE1 TRP E . 22.74 -2.55 -25.86
CE2 TRP E . 22.67 -2.26 -27.19
CE3 TRP E . 22.84 -0.30 -28.61
CZ2 TRP E . 22.44 -3.09 -28.29
CZ3 TRP E . 22.62 -1.14 -29.70
CH2 TRP E . 22.43 -2.52 -29.53
OXT TRP E . 24.21 1.62 -22.80
NA NA F . 23.47 1.80 -35.77
N TRP G . 29.75 38.16 11.38
CA TRP G . 29.62 38.42 9.91
C TRP G . 30.20 37.25 9.09
O TRP G . 29.58 36.18 9.03
CB TRP G . 30.26 39.76 9.53
CG TRP G . 30.10 40.18 8.09
CD1 TRP G . 31.06 40.72 7.27
CD2 TRP G . 28.92 40.08 7.28
NE1 TRP G . 30.55 40.98 6.03
CE2 TRP G . 29.23 40.60 6.00
CE3 TRP G . 27.61 39.61 7.51
CZ2 TRP G . 28.31 40.65 4.95
CZ3 TRP G . 26.68 39.68 6.48
CH2 TRP G . 27.04 40.20 5.21
OXT TRP G . 31.26 37.34 8.47
N1 PLT H . 21.73 16.70 0.35
C2 PLT H . 22.25 17.08 -0.83
C2A PLT H . 22.12 16.17 -2.02
C3 PLT H . 22.95 18.38 -0.95
O3 PLT H . 23.49 18.77 -2.14
C4 PLT H . 23.07 19.22 0.28
C4A PLT H . 23.70 20.56 0.29
C5 PLT H . 22.41 18.70 1.50
C6 PLT H . 21.80 17.45 1.47
C5A PLT H . 22.45 19.46 2.83
O4P PLT H . 21.91 20.76 2.68
P PLT H . 20.55 21.14 3.43
O1P PLT H . 19.50 20.22 2.84
O2P PLT H . 20.87 20.85 4.89
O3P PLT H . 20.35 22.60 3.12
N PLT H . 24.14 21.07 -0.78
CA PLT H . 24.67 22.43 -0.90
C PLT H . 25.34 22.61 -2.24
O PLT H . 24.99 21.89 -3.20
OXT PLT H . 26.22 23.49 -2.36
CB PLT H . 25.57 22.85 0.26
CG PLT H . 25.15 24.26 0.68
CD1 PLT H . 24.79 25.32 -0.14
NE1 PLT H . 24.48 26.42 0.60
CE2 PLT H . 24.61 26.18 1.92
CZ2 PLT H . 24.43 26.94 3.06
CH2 PLT H . 24.66 26.36 4.31
CZ3 PLT H . 25.07 25.03 4.44
CE3 PLT H . 25.27 24.23 3.31
CD2 PLT H . 25.05 24.78 2.05
NA NA I . 26.54 22.38 10.30
N1 PLT J . -15.58 -7.87 24.94
C2 PLT J . -15.41 -7.22 23.76
C2A PLT J . -15.46 -8.03 22.49
C3 PLT J . -15.18 -5.75 23.73
O3 PLT J . -15.02 -5.09 22.55
C4 PLT J . -15.13 -5.03 25.03
C4A PLT J . -14.95 -3.57 25.16
C5 PLT J . -15.36 -5.87 26.25
C6 PLT J . -15.55 -7.24 26.12
C5A PLT J . -15.34 -5.27 27.63
O4P PLT J . -16.33 -4.27 27.77
P PLT J . -17.56 -4.54 28.77
O1P PLT J . -18.26 -5.73 28.17
O2P PLT J . -18.33 -3.25 28.72
O3P PLT J . -16.91 -4.81 30.10
N PLT J . -14.79 -2.79 24.16
CA PLT J . -14.70 -1.31 24.26
C PLT J . -14.22 -0.66 22.99
O PLT J . -14.49 -1.22 21.91
OXT PLT J . -13.62 0.44 23.03
CB PLT J . -13.93 -0.82 25.49
CG PLT J . -14.68 0.34 26.13
CD1 PLT J . -15.40 1.34 25.49
NE1 PLT J . -15.93 2.22 26.39
CE2 PLT J . -15.60 1.87 27.65
CZ2 PLT J . -15.86 2.40 28.91
CH2 PLT J . -15.34 1.78 30.04
CZ3 PLT J . -14.56 0.62 29.94
CE3 PLT J . -14.28 0.04 28.70
CD2 PLT J . -14.78 0.65 27.57
NA NA K . -11.24 -1.99 35.19
N TRP L . -10.74 -18.44 -4.09
CA TRP L . -11.74 -18.35 -2.98
C TRP L . -11.26 -18.91 -1.64
O TRP L . -10.18 -19.48 -1.53
CB TRP L . -13.05 -19.04 -3.38
CG TRP L . -12.92 -20.39 -3.95
CD1 TRP L . -12.53 -21.53 -3.30
CD2 TRP L . -13.21 -20.77 -5.29
NE1 TRP L . -12.55 -22.59 -4.16
CE2 TRP L . -12.96 -22.15 -5.39
CE3 TRP L . -13.65 -20.07 -6.42
CZ2 TRP L . -13.14 -22.85 -6.58
CZ3 TRP L . -13.83 -20.77 -7.60
CH2 TRP L . -13.57 -22.15 -7.68
OXT TRP L . -11.96 -18.80 -0.62
NA NA M . -14.98 -17.25 -12.99
#